data_2LR8
#
_entry.id   2LR8
#
_entity_poly.entity_id   1
_entity_poly.type   'polypeptide(L)'
_entity_poly.pdbx_seq_one_letter_code
;SHMKNVIKKKGEIIILWTRNDDRVILLECQKRGPSSKTFAYLAAKLDKNPNQVSERFQQLMKLFEKSKCR
;
_entity_poly.pdbx_strand_id   A
#
# COMPACT_ATOMS: atom_id res chain seq x y z
N SER A 1 0.74 -11.55 -13.70
CA SER A 1 0.69 -11.41 -12.22
C SER A 1 0.67 -12.79 -11.53
N HIS A 2 1.74 -13.09 -10.75
CA HIS A 2 1.87 -14.39 -10.03
C HIS A 2 0.84 -14.53 -8.89
N MET A 3 0.46 -15.79 -8.61
CA MET A 3 -0.48 -16.12 -7.52
C MET A 3 0.18 -15.87 -6.13
N LYS A 4 -0.24 -14.75 -5.48
CA LYS A 4 0.31 -14.26 -4.18
C LYS A 4 1.77 -13.74 -4.31
N ASN A 5 2.28 -13.13 -3.22
CA ASN A 5 3.68 -12.65 -3.11
C ASN A 5 4.12 -12.56 -1.63
N VAL A 6 5.41 -12.82 -1.38
CA VAL A 6 6.01 -12.73 -0.02
C VAL A 6 7.02 -11.56 0.07
N ILE A 7 7.15 -10.77 -1.01
CA ILE A 7 8.08 -9.62 -1.09
C ILE A 7 7.37 -8.35 -0.55
N LYS A 8 7.71 -7.95 0.70
CA LYS A 8 7.06 -6.80 1.37
C LYS A 8 7.97 -6.21 2.47
N LYS A 9 8.42 -4.97 2.27
CA LYS A 9 9.09 -4.16 3.33
C LYS A 9 8.11 -3.14 3.95
N LYS A 10 8.53 -2.52 5.07
CA LYS A 10 7.74 -1.50 5.77
C LYS A 10 7.97 -0.09 5.16
N GLY A 11 6.88 0.57 4.75
CA GLY A 11 6.94 1.95 4.20
C GLY A 11 6.62 3.03 5.24
N GLU A 12 6.66 2.63 6.53
CA GLU A 12 6.24 3.48 7.67
C GLU A 12 7.01 3.14 8.95
N ILE A 13 7.11 4.13 9.86
CA ILE A 13 7.89 4.04 11.12
C ILE A 13 6.93 3.90 12.34
N ILE A 14 5.94 4.79 12.43
CA ILE A 14 4.99 4.88 13.59
C ILE A 14 3.50 4.73 13.15
N ILE A 15 3.25 4.45 11.86
CA ILE A 15 1.88 4.35 11.30
C ILE A 15 1.44 2.86 11.17
N LEU A 16 0.16 2.57 11.51
CA LEU A 16 -0.38 1.19 11.51
C LEU A 16 -0.72 0.69 10.08
N TRP A 17 0.14 -0.16 9.52
CA TRP A 17 -0.09 -0.82 8.21
C TRP A 17 0.18 -2.35 8.32
N THR A 18 -0.78 -3.17 7.87
CA THR A 18 -0.67 -4.65 7.88
C THR A 18 -0.91 -5.25 6.49
N ARG A 19 -0.60 -6.56 6.36
CA ARG A 19 -0.74 -7.34 5.09
C ARG A 19 -2.14 -7.23 4.42
N ASN A 20 -3.19 -7.10 5.24
CA ASN A 20 -4.58 -7.05 4.77
C ASN A 20 -4.90 -5.70 4.09
N ASP A 21 -4.29 -4.59 4.60
CA ASP A 21 -4.50 -3.22 4.06
C ASP A 21 -3.86 -3.04 2.66
N ASP A 22 -2.57 -3.40 2.56
CA ASP A 22 -1.78 -3.28 1.31
C ASP A 22 -2.38 -4.09 0.14
N ARG A 23 -3.04 -5.24 0.46
CA ARG A 23 -3.77 -6.03 -0.55
C ARG A 23 -4.94 -5.21 -1.17
N VAL A 24 -5.73 -4.53 -0.32
CA VAL A 24 -6.90 -3.73 -0.74
C VAL A 24 -6.44 -2.54 -1.64
N ILE A 25 -5.31 -1.91 -1.28
CA ILE A 25 -4.70 -0.82 -2.08
C ILE A 25 -4.45 -1.26 -3.54
N LEU A 26 -3.68 -2.35 -3.70
CA LEU A 26 -3.35 -2.93 -5.02
C LEU A 26 -4.60 -3.44 -5.77
N LEU A 27 -5.58 -3.96 -5.01
CA LEU A 27 -6.82 -4.55 -5.57
C LEU A 27 -7.68 -3.48 -6.30
N GLU A 28 -7.99 -2.38 -5.59
CA GLU A 28 -8.79 -1.26 -6.15
C GLU A 28 -7.97 -0.39 -7.13
N CYS A 29 -6.63 -0.37 -6.97
CA CYS A 29 -5.72 0.37 -7.87
C CYS A 29 -5.68 -0.26 -9.29
N GLN A 30 -5.71 -1.60 -9.33
CA GLN A 30 -5.73 -2.37 -10.60
C GLN A 30 -7.16 -2.44 -11.18
N LYS A 31 -8.17 -2.51 -10.29
CA LYS A 31 -9.61 -2.53 -10.67
C LYS A 31 -10.04 -1.20 -11.34
N ARG A 32 -9.65 -0.08 -10.72
CA ARG A 32 -10.08 1.28 -11.13
C ARG A 32 -8.94 2.02 -11.86
N GLY A 33 -7.88 2.34 -11.09
CA GLY A 33 -6.78 3.19 -11.56
C GLY A 33 -6.23 4.06 -10.43
N PRO A 34 -4.87 4.18 -10.27
CA PRO A 34 -4.27 4.99 -9.16
C PRO A 34 -4.54 6.52 -9.29
N SER A 35 -5.68 6.96 -8.74
CA SER A 35 -6.09 8.39 -8.72
C SER A 35 -6.41 8.83 -7.28
N SER A 36 -6.47 10.15 -7.06
CA SER A 36 -6.74 10.76 -5.73
C SER A 36 -8.07 10.26 -5.10
N LYS A 37 -9.10 10.09 -5.93
CA LYS A 37 -10.44 9.61 -5.50
C LYS A 37 -10.44 8.08 -5.19
N THR A 38 -9.51 7.32 -5.82
CA THR A 38 -9.34 5.88 -5.54
C THR A 38 -8.60 5.71 -4.21
N PHE A 39 -7.60 6.59 -3.98
CA PHE A 39 -6.87 6.68 -2.71
C PHE A 39 -7.78 7.18 -1.56
N ALA A 40 -8.81 7.99 -1.91
CA ALA A 40 -9.84 8.47 -0.95
C ALA A 40 -10.82 7.36 -0.55
N TYR A 41 -11.15 6.47 -1.51
CA TYR A 41 -11.93 5.24 -1.24
C TYR A 41 -11.17 4.30 -0.28
N LEU A 42 -9.89 4.06 -0.62
CA LEU A 42 -8.96 3.24 0.18
C LEU A 42 -8.61 3.91 1.54
N ALA A 43 -8.72 5.25 1.60
CA ALA A 43 -8.53 6.01 2.84
C ALA A 43 -9.63 5.70 3.87
N ALA A 44 -10.88 5.94 3.47
CA ALA A 44 -12.08 5.67 4.29
C ALA A 44 -12.18 4.16 4.68
N LYS A 45 -11.78 3.29 3.73
CA LYS A 45 -11.73 1.82 3.92
C LYS A 45 -10.68 1.42 5.01
N LEU A 46 -9.45 1.95 4.91
CA LEU A 46 -8.30 1.50 5.76
C LEU A 46 -8.03 2.45 6.97
N ASP A 47 -9.00 3.35 7.29
CA ASP A 47 -8.91 4.34 8.41
C ASP A 47 -7.86 5.46 8.18
N LYS A 48 -7.37 5.57 6.93
CA LYS A 48 -6.25 6.48 6.58
C LYS A 48 -6.73 7.76 5.85
N ASN A 49 -5.75 8.59 5.45
CA ASN A 49 -5.94 9.71 4.50
C ASN A 49 -5.42 9.30 3.09
N PRO A 50 -5.94 9.90 1.96
CA PRO A 50 -5.47 9.63 0.56
C PRO A 50 -3.92 9.66 0.40
N ASN A 51 -3.26 10.56 1.15
CA ASN A 51 -1.79 10.68 1.17
C ASN A 51 -1.11 9.38 1.63
N GLN A 52 -1.58 8.83 2.78
CA GLN A 52 -1.05 7.56 3.37
C GLN A 52 -1.10 6.39 2.37
N VAL A 53 -2.27 6.26 1.72
CA VAL A 53 -2.54 5.19 0.74
C VAL A 53 -1.62 5.31 -0.50
N SER A 54 -1.50 6.54 -1.04
CA SER A 54 -0.66 6.83 -2.23
C SER A 54 0.82 6.47 -1.99
N GLU A 55 1.34 6.84 -0.80
CA GLU A 55 2.73 6.53 -0.39
C GLU A 55 3.00 5.01 -0.42
N ARG A 56 2.10 4.23 0.24
CA ARG A 56 2.27 2.76 0.37
C ARG A 56 2.09 2.04 -0.98
N PHE A 57 1.17 2.55 -1.83
CA PHE A 57 1.03 2.11 -3.24
C PHE A 57 2.39 2.16 -3.98
N GLN A 58 3.03 3.33 -3.91
CA GLN A 58 4.30 3.60 -4.61
C GLN A 58 5.48 2.81 -3.99
N GLN A 59 5.37 2.44 -2.70
CA GLN A 59 6.34 1.55 -2.02
C GLN A 59 6.22 0.13 -2.61
N LEU A 60 4.98 -0.41 -2.59
CA LEU A 60 4.61 -1.74 -3.11
C LEU A 60 5.18 -2.00 -4.53
N MET A 61 4.99 -1.01 -5.44
CA MET A 61 5.50 -1.08 -6.84
C MET A 61 7.05 -1.25 -6.87
N LYS A 62 7.74 -0.36 -6.14
CA LYS A 62 9.23 -0.34 -6.06
C LYS A 62 9.81 -1.62 -5.39
N LEU A 63 9.01 -2.25 -4.50
CA LEU A 63 9.38 -3.53 -3.85
C LEU A 63 9.34 -4.71 -4.86
N PHE A 64 8.37 -4.70 -5.78
CA PHE A 64 8.26 -5.74 -6.84
C PHE A 64 9.33 -5.54 -7.94
N GLU A 65 9.74 -4.29 -8.18
CA GLU A 65 10.77 -3.94 -9.18
C GLU A 65 12.22 -4.21 -8.66
N LYS A 66 12.59 -3.55 -7.54
CA LYS A 66 13.96 -3.62 -6.97
C LYS A 66 14.00 -4.39 -5.62
N SER A 67 13.21 -3.91 -4.62
CA SER A 67 13.20 -4.40 -3.20
C SER A 67 14.53 -4.08 -2.46
N LYS A 68 15.64 -4.73 -2.90
CA LYS A 68 17.03 -4.53 -2.36
C LYS A 68 17.16 -4.98 -0.88
N CYS A 69 18.31 -4.65 -0.24
CA CYS A 69 18.58 -5.00 1.18
C CYS A 69 19.32 -3.86 1.90
N ARG A 70 18.59 -3.10 2.74
CA ARG A 70 19.17 -1.97 3.52
C ARG A 70 19.32 -2.40 5.02
N SER A 1 2.57 -22.12 -2.62
CA SER A 1 1.68 -21.00 -2.21
C SER A 1 2.39 -20.08 -1.18
N HIS A 2 1.63 -19.17 -0.53
CA HIS A 2 2.17 -18.22 0.46
C HIS A 2 2.50 -18.95 1.80
N MET A 3 3.70 -19.53 1.89
CA MET A 3 4.14 -20.35 3.05
C MET A 3 5.24 -19.62 3.85
N LYS A 4 5.23 -19.79 5.20
CA LYS A 4 6.08 -19.04 6.16
C LYS A 4 5.71 -17.53 6.20
N ASN A 5 4.82 -17.17 7.14
CA ASN A 5 4.46 -15.77 7.42
C ASN A 5 5.31 -15.25 8.60
N VAL A 6 6.55 -14.80 8.28
CA VAL A 6 7.56 -14.43 9.29
C VAL A 6 7.16 -13.13 10.03
N ILE A 7 6.63 -13.29 11.26
CA ILE A 7 6.29 -12.17 12.15
C ILE A 7 7.57 -11.49 12.72
N LYS A 8 7.47 -10.18 12.95
CA LYS A 8 8.63 -9.33 13.33
C LYS A 8 8.19 -8.01 14.01
N LYS A 9 9.19 -7.23 14.46
CA LYS A 9 8.99 -5.95 15.18
C LYS A 9 8.29 -4.86 14.34
N LYS A 10 7.57 -3.94 15.01
CA LYS A 10 6.96 -2.76 14.40
C LYS A 10 7.39 -1.51 15.22
N GLY A 11 8.64 -1.05 14.97
CA GLY A 11 9.19 0.18 15.57
C GLY A 11 9.60 1.19 14.50
N GLU A 12 8.98 1.07 13.32
CA GLU A 12 9.33 1.87 12.12
C GLU A 12 8.06 2.58 11.58
N ILE A 13 8.13 3.94 11.49
CA ILE A 13 7.04 4.83 11.00
C ILE A 13 5.83 4.90 11.99
N ILE A 14 5.29 6.12 12.20
CA ILE A 14 4.14 6.37 13.13
C ILE A 14 2.80 5.75 12.62
N ILE A 15 2.72 5.52 11.31
CA ILE A 15 1.52 4.96 10.65
C ILE A 15 1.55 3.41 10.72
N LEU A 16 0.44 2.79 11.16
CA LEU A 16 0.27 1.33 11.18
C LEU A 16 -0.08 0.80 9.78
N TRP A 17 0.63 -0.26 9.33
CA TRP A 17 0.37 -0.93 8.03
C TRP A 17 0.44 -2.46 8.20
N THR A 18 -0.58 -3.17 7.71
CA THR A 18 -0.70 -4.66 7.78
C THR A 18 -1.16 -5.23 6.41
N ARG A 19 -1.06 -6.57 6.26
CA ARG A 19 -1.29 -7.27 4.96
C ARG A 19 -2.70 -7.01 4.34
N ASN A 20 -3.70 -6.74 5.21
CA ASN A 20 -5.08 -6.44 4.78
C ASN A 20 -5.16 -5.05 4.07
N ASP A 21 -4.34 -4.08 4.52
CA ASP A 21 -4.23 -2.75 3.88
C ASP A 21 -3.62 -2.88 2.45
N ASP A 22 -2.40 -3.46 2.39
CA ASP A 22 -1.63 -3.68 1.15
C ASP A 22 -2.43 -4.46 0.07
N ARG A 23 -3.21 -5.47 0.52
CA ARG A 23 -4.07 -6.28 -0.37
C ARG A 23 -5.12 -5.42 -1.11
N VAL A 24 -5.86 -4.58 -0.36
CA VAL A 24 -6.99 -3.79 -0.90
C VAL A 24 -6.47 -2.59 -1.74
N ILE A 25 -5.29 -2.04 -1.37
CA ILE A 25 -4.62 -0.99 -2.18
C ILE A 25 -4.27 -1.54 -3.59
N LEU A 26 -3.65 -2.74 -3.65
CA LEU A 26 -3.30 -3.41 -4.93
C LEU A 26 -4.56 -3.86 -5.73
N LEU A 27 -5.62 -4.26 -5.00
CA LEU A 27 -6.92 -4.68 -5.59
C LEU A 27 -7.58 -3.50 -6.37
N GLU A 28 -7.62 -2.34 -5.70
CA GLU A 28 -8.12 -1.08 -6.26
C GLU A 28 -7.15 -0.47 -7.31
N CYS A 29 -5.84 -0.69 -7.11
CA CYS A 29 -4.77 -0.21 -8.02
C CYS A 29 -4.85 -0.87 -9.42
N GLN A 30 -5.23 -2.15 -9.45
CA GLN A 30 -5.35 -2.92 -10.71
C GLN A 30 -6.76 -2.82 -11.32
N LYS A 31 -7.70 -2.14 -10.62
CA LYS A 31 -9.09 -1.93 -11.11
C LYS A 31 -9.35 -0.43 -11.41
N ARG A 32 -9.47 0.39 -10.35
CA ARG A 32 -9.72 1.86 -10.47
C ARG A 32 -8.42 2.65 -10.75
N GLY A 33 -7.27 1.99 -10.63
CA GLY A 33 -5.96 2.57 -10.98
C GLY A 33 -5.35 3.47 -9.89
N PRO A 34 -4.30 4.29 -10.24
CA PRO A 34 -3.66 5.27 -9.30
C PRO A 34 -4.43 6.61 -9.17
N SER A 35 -5.78 6.55 -9.23
CA SER A 35 -6.64 7.75 -9.18
C SER A 35 -6.76 8.32 -7.74
N SER A 36 -7.01 9.64 -7.63
CA SER A 36 -7.38 10.30 -6.35
C SER A 36 -8.75 9.76 -5.85
N LYS A 37 -9.61 9.35 -6.81
CA LYS A 37 -10.87 8.62 -6.54
C LYS A 37 -10.60 7.33 -5.72
N THR A 38 -9.50 6.66 -6.08
CA THR A 38 -9.12 5.34 -5.53
C THR A 38 -8.55 5.54 -4.11
N PHE A 39 -7.64 6.52 -3.99
CA PHE A 39 -6.99 6.91 -2.72
C PHE A 39 -8.02 7.45 -1.69
N ALA A 40 -9.10 8.09 -2.19
CA ALA A 40 -10.22 8.59 -1.36
C ALA A 40 -11.03 7.43 -0.74
N TYR A 41 -11.30 6.38 -1.56
CA TYR A 41 -11.98 5.15 -1.10
C TYR A 41 -11.13 4.45 0.00
N LEU A 42 -9.86 4.15 -0.36
CA LEU A 42 -8.90 3.45 0.52
C LEU A 42 -8.59 4.22 1.83
N ALA A 43 -8.74 5.56 1.80
CA ALA A 43 -8.62 6.41 3.01
C ALA A 43 -9.72 6.06 4.04
N ALA A 44 -10.99 6.12 3.61
CA ALA A 44 -12.16 5.85 4.49
C ALA A 44 -12.29 4.33 4.82
N LYS A 45 -11.84 3.48 3.88
CA LYS A 45 -11.96 2.01 3.98
C LYS A 45 -10.93 1.45 5.00
N LEU A 46 -9.66 1.80 4.81
CA LEU A 46 -8.53 1.29 5.64
C LEU A 46 -8.30 2.13 6.92
N ASP A 47 -9.16 3.15 7.15
CA ASP A 47 -9.03 4.13 8.27
C ASP A 47 -7.67 4.90 8.18
N LYS A 48 -7.26 5.15 6.93
CA LYS A 48 -6.01 5.89 6.60
C LYS A 48 -6.32 7.30 6.07
N ASN A 49 -5.25 8.03 5.70
CA ASN A 49 -5.35 9.34 5.03
C ASN A 49 -4.98 9.16 3.53
N PRO A 50 -5.56 9.96 2.57
CA PRO A 50 -5.23 9.84 1.11
C PRO A 50 -3.71 9.96 0.79
N ASN A 51 -2.98 10.79 1.56
CA ASN A 51 -1.50 10.90 1.44
C ASN A 51 -0.79 9.60 1.91
N GLN A 52 -1.23 9.05 3.06
CA GLN A 52 -0.71 7.76 3.60
C GLN A 52 -0.90 6.60 2.57
N VAL A 53 -2.09 6.53 1.98
CA VAL A 53 -2.47 5.52 0.98
C VAL A 53 -1.61 5.63 -0.30
N SER A 54 -1.53 6.85 -0.86
CA SER A 54 -0.82 7.12 -2.14
C SER A 54 0.69 6.77 -2.05
N GLU A 55 1.32 7.16 -0.93
CA GLU A 55 2.76 6.87 -0.68
C GLU A 55 3.02 5.35 -0.49
N ARG A 56 2.14 4.68 0.29
CA ARG A 56 2.23 3.21 0.52
C ARG A 56 2.04 2.42 -0.79
N PHE A 57 1.11 2.90 -1.63
CA PHE A 57 0.87 2.40 -3.00
C PHE A 57 2.18 2.39 -3.82
N GLN A 58 2.91 3.52 -3.78
CA GLN A 58 4.17 3.68 -4.50
C GLN A 58 5.27 2.74 -3.96
N GLN A 59 5.27 2.50 -2.64
CA GLN A 59 6.24 1.58 -1.99
C GLN A 59 5.96 0.11 -2.39
N LEU A 60 4.66 -0.20 -2.59
CA LEU A 60 4.20 -1.48 -3.17
C LEU A 60 4.71 -1.67 -4.62
N MET A 61 4.68 -0.58 -5.42
CA MET A 61 5.23 -0.56 -6.80
C MET A 61 6.76 -0.86 -6.79
N LYS A 62 7.47 -0.29 -5.79
CA LYS A 62 8.91 -0.52 -5.57
C LYS A 62 9.23 -1.99 -5.16
N LEU A 63 8.26 -2.68 -4.52
CA LEU A 63 8.40 -4.12 -4.15
C LEU A 63 8.41 -5.03 -5.40
N PHE A 64 7.58 -4.67 -6.42
CA PHE A 64 7.55 -5.38 -7.72
C PHE A 64 8.90 -5.25 -8.48
N GLU A 65 9.53 -4.06 -8.38
CA GLU A 65 10.86 -3.81 -8.97
C GLU A 65 11.96 -4.57 -8.21
N LYS A 66 11.91 -4.45 -6.86
CA LYS A 66 12.81 -5.08 -5.87
C LYS A 66 14.25 -4.47 -5.86
N SER A 67 14.91 -4.42 -7.05
CA SER A 67 16.26 -3.78 -7.23
C SER A 67 16.32 -2.34 -6.69
N LYS A 68 15.20 -1.59 -6.86
CA LYS A 68 15.06 -0.22 -6.32
C LYS A 68 15.01 -0.24 -4.76
N CYS A 69 14.03 -1.01 -4.21
CA CYS A 69 13.79 -1.13 -2.76
C CYS A 69 13.60 0.24 -2.07
N ARG A 70 12.40 0.84 -2.29
CA ARG A 70 12.04 2.21 -1.83
C ARG A 70 12.86 3.32 -2.59
N SER A 1 -0.35 -12.05 -15.40
CA SER A 1 -0.82 -12.75 -14.18
C SER A 1 0.22 -12.63 -13.04
N HIS A 2 -0.24 -12.78 -11.79
CA HIS A 2 0.62 -12.73 -10.58
C HIS A 2 0.40 -14.00 -9.72
N MET A 3 1.50 -14.60 -9.23
CA MET A 3 1.45 -15.67 -8.19
C MET A 3 1.52 -15.04 -6.77
N LYS A 4 1.52 -15.89 -5.73
CA LYS A 4 1.74 -15.44 -4.34
C LYS A 4 3.27 -15.25 -4.14
N ASN A 5 3.75 -14.05 -4.48
CA ASN A 5 5.17 -13.67 -4.32
C ASN A 5 5.28 -12.23 -3.76
N VAL A 6 5.51 -12.12 -2.44
CA VAL A 6 5.70 -10.81 -1.77
C VAL A 6 7.21 -10.47 -1.68
N ILE A 7 7.65 -9.50 -2.52
CA ILE A 7 9.05 -8.99 -2.49
C ILE A 7 9.16 -7.78 -1.50
N LYS A 8 8.03 -7.48 -0.82
CA LYS A 8 7.97 -6.48 0.28
C LYS A 8 8.80 -6.98 1.50
N LYS A 9 10.09 -6.58 1.54
CA LYS A 9 11.05 -6.99 2.61
C LYS A 9 11.75 -5.75 3.23
N LYS A 10 12.62 -5.11 2.42
CA LYS A 10 13.47 -4.00 2.88
C LYS A 10 12.75 -2.65 2.72
N GLY A 11 12.14 -2.18 3.82
CA GLY A 11 11.40 -0.91 3.84
C GLY A 11 10.62 -0.71 5.15
N GLU A 12 11.11 0.19 6.01
CA GLU A 12 10.49 0.47 7.33
C GLU A 12 9.24 1.40 7.19
N ILE A 13 8.22 1.15 8.02
CA ILE A 13 6.96 1.93 8.05
C ILE A 13 6.59 2.32 9.50
N ILE A 14 6.38 3.62 9.73
CA ILE A 14 5.98 4.16 11.05
C ILE A 14 4.45 4.00 11.27
N ILE A 15 3.71 4.28 10.19
CA ILE A 15 2.23 4.16 10.15
C ILE A 15 1.80 2.67 10.13
N LEU A 16 0.68 2.35 10.79
CA LEU A 16 0.15 0.97 10.87
C LEU A 16 -0.33 0.48 9.47
N TRP A 17 0.59 -0.13 8.71
CA TRP A 17 0.31 -0.72 7.39
C TRP A 17 0.59 -2.24 7.42
N THR A 18 -0.47 -3.05 7.36
CA THR A 18 -0.34 -4.55 7.40
C THR A 18 -0.65 -5.15 6.04
N ARG A 19 -0.31 -6.45 5.89
CA ARG A 19 -0.60 -7.25 4.67
C ARG A 19 -2.10 -7.22 4.26
N ASN A 20 -2.99 -6.89 5.22
CA ASN A 20 -4.43 -6.71 4.96
C ASN A 20 -4.68 -5.38 4.23
N ASP A 21 -4.10 -4.28 4.76
CA ASP A 21 -4.26 -2.91 4.22
C ASP A 21 -3.74 -2.82 2.76
N ASP A 22 -2.45 -3.14 2.59
CA ASP A 22 -1.72 -2.96 1.31
C ASP A 22 -2.26 -3.88 0.17
N ARG A 23 -2.75 -5.07 0.54
CA ARG A 23 -3.41 -6.02 -0.40
C ARG A 23 -4.68 -5.38 -1.04
N VAL A 24 -5.49 -4.70 -0.19
CA VAL A 24 -6.73 -4.00 -0.65
C VAL A 24 -6.39 -2.80 -1.56
N ILE A 25 -5.29 -2.08 -1.24
CA ILE A 25 -4.77 -0.96 -2.07
C ILE A 25 -4.47 -1.42 -3.51
N LEU A 26 -3.60 -2.43 -3.64
CA LEU A 26 -3.23 -3.00 -4.97
C LEU A 26 -4.45 -3.51 -5.76
N LEU A 27 -5.42 -4.10 -5.04
CA LEU A 27 -6.65 -4.68 -5.64
C LEU A 27 -7.54 -3.60 -6.32
N GLU A 28 -7.85 -2.52 -5.60
CA GLU A 28 -8.68 -1.42 -6.13
C GLU A 28 -7.89 -0.47 -7.05
N CYS A 29 -6.56 -0.44 -6.94
CA CYS A 29 -5.68 0.39 -7.81
C CYS A 29 -5.53 -0.22 -9.24
N GLN A 30 -5.37 -1.56 -9.32
CA GLN A 30 -5.30 -2.28 -10.62
C GLN A 30 -6.69 -2.30 -11.31
N LYS A 31 -7.75 -2.27 -10.49
CA LYS A 31 -9.16 -2.24 -10.96
C LYS A 31 -9.53 -0.84 -11.52
N ARG A 32 -9.56 0.16 -10.62
CA ARG A 32 -10.05 1.53 -10.90
C ARG A 32 -8.99 2.38 -11.63
N GLY A 33 -7.81 2.50 -11.00
CA GLY A 33 -6.70 3.32 -11.54
C GLY A 33 -6.13 4.29 -10.50
N PRO A 34 -4.83 4.73 -10.63
CA PRO A 34 -4.20 5.72 -9.72
C PRO A 34 -4.87 7.13 -9.82
N SER A 35 -5.84 7.39 -8.94
CA SER A 35 -6.61 8.67 -8.91
C SER A 35 -6.90 9.08 -7.44
N SER A 36 -7.11 10.39 -7.22
CA SER A 36 -7.34 10.96 -5.86
C SER A 36 -8.57 10.35 -5.16
N LYS A 37 -9.67 10.14 -5.93
CA LYS A 37 -10.91 9.50 -5.42
C LYS A 37 -10.70 8.00 -5.09
N THR A 38 -9.71 7.36 -5.73
CA THR A 38 -9.39 5.92 -5.51
C THR A 38 -8.63 5.76 -4.19
N PHE A 39 -7.66 6.66 -3.98
CA PHE A 39 -6.84 6.73 -2.74
C PHE A 39 -7.67 7.25 -1.55
N ALA A 40 -8.67 8.10 -1.83
CA ALA A 40 -9.64 8.59 -0.82
C ALA A 40 -10.66 7.51 -0.43
N TYR A 41 -11.05 6.67 -1.42
CA TYR A 41 -11.91 5.47 -1.18
C TYR A 41 -11.16 4.46 -0.28
N LEU A 42 -9.90 4.16 -0.63
CA LEU A 42 -9.00 3.28 0.14
C LEU A 42 -8.63 3.89 1.51
N ALA A 43 -8.64 5.23 1.60
CA ALA A 43 -8.48 5.95 2.89
C ALA A 43 -9.68 5.70 3.83
N ALA A 44 -10.90 5.72 3.27
CA ALA A 44 -12.14 5.41 4.02
C ALA A 44 -12.25 3.89 4.33
N LYS A 45 -11.76 3.07 3.39
CA LYS A 45 -11.76 1.60 3.46
C LYS A 45 -10.82 1.09 4.58
N LEU A 46 -9.66 1.74 4.71
CA LEU A 46 -8.59 1.34 5.66
C LEU A 46 -8.45 2.33 6.84
N ASP A 47 -9.44 3.25 6.99
CA ASP A 47 -9.48 4.38 7.99
C ASP A 47 -8.18 5.25 8.05
N LYS A 48 -7.39 5.25 6.95
CA LYS A 48 -6.12 6.04 6.83
C LYS A 48 -6.34 7.35 6.03
N ASN A 49 -5.25 8.07 5.72
CA ASN A 49 -5.30 9.32 4.90
C ASN A 49 -4.92 9.00 3.42
N PRO A 50 -5.54 9.72 2.40
CA PRO A 50 -5.27 9.47 0.95
C PRO A 50 -3.77 9.63 0.56
N ASN A 51 -3.07 10.56 1.24
CA ASN A 51 -1.61 10.77 1.10
C ASN A 51 -0.81 9.50 1.48
N GLN A 52 -1.15 8.93 2.66
CA GLN A 52 -0.52 7.72 3.20
C GLN A 52 -0.77 6.49 2.29
N VAL A 53 -2.01 6.39 1.77
CA VAL A 53 -2.43 5.31 0.84
C VAL A 53 -1.69 5.41 -0.51
N SER A 54 -1.57 6.65 -1.02
CA SER A 54 -0.91 6.95 -2.32
C SER A 54 0.59 6.60 -2.31
N GLU A 55 1.27 6.97 -1.21
CA GLU A 55 2.68 6.61 -0.96
C GLU A 55 2.85 5.09 -0.77
N ARG A 56 1.93 4.47 0.00
CA ARG A 56 1.95 3.01 0.29
C ARG A 56 1.83 2.17 -1.01
N PHE A 57 0.94 2.61 -1.92
CA PHE A 57 0.78 2.04 -3.28
C PHE A 57 2.13 2.00 -4.04
N GLN A 58 2.84 3.13 -4.01
CA GLN A 58 4.12 3.31 -4.69
C GLN A 58 5.29 2.59 -3.96
N GLN A 59 5.15 2.36 -2.64
CA GLN A 59 6.11 1.53 -1.86
C GLN A 59 5.98 0.06 -2.30
N LEU A 60 4.72 -0.39 -2.42
CA LEU A 60 4.37 -1.73 -2.92
C LEU A 60 4.95 -1.99 -4.32
N MET A 61 4.65 -1.12 -5.28
CA MET A 61 5.11 -1.27 -6.68
C MET A 61 6.65 -1.14 -6.82
N LYS A 62 7.29 -0.36 -5.93
CA LYS A 62 8.76 -0.19 -5.92
C LYS A 62 9.50 -1.42 -5.31
N LEU A 63 8.99 -1.95 -4.18
CA LEU A 63 9.60 -3.11 -3.47
C LEU A 63 9.32 -4.44 -4.21
N PHE A 64 8.06 -4.63 -4.69
CA PHE A 64 7.66 -5.79 -5.53
C PHE A 64 8.40 -5.78 -6.90
N GLU A 65 8.89 -4.60 -7.32
CA GLU A 65 9.79 -4.50 -8.47
C GLU A 65 11.19 -5.02 -8.05
N LYS A 66 11.80 -4.31 -7.07
CA LYS A 66 13.12 -4.63 -6.46
C LYS A 66 13.23 -3.90 -5.09
N SER A 67 13.44 -4.65 -3.99
CA SER A 67 13.56 -4.07 -2.62
C SER A 67 14.78 -3.13 -2.48
N LYS A 68 14.50 -1.85 -2.21
CA LYS A 68 15.53 -0.84 -1.92
C LYS A 68 16.02 -1.01 -0.46
N CYS A 69 17.33 -1.29 -0.29
CA CYS A 69 17.93 -1.63 1.03
C CYS A 69 18.18 -0.37 1.90
N ARG A 70 17.08 0.30 2.32
CA ARG A 70 17.10 1.45 3.23
C ARG A 70 15.66 1.88 3.62
N SER A 1 -7.50 -23.01 -5.82
CA SER A 1 -6.93 -21.71 -5.34
C SER A 1 -5.47 -21.88 -4.86
N HIS A 2 -4.60 -20.93 -5.24
CA HIS A 2 -3.18 -20.90 -4.82
C HIS A 2 -2.86 -19.55 -4.15
N MET A 3 -2.88 -19.52 -2.80
CA MET A 3 -2.70 -18.28 -2.00
C MET A 3 -1.51 -18.40 -1.01
N LYS A 4 -0.41 -17.70 -1.30
CA LYS A 4 0.73 -17.52 -0.37
C LYS A 4 0.70 -16.06 0.18
N ASN A 5 0.40 -15.93 1.49
CA ASN A 5 0.27 -14.60 2.15
C ASN A 5 1.63 -13.86 2.19
N VAL A 6 1.67 -12.67 1.56
CA VAL A 6 2.87 -11.81 1.50
C VAL A 6 3.30 -11.32 2.92
N ILE A 7 4.27 -12.04 3.53
CA ILE A 7 4.75 -11.74 4.90
C ILE A 7 5.50 -10.38 4.96
N LYS A 8 4.74 -9.33 5.28
CA LYS A 8 5.27 -7.96 5.40
C LYS A 8 6.00 -7.77 6.74
N LYS A 9 7.33 -7.56 6.67
CA LYS A 9 8.13 -7.17 7.83
C LYS A 9 8.08 -5.63 8.04
N LYS A 10 8.25 -5.20 9.31
CA LYS A 10 8.16 -3.79 9.74
C LYS A 10 6.72 -3.22 9.56
N GLY A 11 5.98 -3.12 10.67
CA GLY A 11 4.73 -2.34 10.70
C GLY A 11 5.03 -0.87 10.99
N GLU A 12 4.54 0.04 10.13
CA GLU A 12 4.82 1.49 10.25
C GLU A 12 4.31 2.10 11.58
N ILE A 13 5.09 3.05 12.13
CA ILE A 13 4.77 3.78 13.39
C ILE A 13 3.75 4.91 13.08
N ILE A 14 2.92 5.28 14.09
CA ILE A 14 1.76 6.20 13.96
C ILE A 14 0.56 5.47 13.30
N ILE A 15 0.78 5.03 12.06
CA ILE A 15 -0.23 4.34 11.22
C ILE A 15 0.19 2.88 10.95
N LEU A 16 -0.60 1.91 11.48
CA LEU A 16 -0.29 0.48 11.32
C LEU A 16 -0.78 -0.05 9.94
N TRP A 17 0.01 0.25 8.90
CA TRP A 17 -0.11 -0.40 7.59
C TRP A 17 0.27 -1.91 7.71
N THR A 18 -0.67 -2.81 7.37
CA THR A 18 -0.42 -4.28 7.36
C THR A 18 -0.58 -4.84 5.95
N ARG A 19 -0.18 -6.11 5.74
CA ARG A 19 -0.30 -6.80 4.42
C ARG A 19 -1.78 -6.83 3.91
N ASN A 20 -2.74 -6.67 4.84
CA ASN A 20 -4.18 -6.58 4.50
C ASN A 20 -4.48 -5.25 3.78
N ASP A 21 -4.03 -4.13 4.39
CA ASP A 21 -4.24 -2.76 3.83
C ASP A 21 -3.49 -2.59 2.49
N ASP A 22 -2.18 -2.86 2.54
CA ASP A 22 -1.24 -2.76 1.39
C ASP A 22 -1.70 -3.59 0.15
N ARG A 23 -2.26 -4.80 0.39
CA ARG A 23 -2.78 -5.66 -0.70
C ARG A 23 -4.01 -5.01 -1.39
N VAL A 24 -4.94 -4.46 -0.59
CA VAL A 24 -6.20 -3.86 -1.11
C VAL A 24 -5.94 -2.57 -1.93
N ILE A 25 -4.88 -1.81 -1.57
CA ILE A 25 -4.41 -0.68 -2.42
C ILE A 25 -4.12 -1.16 -3.86
N LEU A 26 -3.23 -2.17 -3.98
CA LEU A 26 -2.82 -2.74 -5.27
C LEU A 26 -4.01 -3.46 -6.00
N LEU A 27 -4.97 -3.99 -5.20
CA LEU A 27 -6.19 -4.65 -5.73
C LEU A 27 -7.15 -3.62 -6.40
N GLU A 28 -7.43 -2.50 -5.71
CA GLU A 28 -8.32 -1.44 -6.23
C GLU A 28 -7.62 -0.55 -7.29
N CYS A 29 -6.28 -0.56 -7.33
CA CYS A 29 -5.51 0.15 -8.38
C CYS A 29 -5.57 -0.59 -9.76
N GLN A 30 -5.64 -1.93 -9.73
CA GLN A 30 -5.85 -2.75 -10.96
C GLN A 30 -7.36 -2.89 -11.29
N LYS A 31 -8.22 -2.74 -10.27
CA LYS A 31 -9.71 -2.83 -10.41
C LYS A 31 -10.30 -1.46 -10.85
N ARG A 32 -10.30 -0.51 -9.91
CA ARG A 32 -10.88 0.85 -10.10
C ARG A 32 -9.93 1.77 -10.91
N GLY A 33 -8.62 1.72 -10.60
CA GLY A 33 -7.60 2.53 -11.29
C GLY A 33 -6.74 3.38 -10.32
N PRO A 34 -5.42 3.63 -10.64
CA PRO A 34 -4.54 4.45 -9.77
C PRO A 34 -4.87 5.97 -9.87
N SER A 35 -5.48 6.51 -8.79
CA SER A 35 -5.89 7.94 -8.73
C SER A 35 -5.99 8.41 -7.28
N SER A 36 -5.76 9.72 -7.03
CA SER A 36 -5.94 10.32 -5.67
C SER A 36 -7.41 10.26 -5.21
N LYS A 37 -8.34 10.25 -6.19
CA LYS A 37 -9.80 10.10 -5.95
C LYS A 37 -10.14 8.63 -5.55
N THR A 38 -9.24 7.69 -5.91
CA THR A 38 -9.31 6.26 -5.51
C THR A 38 -8.63 6.06 -4.14
N PHE A 39 -7.55 6.83 -3.89
CA PHE A 39 -6.78 6.76 -2.63
C PHE A 39 -7.56 7.35 -1.44
N ALA A 40 -8.46 8.30 -1.73
CA ALA A 40 -9.44 8.83 -0.73
C ALA A 40 -10.49 7.75 -0.36
N TYR A 41 -10.82 6.88 -1.33
CA TYR A 41 -11.73 5.74 -1.13
C TYR A 41 -11.01 4.57 -0.37
N LEU A 42 -9.73 4.35 -0.69
CA LEU A 42 -8.85 3.40 0.02
C LEU A 42 -8.58 3.85 1.47
N ALA A 43 -8.61 5.18 1.69
CA ALA A 43 -8.56 5.77 3.03
C ALA A 43 -9.81 5.40 3.85
N ALA A 44 -10.98 5.51 3.21
CA ALA A 44 -12.30 5.20 3.83
C ALA A 44 -12.39 3.72 4.31
N LYS A 45 -12.11 2.77 3.40
CA LYS A 45 -12.24 1.31 3.68
C LYS A 45 -11.15 0.78 4.66
N LEU A 46 -9.90 1.26 4.49
CA LEU A 46 -8.73 0.76 5.28
C LEU A 46 -8.47 1.59 6.57
N ASP A 47 -9.45 2.43 6.97
CA ASP A 47 -9.38 3.37 8.14
C ASP A 47 -8.12 4.30 8.15
N LYS A 48 -7.51 4.50 6.96
CA LYS A 48 -6.30 5.35 6.78
C LYS A 48 -6.66 6.74 6.20
N ASN A 49 -5.64 7.50 5.73
CA ASN A 49 -5.84 8.86 5.16
C ASN A 49 -5.18 8.95 3.74
N PRO A 50 -5.77 9.76 2.77
CA PRO A 50 -5.34 9.78 1.33
C PRO A 50 -3.82 10.00 1.07
N ASN A 51 -3.19 10.89 1.87
CA ASN A 51 -1.73 11.17 1.79
C ASN A 51 -0.91 9.88 2.03
N GLN A 52 -1.31 9.12 3.05
CA GLN A 52 -0.63 7.88 3.49
C GLN A 52 -0.76 6.77 2.42
N VAL A 53 -1.98 6.66 1.85
CA VAL A 53 -2.32 5.65 0.83
C VAL A 53 -1.54 5.89 -0.50
N SER A 54 -1.50 7.15 -0.94
CA SER A 54 -0.85 7.56 -2.21
C SER A 54 0.67 7.31 -2.18
N GLU A 55 1.29 7.60 -1.03
CA GLU A 55 2.70 7.28 -0.78
C GLU A 55 2.94 5.75 -0.79
N ARG A 56 2.09 5.03 -0.02
CA ARG A 56 2.24 3.56 0.18
C ARG A 56 2.15 2.79 -1.15
N PHE A 57 1.27 3.25 -2.05
CA PHE A 57 1.07 2.68 -3.42
C PHE A 57 2.39 2.60 -4.22
N GLN A 58 3.10 3.74 -4.32
CA GLN A 58 4.34 3.84 -5.14
C GLN A 58 5.53 3.13 -4.47
N GLN A 59 5.48 2.99 -3.14
CA GLN A 59 6.43 2.16 -2.37
C GLN A 59 6.18 0.66 -2.67
N LEU A 60 4.90 0.29 -2.71
CA LEU A 60 4.41 -1.09 -2.95
C LEU A 60 4.84 -1.64 -4.32
N MET A 61 4.55 -0.88 -5.39
CA MET A 61 4.91 -1.28 -6.77
C MET A 61 6.44 -1.43 -6.97
N LYS A 62 7.21 -0.65 -6.20
CA LYS A 62 8.69 -0.68 -6.20
C LYS A 62 9.24 -1.94 -5.48
N LEU A 63 8.71 -2.22 -4.27
CA LEU A 63 9.17 -3.34 -3.40
C LEU A 63 8.67 -4.72 -3.90
N PHE A 64 7.36 -4.80 -4.22
CA PHE A 64 6.71 -6.05 -4.71
C PHE A 64 7.32 -6.53 -6.06
N GLU A 65 7.94 -5.58 -6.79
CA GLU A 65 8.72 -5.87 -8.02
C GLU A 65 9.88 -6.87 -7.74
N LYS A 66 10.59 -6.64 -6.62
CA LYS A 66 11.76 -7.45 -6.21
C LYS A 66 12.16 -7.17 -4.75
N SER A 67 12.46 -5.88 -4.45
CA SER A 67 13.03 -5.43 -3.15
C SER A 67 14.41 -6.13 -2.89
N LYS A 68 14.67 -6.60 -1.64
CA LYS A 68 15.82 -7.50 -1.29
C LYS A 68 17.20 -6.79 -1.21
N CYS A 69 17.42 -5.73 -2.00
CA CYS A 69 18.73 -5.06 -2.16
C CYS A 69 19.02 -4.05 -1.02
N ARG A 70 19.20 -4.60 0.20
CA ARG A 70 19.55 -3.85 1.42
C ARG A 70 19.83 -4.84 2.59
N SER A 1 -3.99 -21.98 -7.03
CA SER A 1 -3.23 -20.75 -6.66
C SER A 1 -2.86 -20.76 -5.17
N HIS A 2 -1.59 -21.12 -4.86
CA HIS A 2 -1.07 -21.13 -3.47
C HIS A 2 -0.90 -19.68 -2.94
N MET A 3 -1.76 -19.28 -1.99
CA MET A 3 -1.73 -17.93 -1.37
C MET A 3 -0.46 -17.74 -0.51
N LYS A 4 0.47 -16.90 -0.98
CA LYS A 4 1.71 -16.55 -0.25
C LYS A 4 1.51 -15.28 0.61
N ASN A 5 2.47 -15.02 1.51
CA ASN A 5 2.56 -13.74 2.26
C ASN A 5 3.84 -12.99 1.86
N VAL A 6 3.75 -11.65 1.71
CA VAL A 6 4.90 -10.79 1.39
C VAL A 6 5.89 -10.76 2.57
N ILE A 7 7.09 -11.32 2.36
CA ILE A 7 8.13 -11.46 3.41
C ILE A 7 8.78 -10.07 3.77
N LYS A 8 8.06 -9.33 4.63
CA LYS A 8 8.50 -8.03 5.18
C LYS A 8 8.10 -7.94 6.67
N LYS A 9 8.94 -8.53 7.52
CA LYS A 9 8.78 -8.50 9.00
C LYS A 9 8.92 -7.07 9.56
N LYS A 10 9.85 -6.28 8.96
CA LYS A 10 10.13 -4.88 9.37
C LYS A 10 10.23 -3.95 8.14
N GLY A 11 10.25 -2.63 8.41
CA GLY A 11 10.36 -1.60 7.39
C GLY A 11 10.25 -0.20 7.99
N GLU A 12 10.93 0.79 7.37
CA GLU A 12 10.94 2.18 7.87
C GLU A 12 9.68 2.96 7.42
N ILE A 13 8.51 2.58 8.00
CA ILE A 13 7.24 3.32 7.83
C ILE A 13 6.69 3.62 9.24
N ILE A 14 6.62 4.91 9.61
CA ILE A 14 6.16 5.37 10.95
C ILE A 14 4.61 5.51 11.04
N ILE A 15 3.90 4.94 10.04
CA ILE A 15 2.42 4.89 9.96
C ILE A 15 1.94 3.44 10.21
N LEU A 16 0.75 3.29 10.82
CA LEU A 16 0.08 1.97 10.95
C LEU A 16 -0.28 1.42 9.55
N TRP A 17 0.26 0.24 9.19
CA TRP A 17 -0.02 -0.48 7.91
C TRP A 17 0.06 -2.00 8.12
N THR A 18 -0.89 -2.75 7.53
CA THR A 18 -0.93 -4.23 7.57
C THR A 18 -0.86 -4.81 6.14
N ARG A 19 -0.44 -6.09 6.05
CA ARG A 19 -0.41 -6.85 4.77
C ARG A 19 -1.83 -7.06 4.17
N ASN A 20 -2.86 -6.93 5.02
CA ASN A 20 -4.29 -6.96 4.63
C ASN A 20 -4.63 -5.70 3.79
N ASP A 21 -4.16 -4.52 4.26
CA ASP A 21 -4.34 -3.22 3.58
C ASP A 21 -3.72 -3.23 2.16
N ASP A 22 -2.48 -3.77 2.07
CA ASP A 22 -1.70 -3.89 0.81
C ASP A 22 -2.46 -4.63 -0.30
N ARG A 23 -3.12 -5.73 0.07
CA ARG A 23 -3.97 -6.52 -0.85
C ARG A 23 -5.12 -5.66 -1.45
N VAL A 24 -5.78 -4.87 -0.58
CA VAL A 24 -6.95 -4.03 -0.95
C VAL A 24 -6.52 -2.85 -1.88
N ILE A 25 -5.34 -2.25 -1.60
CA ILE A 25 -4.78 -1.16 -2.41
C ILE A 25 -4.45 -1.64 -3.85
N LEU A 26 -3.68 -2.75 -3.95
CA LEU A 26 -3.37 -3.40 -5.24
C LEU A 26 -4.65 -3.84 -6.00
N LEU A 27 -5.68 -4.26 -5.25
CA LEU A 27 -6.99 -4.66 -5.81
C LEU A 27 -7.68 -3.48 -6.52
N GLU A 28 -7.87 -2.38 -5.79
CA GLU A 28 -8.59 -1.18 -6.29
C GLU A 28 -7.77 -0.39 -7.34
N CYS A 29 -6.43 -0.53 -7.30
CA CYS A 29 -5.53 0.09 -8.32
C CYS A 29 -5.69 -0.58 -9.71
N GLN A 30 -6.03 -1.88 -9.71
CA GLN A 30 -6.34 -2.66 -10.94
C GLN A 30 -7.83 -2.52 -11.35
N LYS A 31 -8.72 -2.40 -10.34
CA LYS A 31 -10.18 -2.23 -10.57
C LYS A 31 -10.53 -0.78 -11.04
N ARG A 32 -10.48 0.16 -10.09
CA ARG A 32 -10.91 1.56 -10.27
C ARG A 32 -9.82 2.38 -11.01
N GLY A 33 -8.56 2.06 -10.69
CA GLY A 33 -7.38 2.77 -11.22
C GLY A 33 -6.52 3.38 -10.11
N PRO A 34 -5.22 3.72 -10.36
CA PRO A 34 -4.32 4.39 -9.36
C PRO A 34 -4.59 5.91 -9.19
N SER A 35 -5.87 6.32 -9.23
CA SER A 35 -6.29 7.73 -9.06
C SER A 35 -6.22 8.18 -7.59
N SER A 36 -6.05 9.50 -7.38
CA SER A 36 -6.00 10.14 -6.05
C SER A 36 -7.32 9.93 -5.26
N LYS A 37 -8.46 9.92 -5.99
CA LYS A 37 -9.80 9.69 -5.41
C LYS A 37 -10.02 8.19 -5.05
N THR A 38 -9.21 7.28 -5.65
CA THR A 38 -9.22 5.84 -5.28
C THR A 38 -8.44 5.65 -3.96
N PHE A 39 -7.40 6.46 -3.78
CA PHE A 39 -6.61 6.52 -2.52
C PHE A 39 -7.44 7.17 -1.38
N ALA A 40 -8.34 8.10 -1.76
CA ALA A 40 -9.34 8.70 -0.84
C ALA A 40 -10.42 7.66 -0.42
N TYR A 41 -10.80 6.78 -1.38
CA TYR A 41 -11.68 5.62 -1.13
C TYR A 41 -11.01 4.63 -0.14
N LEU A 42 -9.74 4.29 -0.42
CA LEU A 42 -8.91 3.38 0.40
C LEU A 42 -8.57 4.01 1.79
N ALA A 43 -8.62 5.34 1.89
CA ALA A 43 -8.51 6.06 3.17
C ALA A 43 -9.68 5.71 4.11
N ALA A 44 -10.91 5.88 3.61
CA ALA A 44 -12.15 5.58 4.38
C ALA A 44 -12.37 4.06 4.57
N LYS A 45 -11.86 3.25 3.62
CA LYS A 45 -11.97 1.77 3.67
C LYS A 45 -11.02 1.18 4.73
N LEU A 46 -9.76 1.65 4.74
CA LEU A 46 -8.68 1.07 5.58
C LEU A 46 -8.41 1.92 6.86
N ASP A 47 -9.23 2.98 7.09
CA ASP A 47 -9.07 3.94 8.21
C ASP A 47 -7.72 4.71 8.16
N LYS A 48 -7.21 4.91 6.92
CA LYS A 48 -5.95 5.63 6.63
C LYS A 48 -6.25 7.05 6.09
N ASN A 49 -5.24 7.72 5.50
CA ASN A 49 -5.38 9.07 4.89
C ASN A 49 -5.02 9.03 3.38
N PRO A 50 -5.70 9.85 2.49
CA PRO A 50 -5.51 9.78 1.01
C PRO A 50 -4.02 9.86 0.53
N ASN A 51 -3.26 10.81 1.11
CA ASN A 51 -1.82 11.01 0.80
C ASN A 51 -0.98 9.80 1.26
N GLN A 52 -1.30 9.28 2.45
CA GLN A 52 -0.59 8.13 3.07
C GLN A 52 -0.82 6.82 2.28
N VAL A 53 -2.02 6.65 1.71
CA VAL A 53 -2.35 5.50 0.81
C VAL A 53 -1.63 5.66 -0.55
N SER A 54 -1.57 6.91 -1.04
CA SER A 54 -0.90 7.28 -2.30
C SER A 54 0.61 6.93 -2.24
N GLU A 55 1.26 7.25 -1.11
CA GLU A 55 2.66 6.87 -0.83
C GLU A 55 2.81 5.33 -0.75
N ARG A 56 1.86 4.67 -0.05
CA ARG A 56 1.88 3.21 0.20
C ARG A 56 1.77 2.37 -1.10
N PHE A 57 0.99 2.89 -2.07
CA PHE A 57 0.92 2.33 -3.45
C PHE A 57 2.33 2.25 -4.09
N GLN A 58 3.08 3.34 -3.96
CA GLN A 58 4.43 3.48 -4.52
C GLN A 58 5.47 2.68 -3.70
N GLN A 59 5.16 2.42 -2.41
CA GLN A 59 5.98 1.52 -1.55
C GLN A 59 5.81 0.06 -2.00
N LEU A 60 4.58 -0.30 -2.41
CA LEU A 60 4.24 -1.62 -2.98
C LEU A 60 5.02 -1.89 -4.27
N MET A 61 4.94 -0.96 -5.24
CA MET A 61 5.66 -1.05 -6.53
C MET A 61 7.20 -1.06 -6.33
N LYS A 62 7.65 -0.36 -5.27
CA LYS A 62 9.07 -0.33 -4.84
C LYS A 62 9.55 -1.73 -4.35
N LEU A 63 8.62 -2.50 -3.73
CA LEU A 63 8.88 -3.90 -3.32
C LEU A 63 8.89 -4.86 -4.55
N PHE A 64 8.05 -4.55 -5.56
CA PHE A 64 8.00 -5.30 -6.85
C PHE A 64 9.33 -5.12 -7.66
N GLU A 65 9.94 -3.92 -7.53
CA GLU A 65 11.27 -3.61 -8.11
C GLU A 65 12.40 -4.39 -7.39
N LYS A 66 12.20 -4.66 -6.08
CA LYS A 66 13.07 -5.52 -5.22
C LYS A 66 14.41 -4.87 -4.81
N SER A 67 15.26 -4.51 -5.79
CA SER A 67 16.66 -4.09 -5.57
C SER A 67 16.81 -2.59 -5.16
N LYS A 68 17.26 -2.36 -3.91
CA LYS A 68 17.71 -1.03 -3.41
C LYS A 68 19.06 -1.19 -2.63
N CYS A 69 19.96 -2.03 -3.22
CA CYS A 69 21.35 -2.31 -2.73
C CYS A 69 21.41 -3.29 -1.52
N ARG A 70 20.31 -3.42 -0.76
CA ARG A 70 20.21 -4.36 0.40
C ARG A 70 19.69 -5.76 -0.04
N SER A 1 6.49 -21.02 -0.41
CA SER A 1 6.41 -20.40 0.95
C SER A 1 7.42 -19.24 1.07
N HIS A 2 8.72 -19.58 1.35
CA HIS A 2 9.85 -18.61 1.48
C HIS A 2 9.69 -17.65 2.69
N MET A 3 10.83 -17.26 3.31
CA MET A 3 10.87 -16.21 4.33
C MET A 3 10.64 -14.83 3.68
N LYS A 4 9.36 -14.46 3.52
CA LYS A 4 8.93 -13.21 2.85
C LYS A 4 9.27 -11.93 3.68
N ASN A 5 8.83 -10.75 3.18
CA ASN A 5 9.18 -9.42 3.73
C ASN A 5 10.70 -9.13 3.62
N VAL A 6 11.34 -9.70 2.58
CA VAL A 6 12.80 -9.49 2.30
C VAL A 6 13.11 -8.04 1.85
N ILE A 7 12.15 -7.39 1.13
CA ILE A 7 12.30 -5.98 0.70
C ILE A 7 11.96 -5.04 1.89
N LYS A 8 12.81 -4.02 2.12
CA LYS A 8 12.55 -2.99 3.17
C LYS A 8 11.49 -1.96 2.71
N LYS A 9 10.82 -1.32 3.70
CA LYS A 9 9.69 -0.39 3.48
C LYS A 9 10.20 1.08 3.33
N LYS A 10 11.44 1.25 2.82
CA LYS A 10 12.16 2.55 2.68
C LYS A 10 12.57 3.13 4.07
N GLY A 11 11.57 3.54 4.88
CA GLY A 11 11.78 4.04 6.24
C GLY A 11 10.84 3.39 7.27
N GLU A 12 10.95 3.81 8.54
CA GLU A 12 10.08 3.31 9.62
C GLU A 12 8.71 4.01 9.58
N ILE A 13 7.70 3.31 9.04
CA ILE A 13 6.33 3.86 8.91
C ILE A 13 5.47 3.51 10.16
N ILE A 14 5.25 4.53 11.03
CA ILE A 14 4.59 4.37 12.35
C ILE A 14 3.07 4.14 12.23
N ILE A 15 2.49 4.57 11.10
CA ILE A 15 1.05 4.32 10.77
C ILE A 15 0.81 2.80 10.57
N LEU A 16 -0.33 2.28 11.11
CA LEU A 16 -0.67 0.83 11.05
C LEU A 16 -0.88 0.34 9.60
N TRP A 17 0.14 -0.32 9.03
CA TRP A 17 0.09 -0.92 7.68
C TRP A 17 0.45 -2.41 7.75
N THR A 18 -0.48 -3.28 7.30
CA THR A 18 -0.29 -4.76 7.29
C THR A 18 -0.59 -5.35 5.90
N ARG A 19 -0.25 -6.66 5.75
CA ARG A 19 -0.35 -7.43 4.47
C ARG A 19 -1.75 -7.35 3.81
N ASN A 20 -2.80 -7.20 4.64
CA ASN A 20 -4.20 -7.07 4.16
C ASN A 20 -4.48 -5.64 3.64
N ASP A 21 -4.04 -4.61 4.39
CA ASP A 21 -4.28 -3.18 4.03
C ASP A 21 -3.67 -2.83 2.64
N ASP A 22 -2.40 -3.20 2.45
CA ASP A 22 -1.65 -2.92 1.22
C ASP A 22 -2.18 -3.73 0.00
N ARG A 23 -2.68 -4.96 0.28
CA ARG A 23 -3.34 -5.82 -0.74
C ARG A 23 -4.65 -5.15 -1.25
N VAL A 24 -5.40 -4.47 -0.35
CA VAL A 24 -6.64 -3.71 -0.71
C VAL A 24 -6.31 -2.46 -1.56
N ILE A 25 -5.17 -1.78 -1.23
CA ILE A 25 -4.66 -0.64 -2.04
C ILE A 25 -4.44 -1.08 -3.51
N LEU A 26 -3.60 -2.12 -3.68
CA LEU A 26 -3.28 -2.70 -5.00
C LEU A 26 -4.54 -3.25 -5.73
N LEU A 27 -5.47 -3.83 -4.96
CA LEU A 27 -6.72 -4.43 -5.50
C LEU A 27 -7.55 -3.36 -6.25
N GLU A 28 -7.94 -2.28 -5.54
CA GLU A 28 -8.74 -1.18 -6.10
C GLU A 28 -7.93 -0.30 -7.11
N CYS A 29 -6.60 -0.26 -6.97
CA CYS A 29 -5.72 0.52 -7.90
C CYS A 29 -5.58 -0.15 -9.29
N GLN A 30 -5.53 -1.49 -9.33
CA GLN A 30 -5.48 -2.25 -10.62
C GLN A 30 -6.91 -2.40 -11.23
N LYS A 31 -7.90 -2.46 -10.33
CA LYS A 31 -9.34 -2.57 -10.68
C LYS A 31 -9.92 -1.26 -11.27
N ARG A 32 -9.62 -0.13 -10.62
CA ARG A 32 -10.24 1.19 -10.92
C ARG A 32 -9.23 2.23 -11.48
N GLY A 33 -7.93 2.05 -11.16
CA GLY A 33 -6.89 3.04 -11.53
C GLY A 33 -6.38 3.81 -10.30
N PRO A 34 -5.02 3.90 -10.06
CA PRO A 34 -4.46 4.63 -8.90
C PRO A 34 -4.54 6.17 -9.06
N SER A 35 -5.70 6.72 -8.67
CA SER A 35 -5.97 8.18 -8.72
C SER A 35 -6.78 8.62 -7.47
N SER A 36 -7.11 9.93 -7.39
CA SER A 36 -7.68 10.56 -6.17
C SER A 36 -9.01 9.93 -5.69
N LYS A 37 -9.87 9.51 -6.64
CA LYS A 37 -11.19 8.92 -6.32
C LYS A 37 -11.06 7.50 -5.68
N THR A 38 -9.97 6.80 -6.02
CA THR A 38 -9.67 5.46 -5.51
C THR A 38 -8.95 5.55 -4.15
N PHE A 39 -7.97 6.46 -4.04
CA PHE A 39 -7.20 6.70 -2.80
C PHE A 39 -8.07 7.32 -1.68
N ALA A 40 -9.11 8.10 -2.08
CA ALA A 40 -10.12 8.63 -1.14
C ALA A 40 -10.97 7.50 -0.51
N TYR A 41 -11.33 6.50 -1.34
CA TYR A 41 -12.04 5.29 -0.88
C TYR A 41 -11.15 4.46 0.08
N LEU A 42 -9.91 4.17 -0.36
CA LEU A 42 -8.91 3.39 0.41
C LEU A 42 -8.56 4.04 1.78
N ALA A 43 -8.63 5.38 1.81
CA ALA A 43 -8.48 6.17 3.06
C ALA A 43 -9.65 5.90 4.02
N ALA A 44 -10.88 6.11 3.54
CA ALA A 44 -12.13 5.87 4.31
C ALA A 44 -12.33 4.36 4.66
N LYS A 45 -11.75 3.48 3.83
CA LYS A 45 -11.88 2.00 3.96
C LYS A 45 -10.99 1.45 5.10
N LEU A 46 -9.70 1.82 5.04
CA LEU A 46 -8.66 1.35 5.99
C LEU A 46 -8.51 2.29 7.21
N ASP A 47 -9.30 3.40 7.22
CA ASP A 47 -9.28 4.45 8.28
C ASP A 47 -7.95 5.29 8.24
N LYS A 48 -7.41 5.46 7.02
CA LYS A 48 -6.17 6.26 6.75
C LYS A 48 -6.53 7.62 6.10
N ASN A 49 -5.51 8.33 5.56
CA ASN A 49 -5.70 9.56 4.74
C ASN A 49 -5.13 9.33 3.29
N PRO A 50 -5.71 9.98 2.21
CA PRO A 50 -5.36 9.70 0.78
C PRO A 50 -3.83 9.74 0.44
N ASN A 51 -3.09 10.73 0.99
CA ASN A 51 -1.62 10.84 0.78
C ASN A 51 -0.87 9.65 1.43
N GLN A 52 -1.32 9.23 2.63
CA GLN A 52 -0.73 8.11 3.39
C GLN A 52 -0.92 6.77 2.64
N VAL A 53 -2.02 6.66 1.90
CA VAL A 53 -2.32 5.49 1.04
C VAL A 53 -1.44 5.51 -0.25
N SER A 54 -1.38 6.69 -0.89
CA SER A 54 -0.71 6.90 -2.21
C SER A 54 0.82 6.67 -2.13
N GLU A 55 1.45 7.07 -0.99
CA GLU A 55 2.90 6.86 -0.76
C GLU A 55 3.24 5.37 -0.50
N ARG A 56 2.38 4.65 0.26
CA ARG A 56 2.56 3.19 0.52
C ARG A 56 2.33 2.36 -0.76
N PHE A 57 1.46 2.88 -1.65
CA PHE A 57 1.29 2.34 -3.04
C PHE A 57 2.65 2.33 -3.80
N GLN A 58 3.42 3.41 -3.66
CA GLN A 58 4.74 3.58 -4.31
C GLN A 58 5.85 2.72 -3.62
N GLN A 59 5.66 2.41 -2.32
CA GLN A 59 6.53 1.45 -1.58
C GLN A 59 6.21 -0.01 -2.01
N LEU A 60 4.93 -0.24 -2.37
CA LEU A 60 4.47 -1.52 -2.96
C LEU A 60 5.07 -1.75 -4.36
N MET A 61 5.27 -0.65 -5.12
CA MET A 61 5.94 -0.69 -6.45
C MET A 61 7.41 -1.18 -6.33
N LYS A 62 8.06 -0.87 -5.19
CA LYS A 62 9.43 -1.36 -4.87
C LYS A 62 9.46 -2.87 -4.53
N LEU A 63 8.36 -3.40 -3.96
CA LEU A 63 8.22 -4.87 -3.73
C LEU A 63 8.23 -5.63 -5.09
N PHE A 64 7.55 -5.05 -6.09
CA PHE A 64 7.51 -5.59 -7.47
C PHE A 64 8.82 -5.31 -8.27
N GLU A 65 9.49 -4.19 -7.94
CA GLU A 65 10.71 -3.72 -8.65
C GLU A 65 11.89 -4.70 -8.41
N LYS A 66 12.29 -4.84 -7.13
CA LYS A 66 13.50 -5.62 -6.74
C LYS A 66 13.65 -5.66 -5.21
N SER A 67 14.27 -6.73 -4.68
CA SER A 67 14.76 -6.76 -3.28
C SER A 67 15.99 -5.84 -3.13
N LYS A 68 16.07 -5.13 -1.98
CA LYS A 68 17.15 -4.12 -1.67
C LYS A 68 17.00 -2.82 -2.49
N CYS A 69 17.54 -1.71 -1.95
CA CYS A 69 17.47 -0.36 -2.57
C CYS A 69 18.29 -0.31 -3.89
N ARG A 70 19.62 -0.42 -3.78
CA ARG A 70 20.53 -0.47 -4.95
C ARG A 70 20.73 -1.93 -5.49
N SER A 1 -5.20 -19.34 9.93
CA SER A 1 -4.50 -18.56 11.00
C SER A 1 -2.96 -18.67 10.86
N HIS A 2 -2.22 -18.11 11.86
CA HIS A 2 -0.73 -18.08 11.89
C HIS A 2 -0.16 -17.25 10.70
N MET A 3 1.10 -17.56 10.27
CA MET A 3 1.78 -16.92 9.12
C MET A 3 2.04 -15.41 9.38
N LYS A 4 3.21 -15.11 9.99
CA LYS A 4 3.61 -13.73 10.37
C LYS A 4 5.16 -13.63 10.45
N ASN A 5 5.86 -14.64 9.87
CA ASN A 5 7.33 -14.77 9.97
C ASN A 5 8.03 -13.69 9.09
N VAL A 6 8.36 -12.55 9.71
CA VAL A 6 9.10 -11.45 9.06
C VAL A 6 10.55 -11.38 9.61
N ILE A 7 11.53 -11.36 8.68
CA ILE A 7 12.97 -11.30 9.01
C ILE A 7 13.43 -9.82 9.01
N LYS A 8 13.62 -9.24 10.23
CA LYS A 8 14.12 -7.86 10.43
C LYS A 8 13.23 -6.80 9.72
N LYS A 9 12.16 -6.34 10.42
CA LYS A 9 11.20 -5.36 9.85
C LYS A 9 11.85 -3.96 9.66
N LYS A 10 12.06 -3.60 8.39
CA LYS A 10 12.62 -2.29 7.99
C LYS A 10 11.47 -1.33 7.58
N GLY A 11 11.02 -0.49 8.52
CA GLY A 11 9.97 0.51 8.25
C GLY A 11 9.13 0.86 9.49
N GLU A 12 9.70 1.66 10.41
CA GLU A 12 8.95 2.24 11.54
C GLU A 12 7.98 3.33 11.04
N ILE A 13 6.68 2.98 10.98
CA ILE A 13 5.62 3.85 10.43
C ILE A 13 4.42 3.96 11.43
N ILE A 14 4.18 5.19 11.93
CA ILE A 14 3.12 5.51 12.91
C ILE A 14 1.68 5.28 12.33
N ILE A 15 1.60 5.23 11.00
CA ILE A 15 0.33 5.10 10.24
C ILE A 15 -0.34 3.70 10.46
N LEU A 16 0.47 2.71 10.90
CA LEU A 16 0.04 1.30 11.12
C LEU A 16 -0.39 0.63 9.80
N TRP A 17 0.60 0.28 8.96
CA TRP A 17 0.36 -0.43 7.69
C TRP A 17 0.63 -1.93 7.84
N THR A 18 -0.43 -2.75 7.74
CA THR A 18 -0.31 -4.22 7.68
C THR A 18 -0.37 -4.65 6.21
N ARG A 19 0.20 -5.83 5.89
CA ARG A 19 0.15 -6.40 4.52
C ARG A 19 -1.32 -6.61 4.03
N ASN A 20 -2.27 -6.68 4.98
CA ASN A 20 -3.73 -6.77 4.70
C ASN A 20 -4.28 -5.44 4.13
N ASP A 21 -3.82 -4.30 4.71
CA ASP A 21 -4.20 -2.94 4.23
C ASP A 21 -3.78 -2.71 2.76
N ASP A 22 -2.46 -2.79 2.54
CA ASP A 22 -1.83 -2.48 1.23
C ASP A 22 -2.23 -3.47 0.10
N ARG A 23 -2.56 -4.71 0.48
CA ARG A 23 -3.10 -5.73 -0.45
C ARG A 23 -4.39 -5.23 -1.17
N VAL A 24 -5.25 -4.51 -0.41
CA VAL A 24 -6.49 -3.91 -0.95
C VAL A 24 -6.17 -2.67 -1.85
N ILE A 25 -5.08 -1.94 -1.53
CA ILE A 25 -4.57 -0.84 -2.39
C ILE A 25 -4.21 -1.38 -3.80
N LEU A 26 -3.47 -2.51 -3.83
CA LEU A 26 -3.12 -3.22 -5.07
C LEU A 26 -4.37 -3.63 -5.89
N LEU A 27 -5.44 -4.04 -5.19
CA LEU A 27 -6.73 -4.44 -5.80
C LEU A 27 -7.40 -3.26 -6.54
N GLU A 28 -7.70 -2.17 -5.80
CA GLU A 28 -8.44 -1.00 -6.35
C GLU A 28 -7.61 -0.17 -7.36
N CYS A 29 -6.27 -0.29 -7.30
CA CYS A 29 -5.37 0.33 -8.30
C CYS A 29 -5.48 -0.37 -9.67
N GLN A 30 -5.80 -1.68 -9.66
CA GLN A 30 -6.05 -2.45 -10.90
C GLN A 30 -7.52 -2.28 -11.37
N LYS A 31 -8.45 -2.26 -10.40
CA LYS A 31 -9.91 -2.07 -10.65
C LYS A 31 -10.21 -0.71 -11.32
N ARG A 32 -9.92 0.37 -10.58
CA ARG A 32 -10.25 1.76 -10.99
C ARG A 32 -9.08 2.39 -11.78
N GLY A 33 -7.89 2.33 -11.17
CA GLY A 33 -6.67 3.00 -11.68
C GLY A 33 -5.96 3.79 -10.57
N PRO A 34 -4.60 3.92 -10.59
CA PRO A 34 -3.85 4.75 -9.61
C PRO A 34 -4.25 6.25 -9.69
N SER A 35 -5.18 6.65 -8.81
CA SER A 35 -5.76 8.03 -8.78
C SER A 35 -6.10 8.44 -7.33
N SER A 36 -6.17 9.76 -7.09
CA SER A 36 -6.44 10.33 -5.73
C SER A 36 -7.86 9.98 -5.21
N LYS A 37 -8.83 9.85 -6.15
CA LYS A 37 -10.22 9.41 -5.83
C LYS A 37 -10.27 7.91 -5.44
N THR A 38 -9.30 7.13 -5.95
CA THR A 38 -9.15 5.69 -5.63
C THR A 38 -8.51 5.54 -4.24
N PHE A 39 -7.48 6.37 -3.99
CA PHE A 39 -6.81 6.49 -2.68
C PHE A 39 -7.78 7.03 -1.61
N ALA A 40 -8.78 7.84 -2.04
CA ALA A 40 -9.84 8.36 -1.16
C ALA A 40 -10.80 7.25 -0.69
N TYR A 41 -11.18 6.34 -1.62
CA TYR A 41 -11.94 5.12 -1.29
C TYR A 41 -11.15 4.25 -0.29
N LEU A 42 -9.87 4.00 -0.63
CA LEU A 42 -8.92 3.22 0.19
C LEU A 42 -8.63 3.88 1.57
N ALA A 43 -8.82 5.20 1.65
CA ALA A 43 -8.74 5.94 2.93
C ALA A 43 -9.87 5.51 3.88
N ALA A 44 -11.11 5.59 3.39
CA ALA A 44 -12.32 5.18 4.14
C ALA A 44 -12.32 3.65 4.43
N LYS A 45 -11.80 2.87 3.46
CA LYS A 45 -11.72 1.40 3.52
C LYS A 45 -10.73 0.92 4.63
N LEU A 46 -9.51 1.51 4.63
CA LEU A 46 -8.40 1.05 5.51
C LEU A 46 -8.28 1.89 6.82
N ASP A 47 -9.17 2.93 6.95
CA ASP A 47 -9.24 3.89 8.12
C ASP A 47 -8.16 5.02 8.03
N LYS A 48 -7.31 5.01 6.99
CA LYS A 48 -6.24 6.03 6.82
C LYS A 48 -6.74 7.28 6.02
N ASN A 49 -5.78 8.13 5.59
CA ASN A 49 -6.04 9.29 4.69
C ASN A 49 -5.46 9.01 3.28
N PRO A 50 -6.03 9.63 2.18
CA PRO A 50 -5.65 9.30 0.76
C PRO A 50 -4.15 9.50 0.45
N ASN A 51 -3.54 10.50 1.09
CA ASN A 51 -2.10 10.80 0.95
C ASN A 51 -1.23 9.68 1.57
N GLN A 52 -1.66 9.15 2.73
CA GLN A 52 -0.97 8.04 3.42
C GLN A 52 -1.03 6.74 2.59
N VAL A 53 -2.23 6.50 2.02
CA VAL A 53 -2.49 5.40 1.06
C VAL A 53 -1.54 5.49 -0.16
N SER A 54 -1.34 6.73 -0.66
CA SER A 54 -0.44 7.01 -1.80
C SER A 54 1.03 6.70 -1.46
N GLU A 55 1.48 7.06 -0.23
CA GLU A 55 2.86 6.76 0.26
C GLU A 55 3.14 5.24 0.25
N ARG A 56 2.19 4.48 0.82
CA ARG A 56 2.22 2.99 0.85
C ARG A 56 2.19 2.38 -0.57
N PHE A 57 1.37 2.99 -1.46
CA PHE A 57 1.23 2.60 -2.89
C PHE A 57 2.60 2.61 -3.63
N GLN A 58 3.33 3.72 -3.50
CA GLN A 58 4.62 3.94 -4.19
C GLN A 58 5.71 2.98 -3.67
N GLN A 59 5.55 2.54 -2.41
CA GLN A 59 6.38 1.49 -1.79
C GLN A 59 6.06 0.13 -2.42
N LEU A 60 4.74 -0.17 -2.52
CA LEU A 60 4.19 -1.42 -3.11
C LEU A 60 4.73 -1.67 -4.54
N MET A 61 4.71 -0.62 -5.38
CA MET A 61 5.19 -0.70 -6.78
C MET A 61 6.63 -1.20 -6.87
N LYS A 62 7.51 -0.61 -6.07
CA LYS A 62 8.97 -0.91 -6.08
C LYS A 62 9.31 -2.26 -5.40
N LEU A 63 8.57 -2.61 -4.32
CA LEU A 63 8.77 -3.89 -3.56
C LEU A 63 8.26 -5.11 -4.37
N PHE A 64 7.12 -4.91 -5.07
CA PHE A 64 6.49 -5.97 -5.91
C PHE A 64 7.33 -6.20 -7.19
N GLU A 65 7.90 -5.12 -7.73
CA GLU A 65 8.85 -5.15 -8.86
C GLU A 65 10.20 -5.77 -8.44
N LYS A 66 10.62 -5.46 -7.19
CA LYS A 66 11.85 -5.97 -6.53
C LYS A 66 13.18 -5.33 -7.06
N SER A 67 13.19 -4.90 -8.35
CA SER A 67 14.42 -4.43 -9.04
C SER A 67 15.01 -3.13 -8.41
N LYS A 68 16.35 -3.00 -8.48
CA LYS A 68 17.10 -1.87 -7.90
C LYS A 68 17.63 -0.95 -9.06
N CYS A 69 18.78 -0.24 -8.85
CA CYS A 69 19.42 0.67 -9.85
C CYS A 69 18.66 2.01 -10.08
N ARG A 70 17.40 2.09 -9.64
CA ARG A 70 16.54 3.29 -9.78
C ARG A 70 16.07 3.79 -8.37
N SER A 1 -4.81 -24.46 -8.06
CA SER A 1 -4.65 -23.01 -7.78
C SER A 1 -3.46 -22.76 -6.82
N HIS A 2 -2.36 -22.17 -7.34
CA HIS A 2 -1.16 -21.82 -6.54
C HIS A 2 -0.64 -20.41 -6.90
N MET A 3 -0.27 -19.62 -5.88
CA MET A 3 0.30 -18.26 -6.04
C MET A 3 1.55 -18.07 -5.15
N LYS A 4 2.53 -17.30 -5.65
CA LYS A 4 3.76 -16.98 -4.91
C LYS A 4 3.51 -15.86 -3.88
N ASN A 5 3.25 -16.22 -2.61
CA ASN A 5 2.98 -15.26 -1.53
C ASN A 5 4.28 -14.66 -0.96
N VAL A 6 4.92 -13.80 -1.77
CA VAL A 6 6.17 -13.10 -1.40
C VAL A 6 5.82 -11.80 -0.61
N ILE A 7 5.97 -11.87 0.72
CA ILE A 7 5.46 -10.85 1.68
C ILE A 7 6.35 -9.58 1.71
N LYS A 8 7.66 -9.75 1.42
CA LYS A 8 8.71 -8.70 1.52
C LYS A 8 9.05 -8.33 2.99
N LYS A 9 10.35 -8.12 3.23
CA LYS A 9 10.84 -7.52 4.49
C LYS A 9 10.34 -6.06 4.60
N LYS A 10 9.48 -5.78 5.60
CA LYS A 10 8.90 -4.44 5.83
C LYS A 10 9.97 -3.42 6.25
N GLY A 11 10.07 -2.31 5.50
CA GLY A 11 10.90 -1.17 5.90
C GLY A 11 10.34 -0.44 7.14
N GLU A 12 11.16 0.42 7.78
CA GLU A 12 10.75 1.15 8.99
C GLU A 12 9.66 2.20 8.67
N ILE A 13 8.39 1.80 8.87
CA ILE A 13 7.22 2.69 8.71
C ILE A 13 6.65 3.03 10.11
N ILE A 14 6.39 4.33 10.35
CA ILE A 14 5.90 4.84 11.66
C ILE A 14 4.36 4.68 11.84
N ILE A 15 3.67 4.25 10.76
CA ILE A 15 2.19 4.07 10.74
C ILE A 15 1.81 2.57 10.66
N LEU A 16 0.68 2.21 11.30
CA LEU A 16 0.10 0.85 11.27
C LEU A 16 -0.29 0.44 9.83
N TRP A 17 0.51 -0.43 9.21
CA TRP A 17 0.24 -1.00 7.86
C TRP A 17 0.40 -2.53 7.87
N THR A 18 -0.68 -3.25 7.53
CA THR A 18 -0.68 -4.73 7.49
C THR A 18 -0.67 -5.21 6.02
N ARG A 19 -0.40 -6.50 5.83
CA ARG A 19 -0.44 -7.15 4.50
C ARG A 19 -1.85 -7.15 3.89
N ASN A 20 -2.89 -7.00 4.74
CA ASN A 20 -4.30 -6.84 4.31
C ASN A 20 -4.53 -5.45 3.70
N ASP A 21 -3.97 -4.40 4.36
CA ASP A 21 -3.96 -3.02 3.81
C ASP A 21 -3.25 -2.98 2.44
N ASP A 22 -2.09 -3.66 2.36
CA ASP A 22 -1.30 -3.82 1.11
C ASP A 22 -2.14 -4.44 -0.03
N ARG A 23 -2.75 -5.60 0.28
CA ARG A 23 -3.61 -6.36 -0.67
C ARG A 23 -4.76 -5.47 -1.23
N VAL A 24 -5.46 -4.75 -0.33
CA VAL A 24 -6.62 -3.92 -0.71
C VAL A 24 -6.21 -2.70 -1.57
N ILE A 25 -5.10 -2.00 -1.23
CA ILE A 25 -4.57 -0.87 -2.05
C ILE A 25 -4.27 -1.34 -3.50
N LEU A 26 -3.48 -2.42 -3.61
CA LEU A 26 -3.07 -3.01 -4.90
C LEU A 26 -4.29 -3.51 -5.73
N LEU A 27 -5.29 -4.07 -5.03
CA LEU A 27 -6.48 -4.67 -5.68
C LEU A 27 -7.44 -3.58 -6.23
N GLU A 28 -7.92 -2.69 -5.35
CA GLU A 28 -8.92 -1.65 -5.69
C GLU A 28 -8.35 -0.60 -6.69
N CYS A 29 -7.01 -0.44 -6.73
CA CYS A 29 -6.32 0.41 -7.74
C CYS A 29 -6.37 -0.21 -9.16
N GLN A 30 -6.41 -1.55 -9.23
CA GLN A 30 -6.62 -2.26 -10.53
C GLN A 30 -8.12 -2.24 -10.95
N LYS A 31 -9.03 -2.11 -9.96
CA LYS A 31 -10.50 -2.05 -10.18
C LYS A 31 -10.93 -0.65 -10.71
N ARG A 32 -10.73 0.40 -9.89
CA ARG A 32 -11.19 1.78 -10.21
C ARG A 32 -10.11 2.63 -10.93
N GLY A 33 -8.89 2.08 -11.14
CA GLY A 33 -7.75 2.84 -11.71
C GLY A 33 -6.86 3.48 -10.61
N PRO A 34 -5.50 3.59 -10.80
CA PRO A 34 -4.56 4.14 -9.78
C PRO A 34 -4.60 5.70 -9.68
N SER A 35 -5.81 6.28 -9.70
CA SER A 35 -6.04 7.75 -9.68
C SER A 35 -6.36 8.25 -8.25
N SER A 36 -6.36 9.59 -8.05
CA SER A 36 -6.65 10.24 -6.73
C SER A 36 -8.08 9.92 -6.23
N LYS A 37 -8.99 9.73 -7.20
CA LYS A 37 -10.39 9.31 -6.96
C LYS A 37 -10.48 7.94 -6.20
N THR A 38 -9.44 7.09 -6.39
CA THR A 38 -9.38 5.74 -5.77
C THR A 38 -8.60 5.79 -4.44
N PHE A 39 -7.57 6.65 -4.34
CA PHE A 39 -6.82 6.89 -3.08
C PHE A 39 -7.74 7.46 -1.96
N ALA A 40 -8.72 8.29 -2.39
CA ALA A 40 -9.78 8.83 -1.51
C ALA A 40 -10.70 7.69 -0.98
N TYR A 41 -11.04 6.74 -1.87
CA TYR A 41 -11.83 5.52 -1.52
C TYR A 41 -11.06 4.64 -0.50
N LEU A 42 -9.80 4.31 -0.83
CA LEU A 42 -8.89 3.46 -0.02
C LEU A 42 -8.62 4.05 1.39
N ALA A 43 -8.62 5.38 1.50
CA ALA A 43 -8.47 6.10 2.78
C ALA A 43 -9.60 5.74 3.77
N ALA A 44 -10.87 5.88 3.33
CA ALA A 44 -12.06 5.51 4.14
C ALA A 44 -12.22 3.97 4.26
N LYS A 45 -11.72 3.24 3.25
CA LYS A 45 -11.83 1.75 3.16
C LYS A 45 -10.87 1.05 4.17
N LEU A 46 -9.74 1.71 4.47
CA LEU A 46 -8.70 1.16 5.37
C LEU A 46 -8.52 2.01 6.65
N ASP A 47 -9.35 3.05 6.83
CA ASP A 47 -9.28 4.02 7.98
C ASP A 47 -7.93 4.81 7.99
N LYS A 48 -7.34 4.98 6.81
CA LYS A 48 -6.07 5.71 6.60
C LYS A 48 -6.32 7.13 6.03
N ASN A 49 -5.23 7.84 5.71
CA ASN A 49 -5.28 9.18 5.06
C ASN A 49 -4.83 9.06 3.57
N PRO A 50 -5.49 9.78 2.60
CA PRO A 50 -5.22 9.60 1.13
C PRO A 50 -3.73 9.80 0.73
N ASN A 51 -3.07 10.74 1.44
CA ASN A 51 -1.62 11.01 1.29
C ASN A 51 -0.78 9.75 1.63
N GLN A 52 -1.11 9.12 2.78
CA GLN A 52 -0.39 7.93 3.30
C GLN A 52 -0.70 6.66 2.48
N VAL A 53 -1.91 6.60 1.90
CA VAL A 53 -2.32 5.52 0.98
C VAL A 53 -1.47 5.58 -0.33
N SER A 54 -1.29 6.80 -0.86
CA SER A 54 -0.47 7.05 -2.06
C SER A 54 1.02 6.70 -1.81
N GLU A 55 1.54 7.12 -0.62
CA GLU A 55 2.92 6.77 -0.17
C GLU A 55 3.13 5.25 -0.03
N ARG A 56 2.15 4.56 0.57
CA ARG A 56 2.20 3.10 0.76
C ARG A 56 2.09 2.34 -0.59
N PHE A 57 1.23 2.85 -1.49
CA PHE A 57 1.01 2.29 -2.85
C PHE A 57 2.31 2.25 -3.67
N GLN A 58 2.96 3.40 -3.75
CA GLN A 58 4.19 3.58 -4.56
C GLN A 58 5.40 2.88 -3.90
N GLN A 59 5.36 2.74 -2.56
CA GLN A 59 6.37 1.98 -1.77
C GLN A 59 6.22 0.47 -2.07
N LEU A 60 4.95 0.00 -2.15
CA LEU A 60 4.58 -1.38 -2.57
C LEU A 60 5.15 -1.69 -3.98
N MET A 61 4.95 -0.75 -4.92
CA MET A 61 5.50 -0.85 -6.30
C MET A 61 7.03 -1.04 -6.28
N LYS A 62 7.72 -0.21 -5.46
CA LYS A 62 9.21 -0.30 -5.27
C LYS A 62 9.66 -1.69 -4.75
N LEU A 63 8.85 -2.28 -3.83
CA LEU A 63 9.11 -3.64 -3.31
C LEU A 63 9.06 -4.71 -4.44
N PHE A 64 7.96 -4.70 -5.22
CA PHE A 64 7.75 -5.66 -6.34
C PHE A 64 8.81 -5.49 -7.47
N GLU A 65 9.32 -4.24 -7.63
CA GLU A 65 10.43 -3.95 -8.58
C GLU A 65 11.76 -4.58 -8.10
N LYS A 66 12.20 -4.19 -6.88
CA LYS A 66 13.46 -4.69 -6.27
C LYS A 66 13.64 -4.14 -4.83
N SER A 67 14.12 -4.99 -3.91
CA SER A 67 14.42 -4.60 -2.50
C SER A 67 15.66 -3.66 -2.40
N LYS A 68 16.58 -3.78 -3.39
CA LYS A 68 17.86 -3.00 -3.46
C LYS A 68 18.83 -3.39 -2.31
N CYS A 69 20.01 -2.69 -2.26
CA CYS A 69 20.99 -2.78 -1.13
C CYS A 69 21.58 -4.22 -0.95
N ARG A 70 21.49 -5.05 -2.00
CA ARG A 70 21.91 -6.47 -1.95
C ARG A 70 23.46 -6.63 -2.01
N SER A 1 -11.26 -8.05 15.89
CA SER A 1 -11.34 -6.55 15.87
C SER A 1 -10.07 -5.91 16.49
N HIS A 2 -9.84 -6.16 17.80
CA HIS A 2 -8.63 -5.69 18.51
C HIS A 2 -7.35 -6.33 17.92
N MET A 3 -7.29 -7.68 17.97
CA MET A 3 -6.17 -8.50 17.41
C MET A 3 -4.80 -8.19 18.08
N LYS A 4 -3.73 -8.83 17.57
CA LYS A 4 -2.35 -8.57 18.00
C LYS A 4 -1.38 -9.04 16.89
N ASN A 5 -1.09 -8.13 15.95
CA ASN A 5 -0.18 -8.38 14.79
C ASN A 5 1.02 -7.40 14.82
N VAL A 6 1.25 -6.81 16.02
CA VAL A 6 2.28 -5.77 16.26
C VAL A 6 3.63 -6.37 16.75
N ILE A 7 3.84 -7.68 16.49
CA ILE A 7 4.98 -8.45 17.02
C ILE A 7 6.29 -8.07 16.28
N LYS A 8 7.01 -7.08 16.86
CA LYS A 8 8.32 -6.58 16.38
C LYS A 8 8.95 -5.62 17.42
N LYS A 9 10.27 -5.37 17.28
CA LYS A 9 11.01 -4.42 18.15
C LYS A 9 12.00 -3.59 17.29
N LYS A 10 11.43 -2.78 16.38
CA LYS A 10 12.18 -1.88 15.47
C LYS A 10 11.19 -1.03 14.63
N GLY A 11 11.61 0.21 14.27
CA GLY A 11 10.74 1.13 13.51
C GLY A 11 9.71 1.83 14.39
N GLU A 12 10.07 3.01 14.90
CA GLU A 12 9.30 3.76 15.92
C GLU A 12 8.06 4.51 15.33
N ILE A 13 7.71 4.19 14.06
CA ILE A 13 6.51 4.75 13.38
C ILE A 13 5.23 4.18 14.03
N ILE A 14 4.37 5.08 14.52
CA ILE A 14 3.19 4.74 15.36
C ILE A 14 1.99 4.15 14.54
N ILE A 15 2.08 4.20 13.20
CA ILE A 15 1.01 3.68 12.30
C ILE A 15 1.39 2.25 11.79
N LEU A 16 0.54 1.26 12.13
CA LEU A 16 0.74 -0.15 11.69
C LEU A 16 0.17 -0.36 10.26
N TRP A 17 1.05 -0.69 9.32
CA TRP A 17 0.68 -1.10 7.94
C TRP A 17 0.83 -2.63 7.78
N THR A 18 -0.29 -3.35 7.62
CA THR A 18 -0.30 -4.83 7.50
C THR A 18 -0.33 -5.25 6.02
N ARG A 19 0.04 -6.52 5.76
CA ARG A 19 -0.09 -7.16 4.42
C ARG A 19 -1.56 -7.15 3.92
N ASN A 20 -2.52 -7.04 4.87
CA ASN A 20 -3.97 -6.93 4.58
C ASN A 20 -4.27 -5.54 3.96
N ASP A 21 -3.72 -4.46 4.56
CA ASP A 21 -3.83 -3.08 4.01
C ASP A 21 -3.23 -3.00 2.58
N ASP A 22 -2.02 -3.58 2.43
CA ASP A 22 -1.31 -3.67 1.14
C ASP A 22 -2.15 -4.37 0.05
N ARG A 23 -2.75 -5.52 0.40
CA ARG A 23 -3.61 -6.30 -0.52
C ARG A 23 -4.84 -5.49 -1.00
N VAL A 24 -5.47 -4.72 -0.10
CA VAL A 24 -6.65 -3.88 -0.43
C VAL A 24 -6.25 -2.69 -1.35
N ILE A 25 -5.10 -2.06 -1.09
CA ILE A 25 -4.57 -0.96 -1.94
C ILE A 25 -4.36 -1.45 -3.40
N LEU A 26 -3.79 -2.64 -3.53
CA LEU A 26 -3.59 -3.30 -4.85
C LEU A 26 -4.93 -3.79 -5.46
N LEU A 27 -5.86 -4.24 -4.59
CA LEU A 27 -7.16 -4.81 -5.01
C LEU A 27 -8.08 -3.74 -5.66
N GLU A 28 -8.27 -2.61 -4.97
CA GLU A 28 -9.11 -1.49 -5.45
C GLU A 28 -8.41 -0.70 -6.59
N CYS A 29 -7.07 -0.82 -6.67
CA CYS A 29 -6.29 -0.27 -7.80
C CYS A 29 -6.51 -1.11 -9.09
N GLN A 30 -6.70 -2.43 -8.93
CA GLN A 30 -7.07 -3.34 -10.05
C GLN A 30 -8.59 -3.27 -10.36
N LYS A 31 -9.36 -2.69 -9.41
CA LYS A 31 -10.82 -2.45 -9.56
C LYS A 31 -11.08 -1.17 -10.40
N ARG A 32 -10.40 -0.07 -10.03
CA ARG A 32 -10.55 1.26 -10.69
C ARG A 32 -9.32 1.59 -11.58
N GLY A 33 -8.15 1.72 -10.93
CA GLY A 33 -6.91 2.19 -11.59
C GLY A 33 -6.15 3.19 -10.70
N PRO A 34 -4.80 3.34 -10.85
CA PRO A 34 -4.00 4.35 -10.09
C PRO A 34 -4.48 5.81 -10.32
N SER A 35 -5.10 6.40 -9.27
CA SER A 35 -5.66 7.77 -9.33
C SER A 35 -5.75 8.39 -7.92
N SER A 36 -5.75 9.73 -7.86
CA SER A 36 -6.00 10.50 -6.62
C SER A 36 -7.42 10.24 -6.08
N LYS A 37 -8.38 10.04 -7.00
CA LYS A 37 -9.77 9.64 -6.67
C LYS A 37 -9.80 8.25 -5.99
N THR A 38 -8.88 7.37 -6.42
CA THR A 38 -8.80 5.96 -5.93
C THR A 38 -8.03 5.91 -4.60
N PHE A 39 -7.11 6.87 -4.39
CA PHE A 39 -6.39 7.05 -3.11
C PHE A 39 -7.36 7.57 -2.01
N ALA A 40 -8.30 8.44 -2.43
CA ALA A 40 -9.38 8.94 -1.56
C ALA A 40 -10.37 7.79 -1.19
N TYR A 41 -10.65 6.94 -2.19
CA TYR A 41 -11.50 5.73 -2.04
C TYR A 41 -10.85 4.67 -1.09
N LEU A 42 -9.52 4.53 -1.20
CA LEU A 42 -8.71 3.64 -0.33
C LEU A 42 -8.53 4.22 1.09
N ALA A 43 -8.54 5.56 1.19
CA ALA A 43 -8.57 6.27 2.49
C ALA A 43 -9.87 5.95 3.25
N ALA A 44 -10.97 5.87 2.50
CA ALA A 44 -12.29 5.48 3.03
C ALA A 44 -12.36 3.97 3.38
N LYS A 45 -11.80 3.13 2.49
CA LYS A 45 -11.89 1.64 2.56
C LYS A 45 -11.04 1.08 3.74
N LEU A 46 -9.84 1.64 3.95
CA LEU A 46 -8.91 1.22 5.03
C LEU A 46 -8.97 2.14 6.27
N ASP A 47 -9.77 3.23 6.20
CA ASP A 47 -9.89 4.26 7.26
C ASP A 47 -8.53 4.95 7.57
N LYS A 48 -7.63 4.96 6.58
CA LYS A 48 -6.31 5.62 6.63
C LYS A 48 -6.39 7.05 6.05
N ASN A 49 -5.31 7.84 6.19
CA ASN A 49 -5.22 9.18 5.54
C ASN A 49 -4.94 9.04 4.03
N PRO A 50 -5.49 9.93 3.14
CA PRO A 50 -5.24 9.88 1.67
C PRO A 50 -3.73 10.04 1.33
N ASN A 51 -3.02 10.77 2.20
CA ASN A 51 -1.56 11.01 2.10
C ASN A 51 -0.78 9.73 2.45
N GLN A 52 -1.27 9.00 3.48
CA GLN A 52 -0.74 7.67 3.88
C GLN A 52 -0.94 6.62 2.76
N VAL A 53 -2.09 6.68 2.07
CA VAL A 53 -2.43 5.75 0.97
C VAL A 53 -1.54 5.99 -0.28
N SER A 54 -1.43 7.27 -0.72
CA SER A 54 -0.59 7.65 -1.89
C SER A 54 0.89 7.22 -1.70
N GLU A 55 1.42 7.44 -0.48
CA GLU A 55 2.77 6.96 -0.10
C GLU A 55 2.89 5.42 -0.16
N ARG A 56 1.96 4.72 0.51
CA ARG A 56 2.01 3.25 0.65
C ARG A 56 1.83 2.53 -0.72
N PHE A 57 1.06 3.15 -1.62
CA PHE A 57 0.92 2.71 -3.03
C PHE A 57 2.29 2.65 -3.73
N GLN A 58 3.02 3.76 -3.65
CA GLN A 58 4.33 3.93 -4.30
C GLN A 58 5.45 3.12 -3.61
N GLN A 59 5.25 2.81 -2.31
CA GLN A 59 6.10 1.84 -1.57
C GLN A 59 5.91 0.43 -2.16
N LEU A 60 4.65 0.05 -2.37
CA LEU A 60 4.25 -1.22 -3.02
C LEU A 60 4.83 -1.36 -4.44
N MET A 61 4.74 -0.29 -5.25
CA MET A 61 5.30 -0.26 -6.63
C MET A 61 6.84 -0.50 -6.62
N LYS A 62 7.49 0.05 -5.59
CA LYS A 62 8.94 -0.11 -5.36
C LYS A 62 9.29 -1.59 -4.97
N LEU A 63 8.34 -2.25 -4.28
CA LEU A 63 8.48 -3.68 -3.87
C LEU A 63 8.25 -4.65 -5.05
N PHE A 64 7.39 -4.23 -6.03
CA PHE A 64 7.19 -4.99 -7.31
C PHE A 64 8.50 -5.07 -8.14
N GLU A 65 9.35 -4.04 -7.99
CA GLU A 65 10.72 -4.05 -8.54
C GLU A 65 11.56 -5.14 -7.84
N LYS A 66 11.68 -5.01 -6.49
CA LYS A 66 12.43 -5.95 -5.62
C LYS A 66 12.20 -5.59 -4.15
N SER A 67 11.75 -6.58 -3.34
CA SER A 67 11.58 -6.40 -1.88
C SER A 67 12.94 -6.63 -1.16
N LYS A 68 13.74 -5.55 -1.09
CA LYS A 68 15.07 -5.54 -0.43
C LYS A 68 14.95 -5.00 1.02
N CYS A 69 15.65 -5.66 1.98
CA CYS A 69 15.51 -5.46 3.45
C CYS A 69 14.11 -5.92 3.95
N ARG A 70 13.06 -5.19 3.52
CA ARG A 70 11.66 -5.57 3.77
C ARG A 70 11.01 -6.17 2.48
N SER A 1 -12.18 -18.61 -10.56
CA SER A 1 -12.21 -17.82 -9.29
C SER A 1 -11.34 -18.49 -8.20
N HIS A 2 -10.27 -17.79 -7.76
CA HIS A 2 -9.39 -18.24 -6.66
C HIS A 2 -9.03 -17.05 -5.74
N MET A 3 -8.42 -15.98 -6.34
CA MET A 3 -7.89 -14.80 -5.62
C MET A 3 -6.77 -15.22 -4.61
N LYS A 4 -6.26 -14.26 -3.79
CA LYS A 4 -5.39 -14.55 -2.60
C LYS A 4 -3.96 -15.07 -2.98
N ASN A 5 -3.68 -15.23 -4.29
CA ASN A 5 -2.38 -15.72 -4.79
C ASN A 5 -1.28 -14.61 -4.77
N VAL A 6 -0.04 -15.00 -5.12
CA VAL A 6 1.20 -14.19 -4.92
C VAL A 6 1.41 -13.91 -3.40
N ILE A 7 1.87 -14.95 -2.70
CA ILE A 7 2.01 -14.94 -1.22
C ILE A 7 3.27 -14.15 -0.82
N LYS A 8 3.06 -12.90 -0.39
CA LYS A 8 4.13 -12.00 0.09
C LYS A 8 3.84 -11.52 1.53
N LYS A 9 4.89 -11.50 2.35
CA LYS A 9 4.83 -11.14 3.80
C LYS A 9 6.18 -10.54 4.24
N LYS A 10 6.14 -9.78 5.36
CA LYS A 10 7.28 -8.94 5.85
C LYS A 10 7.59 -7.76 4.88
N GLY A 11 8.72 -7.06 5.12
CA GLY A 11 9.17 -5.95 4.25
C GLY A 11 9.35 -4.64 5.03
N GLU A 12 9.96 -3.64 4.37
CA GLU A 12 10.23 -2.32 4.98
C GLU A 12 9.05 -1.34 4.82
N ILE A 13 8.19 -1.25 5.87
CA ILE A 13 7.15 -0.22 5.98
C ILE A 13 7.43 0.65 7.23
N ILE A 14 7.58 1.96 7.04
CA ILE A 14 7.84 2.93 8.15
C ILE A 14 6.53 3.31 8.90
N ILE A 15 5.41 3.16 8.22
CA ILE A 15 4.06 3.42 8.76
C ILE A 15 3.43 2.09 9.30
N LEU A 16 2.46 2.17 10.22
CA LEU A 16 1.75 0.98 10.74
C LEU A 16 0.67 0.52 9.71
N TRP A 17 1.07 -0.40 8.80
CA TRP A 17 0.18 -1.06 7.81
C TRP A 17 0.16 -2.59 8.06
N THR A 18 -1.01 -3.24 7.79
CA THR A 18 -1.11 -4.72 7.84
C THR A 18 -1.08 -5.30 6.42
N ARG A 19 -0.88 -6.63 6.30
CA ARG A 19 -0.88 -7.34 4.99
C ARG A 19 -2.30 -7.33 4.35
N ASN A 20 -3.33 -7.12 5.20
CA ASN A 20 -4.74 -7.07 4.79
C ASN A 20 -5.04 -5.73 4.08
N ASP A 21 -4.65 -4.60 4.74
CA ASP A 21 -4.81 -3.24 4.18
C ASP A 21 -3.96 -3.08 2.90
N ASP A 22 -2.73 -3.61 2.98
CA ASP A 22 -1.76 -3.65 1.86
C ASP A 22 -2.37 -4.31 0.59
N ARG A 23 -2.98 -5.50 0.80
CA ARG A 23 -3.60 -6.30 -0.29
C ARG A 23 -4.91 -5.64 -0.81
N VAL A 24 -5.62 -4.89 0.05
CA VAL A 24 -6.82 -4.10 -0.36
C VAL A 24 -6.40 -2.91 -1.27
N ILE A 25 -5.28 -2.23 -0.93
CA ILE A 25 -4.72 -1.14 -1.77
C ILE A 25 -4.44 -1.65 -3.20
N LEU A 26 -3.58 -2.67 -3.33
CA LEU A 26 -3.14 -3.21 -4.64
C LEU A 26 -4.33 -3.75 -5.48
N LEU A 27 -5.33 -4.32 -4.79
CA LEU A 27 -6.49 -4.96 -5.45
C LEU A 27 -7.50 -3.91 -6.02
N GLU A 28 -8.01 -3.02 -5.16
CA GLU A 28 -9.04 -2.03 -5.55
C GLU A 28 -8.45 -0.82 -6.31
N CYS A 29 -7.13 -0.61 -6.21
CA CYS A 29 -6.43 0.47 -6.95
C CYS A 29 -6.35 0.15 -8.46
N GLN A 30 -5.88 -1.08 -8.79
CA GLN A 30 -5.85 -1.57 -10.20
C GLN A 30 -7.29 -1.80 -10.74
N LYS A 31 -8.24 -2.09 -9.83
CA LYS A 31 -9.68 -2.27 -10.16
C LYS A 31 -10.30 -0.94 -10.66
N ARG A 32 -10.08 0.14 -9.90
CA ARG A 32 -10.68 1.47 -10.19
C ARG A 32 -9.68 2.44 -10.89
N GLY A 33 -8.54 1.91 -11.36
CA GLY A 33 -7.51 2.71 -12.05
C GLY A 33 -6.63 3.52 -11.07
N PRO A 34 -5.30 3.18 -10.91
CA PRO A 34 -4.41 3.82 -9.89
C PRO A 34 -4.30 5.37 -10.04
N SER A 35 -5.07 6.11 -9.21
CA SER A 35 -5.20 7.58 -9.32
C SER A 35 -5.65 8.22 -7.98
N SER A 36 -5.68 9.56 -7.95
CA SER A 36 -5.99 10.39 -6.74
C SER A 36 -7.34 10.04 -6.09
N LYS A 37 -8.41 10.00 -6.90
CA LYS A 37 -9.79 9.70 -6.42
C LYS A 37 -9.97 8.23 -5.95
N THR A 38 -9.01 7.37 -6.32
CA THR A 38 -8.99 5.95 -5.92
C THR A 38 -8.27 5.80 -4.56
N PHE A 39 -7.24 6.65 -4.33
CA PHE A 39 -6.55 6.75 -3.02
C PHE A 39 -7.49 7.31 -1.93
N ALA A 40 -8.37 8.24 -2.33
CA ALA A 40 -9.42 8.82 -1.46
C ALA A 40 -10.48 7.76 -1.06
N TYR A 41 -10.80 6.86 -2.01
CA TYR A 41 -11.69 5.69 -1.76
C TYR A 41 -11.05 4.73 -0.72
N LEU A 42 -9.82 4.28 -1.02
CA LEU A 42 -9.03 3.37 -0.15
C LEU A 42 -8.70 3.99 1.23
N ALA A 43 -8.71 5.33 1.30
CA ALA A 43 -8.56 6.07 2.58
C ALA A 43 -9.73 5.79 3.54
N ALA A 44 -10.96 6.09 3.06
CA ALA A 44 -12.21 5.86 3.84
C ALA A 44 -12.46 4.35 4.08
N LYS A 45 -12.01 3.52 3.12
CA LYS A 45 -12.12 2.05 3.20
C LYS A 45 -11.22 1.47 4.32
N LEU A 46 -9.97 1.98 4.42
CA LEU A 46 -8.94 1.46 5.36
C LEU A 46 -8.74 2.39 6.59
N ASP A 47 -9.66 3.35 6.80
CA ASP A 47 -9.68 4.26 7.97
C ASP A 47 -8.42 5.21 8.03
N LYS A 48 -7.69 5.32 6.90
CA LYS A 48 -6.46 6.15 6.79
C LYS A 48 -6.69 7.43 5.96
N ASN A 49 -5.60 8.18 5.72
CA ASN A 49 -5.62 9.41 4.89
C ASN A 49 -5.28 9.06 3.41
N PRO A 50 -5.81 9.83 2.39
CA PRO A 50 -5.45 9.63 0.95
C PRO A 50 -3.93 9.62 0.69
N ASN A 51 -3.18 10.46 1.46
CA ASN A 51 -1.71 10.51 1.39
C ASN A 51 -1.09 9.17 1.86
N GLN A 52 -1.58 8.63 3.00
CA GLN A 52 -1.09 7.34 3.59
C GLN A 52 -1.17 6.17 2.57
N VAL A 53 -2.33 6.08 1.90
CA VAL A 53 -2.60 5.04 0.88
C VAL A 53 -1.69 5.21 -0.35
N SER A 54 -1.57 6.46 -0.82
CA SER A 54 -0.69 6.82 -1.96
C SER A 54 0.79 6.44 -1.68
N GLU A 55 1.26 6.71 -0.46
CA GLU A 55 2.63 6.39 -0.01
C GLU A 55 2.90 4.88 -0.04
N ARG A 56 2.03 4.10 0.64
CA ARG A 56 2.18 2.63 0.73
C ARG A 56 2.09 1.96 -0.67
N PHE A 57 1.20 2.49 -1.52
CA PHE A 57 1.05 2.06 -2.94
C PHE A 57 2.39 2.15 -3.72
N GLN A 58 3.00 3.34 -3.66
CA GLN A 58 4.24 3.64 -4.43
C GLN A 58 5.48 2.94 -3.84
N GLN A 59 5.43 2.62 -2.53
CA GLN A 59 6.44 1.76 -1.86
C GLN A 59 6.33 0.31 -2.41
N LEU A 60 5.08 -0.17 -2.53
CA LEU A 60 4.75 -1.49 -3.11
C LEU A 60 5.22 -1.63 -4.57
N MET A 61 4.96 -0.59 -5.39
CA MET A 61 5.44 -0.51 -6.80
C MET A 61 6.99 -0.62 -6.86
N LYS A 62 7.65 0.11 -5.94
CA LYS A 62 9.12 0.13 -5.80
C LYS A 62 9.67 -1.27 -5.37
N LEU A 63 8.87 -2.02 -4.58
CA LEU A 63 9.21 -3.40 -4.16
C LEU A 63 9.07 -4.41 -5.33
N PHE A 64 8.07 -4.20 -6.22
CA PHE A 64 7.92 -5.00 -7.45
C PHE A 64 9.11 -4.77 -8.43
N GLU A 65 9.72 -3.58 -8.34
CA GLU A 65 10.95 -3.23 -9.10
C GLU A 65 12.22 -3.81 -8.40
N LYS A 66 12.25 -3.71 -7.06
CA LYS A 66 13.38 -4.19 -6.22
C LYS A 66 12.96 -4.27 -4.72
N SER A 67 12.86 -5.51 -4.20
CA SER A 67 12.50 -5.79 -2.78
C SER A 67 13.58 -6.65 -2.08
N LYS A 68 14.83 -6.60 -2.60
CA LYS A 68 15.99 -7.33 -2.02
C LYS A 68 16.24 -6.93 -0.54
N CYS A 69 16.16 -5.61 -0.27
CA CYS A 69 16.25 -5.04 1.09
C CYS A 69 15.40 -3.75 1.16
N ARG A 70 15.94 -2.63 0.62
CA ARG A 70 15.17 -1.40 0.31
C ARG A 70 15.42 -1.03 -1.19
N SER A 1 1.17 -25.11 -12.07
CA SER A 1 1.38 -24.27 -10.85
C SER A 1 0.70 -22.90 -10.98
N HIS A 2 -0.11 -22.53 -9.97
CA HIS A 2 -0.79 -21.20 -9.88
C HIS A 2 -0.11 -20.32 -8.79
N MET A 3 0.53 -20.99 -7.79
CA MET A 3 1.21 -20.33 -6.66
C MET A 3 2.43 -19.47 -7.11
N LYS A 4 2.84 -18.53 -6.23
CA LYS A 4 3.97 -17.60 -6.49
C LYS A 4 4.58 -17.09 -5.15
N ASN A 5 5.54 -16.15 -5.24
CA ASN A 5 6.00 -15.33 -4.09
C ASN A 5 5.68 -13.84 -4.34
N VAL A 6 5.24 -13.12 -3.29
CA VAL A 6 4.91 -11.67 -3.39
C VAL A 6 6.12 -10.78 -2.99
N ILE A 7 6.93 -11.29 -2.03
CA ILE A 7 8.13 -10.61 -1.48
C ILE A 7 7.78 -9.24 -0.80
N LYS A 8 7.53 -9.28 0.52
CA LYS A 8 7.42 -8.07 1.36
C LYS A 8 8.43 -8.17 2.53
N LYS A 9 9.42 -7.27 2.52
CA LYS A 9 10.43 -7.17 3.59
C LYS A 9 10.92 -5.71 3.76
N LYS A 10 11.52 -5.42 4.93
CA LYS A 10 12.08 -4.10 5.26
C LYS A 10 10.98 -2.99 5.28
N GLY A 11 9.73 -3.40 5.63
CA GLY A 11 8.60 -2.47 5.86
C GLY A 11 8.68 -1.78 7.23
N GLU A 12 9.78 -1.03 7.43
CA GLU A 12 10.18 -0.45 8.73
C GLU A 12 9.57 0.97 8.95
N ILE A 13 8.53 1.30 8.15
CA ILE A 13 7.76 2.56 8.27
C ILE A 13 7.00 2.65 9.63
N ILE A 14 6.89 3.88 10.17
CA ILE A 14 6.25 4.15 11.49
C ILE A 14 4.71 4.04 11.42
N ILE A 15 4.17 4.08 10.20
CA ILE A 15 2.71 4.04 9.93
C ILE A 15 2.16 2.60 10.09
N LEU A 16 0.94 2.47 10.63
CA LEU A 16 0.26 1.17 10.81
C LEU A 16 -0.27 0.66 9.44
N TRP A 17 0.28 -0.48 8.97
CA TRP A 17 -0.13 -1.17 7.73
C TRP A 17 -0.11 -2.71 7.94
N THR A 18 -1.06 -3.43 7.30
CA THR A 18 -1.04 -4.92 7.23
C THR A 18 -1.02 -5.35 5.75
N ARG A 19 -0.56 -6.59 5.49
CA ARG A 19 -0.53 -7.20 4.13
C ARG A 19 -1.95 -7.38 3.54
N ASN A 20 -2.98 -7.36 4.41
CA ASN A 20 -4.40 -7.33 4.00
C ASN A 20 -4.72 -5.97 3.35
N ASP A 21 -4.28 -4.87 4.01
CA ASP A 21 -4.43 -3.48 3.50
C ASP A 21 -3.65 -3.28 2.18
N ASP A 22 -2.42 -3.81 2.17
CA ASP A 22 -1.52 -3.83 0.99
C ASP A 22 -2.18 -4.52 -0.23
N ARG A 23 -2.86 -5.65 0.04
CA ARG A 23 -3.65 -6.41 -0.97
C ARG A 23 -4.79 -5.52 -1.54
N VAL A 24 -5.52 -4.83 -0.63
CA VAL A 24 -6.68 -3.98 -0.98
C VAL A 24 -6.28 -2.80 -1.90
N ILE A 25 -5.13 -2.15 -1.62
CA ILE A 25 -4.62 -1.03 -2.46
C ILE A 25 -4.34 -1.52 -3.91
N LEU A 26 -3.55 -2.60 -4.02
CA LEU A 26 -3.22 -3.25 -5.32
C LEU A 26 -4.49 -3.73 -6.06
N LEU A 27 -5.48 -4.23 -5.30
CA LEU A 27 -6.71 -4.84 -5.84
C LEU A 27 -7.68 -3.78 -6.40
N GLU A 28 -7.98 -2.74 -5.60
CA GLU A 28 -8.94 -1.67 -5.97
C GLU A 28 -8.35 -0.68 -7.01
N CYS A 29 -7.00 -0.67 -7.13
CA CYS A 29 -6.31 -0.01 -8.27
C CYS A 29 -6.62 -0.74 -9.60
N GLN A 30 -6.87 -2.07 -9.54
CA GLN A 30 -7.28 -2.88 -10.71
C GLN A 30 -8.81 -2.76 -10.99
N LYS A 31 -9.61 -2.43 -9.94
CA LYS A 31 -11.04 -2.05 -10.11
C LYS A 31 -11.18 -0.65 -10.76
N ARG A 32 -10.87 0.39 -9.97
CA ARG A 32 -11.11 1.80 -10.35
C ARG A 32 -9.96 2.39 -11.20
N GLY A 33 -8.71 2.28 -10.70
CA GLY A 33 -7.51 2.79 -11.39
C GLY A 33 -6.61 3.64 -10.49
N PRO A 34 -5.31 3.89 -10.88
CA PRO A 34 -4.40 4.81 -10.15
C PRO A 34 -4.88 6.30 -10.24
N SER A 35 -5.79 6.68 -9.33
CA SER A 35 -6.42 8.02 -9.30
C SER A 35 -6.59 8.48 -7.83
N SER A 36 -6.52 9.81 -7.59
CA SER A 36 -6.73 10.41 -6.23
C SER A 36 -8.16 10.14 -5.71
N LYS A 37 -9.11 10.07 -6.67
CA LYS A 37 -10.53 9.67 -6.44
C LYS A 37 -10.64 8.24 -5.82
N THR A 38 -9.72 7.35 -6.24
CA THR A 38 -9.66 5.94 -5.78
C THR A 38 -9.00 5.87 -4.38
N PHE A 39 -7.96 6.69 -4.20
CA PHE A 39 -7.25 6.85 -2.91
C PHE A 39 -8.15 7.47 -1.81
N ALA A 40 -9.16 8.27 -2.23
CA ALA A 40 -10.19 8.82 -1.33
C ALA A 40 -11.09 7.70 -0.74
N TYR A 41 -11.40 6.68 -1.57
CA TYR A 41 -12.10 5.45 -1.12
C TYR A 41 -11.22 4.64 -0.14
N LEU A 42 -10.00 4.32 -0.60
CA LEU A 42 -8.98 3.58 0.17
C LEU A 42 -8.57 4.32 1.47
N ALA A 43 -8.77 5.66 1.50
CA ALA A 43 -8.54 6.47 2.72
C ALA A 43 -9.49 6.08 3.87
N ALA A 44 -10.80 6.15 3.57
CA ALA A 44 -11.87 5.81 4.55
C ALA A 44 -11.91 4.28 4.87
N LYS A 45 -11.46 3.46 3.89
CA LYS A 45 -11.41 1.99 4.01
C LYS A 45 -10.31 1.59 5.02
N LEU A 46 -9.06 2.00 4.74
CA LEU A 46 -7.86 1.59 5.51
C LEU A 46 -7.65 2.44 6.78
N ASP A 47 -8.50 3.51 6.95
CA ASP A 47 -8.43 4.49 8.08
C ASP A 47 -7.22 5.47 7.93
N LYS A 48 -6.41 5.27 6.88
CA LYS A 48 -5.19 6.06 6.63
C LYS A 48 -5.48 7.17 5.60
N ASN A 49 -4.96 8.39 5.84
CA ASN A 49 -5.13 9.56 4.92
C ASN A 49 -4.74 9.23 3.45
N PRO A 50 -5.38 9.88 2.41
CA PRO A 50 -5.12 9.56 0.96
C PRO A 50 -3.63 9.77 0.55
N ASN A 51 -2.92 10.61 1.32
CA ASN A 51 -1.45 10.81 1.18
C ASN A 51 -0.68 9.54 1.58
N GLN A 52 -1.09 8.93 2.71
CA GLN A 52 -0.48 7.68 3.23
C GLN A 52 -0.74 6.50 2.26
N VAL A 53 -1.97 6.42 1.72
CA VAL A 53 -2.39 5.37 0.79
C VAL A 53 -1.70 5.51 -0.59
N SER A 54 -1.61 6.75 -1.10
CA SER A 54 -0.96 7.04 -2.41
C SER A 54 0.53 6.69 -2.38
N GLU A 55 1.17 6.98 -1.23
CA GLU A 55 2.58 6.64 -1.00
C GLU A 55 2.76 5.12 -0.76
N ARG A 56 1.80 4.47 -0.07
CA ARG A 56 1.86 3.03 0.23
C ARG A 56 1.74 2.18 -1.05
N PHE A 57 0.93 2.65 -2.00
CA PHE A 57 0.84 2.11 -3.36
C PHE A 57 2.25 2.05 -4.01
N GLN A 58 2.99 3.15 -3.85
CA GLN A 58 4.36 3.29 -4.36
C GLN A 58 5.37 2.49 -3.50
N GLN A 59 5.10 2.32 -2.18
CA GLN A 59 5.97 1.56 -1.24
C GLN A 59 5.94 0.05 -1.56
N LEU A 60 4.74 -0.42 -1.94
CA LEU A 60 4.52 -1.76 -2.53
C LEU A 60 5.44 -1.95 -3.75
N MET A 61 5.38 -0.97 -4.67
CA MET A 61 6.21 -0.96 -5.90
C MET A 61 7.71 -0.73 -5.63
N LYS A 62 8.08 -0.08 -4.50
CA LYS A 62 9.49 0.05 -4.06
C LYS A 62 10.10 -1.34 -3.76
N LEU A 63 9.29 -2.19 -3.10
CA LEU A 63 9.67 -3.59 -2.76
C LEU A 63 9.62 -4.51 -4.01
N PHE A 64 8.56 -4.35 -4.84
CA PHE A 64 8.41 -5.11 -6.11
C PHE A 64 9.52 -4.77 -7.13
N GLU A 65 10.05 -3.53 -7.04
CA GLU A 65 11.21 -3.11 -7.84
C GLU A 65 12.47 -3.82 -7.29
N LYS A 66 12.82 -3.50 -6.01
CA LYS A 66 13.92 -4.12 -5.23
C LYS A 66 13.75 -3.77 -3.74
N SER A 67 14.02 -2.50 -3.40
CA SER A 67 13.90 -1.94 -2.03
C SER A 67 14.24 -0.43 -2.03
N LYS A 68 13.46 0.36 -1.28
CA LYS A 68 13.68 1.82 -1.13
C LYS A 68 13.01 2.34 0.16
N CYS A 69 13.82 2.84 1.10
CA CYS A 69 13.35 3.35 2.41
C CYS A 69 12.76 4.79 2.32
N ARG A 70 13.03 5.47 1.17
CA ARG A 70 12.58 6.86 0.87
C ARG A 70 13.28 7.89 1.83
N SER A 1 2.27 -14.25 -14.18
CA SER A 1 3.04 -14.23 -12.92
C SER A 1 2.54 -13.11 -11.97
N HIS A 2 2.18 -13.47 -10.72
CA HIS A 2 1.70 -12.52 -9.69
C HIS A 2 2.33 -12.87 -8.32
N MET A 3 3.08 -11.91 -7.74
CA MET A 3 3.78 -12.09 -6.44
C MET A 3 2.77 -12.15 -5.26
N LYS A 4 2.47 -13.37 -4.79
CA LYS A 4 1.52 -13.62 -3.68
C LYS A 4 2.25 -14.22 -2.45
N ASN A 5 2.86 -15.41 -2.64
CA ASN A 5 3.64 -16.08 -1.57
C ASN A 5 5.01 -15.38 -1.39
N VAL A 6 4.98 -14.28 -0.63
CA VAL A 6 6.17 -13.43 -0.37
C VAL A 6 6.22 -13.05 1.13
N ILE A 7 7.43 -13.12 1.72
CA ILE A 7 7.65 -12.74 3.12
C ILE A 7 7.95 -11.23 3.21
N LYS A 8 6.98 -10.43 3.73
CA LYS A 8 7.23 -9.03 4.13
C LYS A 8 8.14 -9.02 5.38
N LYS A 9 9.46 -9.13 5.14
CA LYS A 9 10.46 -9.24 6.21
C LYS A 9 10.56 -7.89 6.96
N LYS A 10 10.86 -6.82 6.20
CA LYS A 10 10.94 -5.44 6.72
C LYS A 10 10.29 -4.42 5.74
N GLY A 11 10.26 -3.15 6.20
CA GLY A 11 9.80 -2.02 5.42
C GLY A 11 9.78 -0.75 6.26
N GLU A 12 10.14 0.39 5.66
CA GLU A 12 10.17 1.69 6.38
C GLU A 12 8.74 2.27 6.49
N ILE A 13 8.00 1.82 7.53
CA ILE A 13 6.65 2.36 7.87
C ILE A 13 6.54 2.58 9.41
N ILE A 14 6.06 3.77 9.83
CA ILE A 14 5.79 4.10 11.26
C ILE A 14 4.27 3.95 11.60
N ILE A 15 3.44 4.13 10.58
CA ILE A 15 1.95 4.08 10.67
C ILE A 15 1.45 2.60 10.59
N LEU A 16 0.22 2.32 11.08
CA LEU A 16 -0.40 0.97 11.03
C LEU A 16 -0.71 0.54 9.57
N TRP A 17 0.27 -0.12 8.92
CA TRP A 17 0.13 -0.69 7.57
C TRP A 17 0.58 -2.16 7.55
N THR A 18 -0.31 -3.04 7.09
CA THR A 18 -0.13 -4.51 7.15
C THR A 18 -0.44 -5.15 5.77
N ARG A 19 -0.09 -6.44 5.60
CA ARG A 19 -0.30 -7.19 4.33
C ARG A 19 -1.78 -7.21 3.86
N ASN A 20 -2.71 -7.00 4.82
CA ASN A 20 -4.16 -6.98 4.55
C ASN A 20 -4.53 -5.69 3.77
N ASP A 21 -4.07 -4.54 4.28
CA ASP A 21 -4.40 -3.21 3.71
C ASP A 21 -3.64 -3.00 2.38
N ASP A 22 -2.36 -3.43 2.38
CA ASP A 22 -1.50 -3.49 1.18
C ASP A 22 -2.20 -4.24 0.00
N ARG A 23 -2.82 -5.39 0.33
CA ARG A 23 -3.62 -6.20 -0.64
C ARG A 23 -4.81 -5.37 -1.22
N VAL A 24 -5.54 -4.69 -0.32
CA VAL A 24 -6.72 -3.86 -0.69
C VAL A 24 -6.32 -2.68 -1.63
N ILE A 25 -5.13 -2.08 -1.38
CA ILE A 25 -4.58 -1.01 -2.25
C ILE A 25 -4.29 -1.55 -3.67
N LEU A 26 -3.57 -2.68 -3.76
CA LEU A 26 -3.26 -3.37 -5.04
C LEU A 26 -4.56 -3.79 -5.79
N LEU A 27 -5.62 -4.13 -5.03
CA LEU A 27 -6.92 -4.54 -5.59
C LEU A 27 -7.64 -3.34 -6.26
N GLU A 28 -7.87 -2.28 -5.47
CA GLU A 28 -8.60 -1.06 -5.94
C GLU A 28 -7.78 -0.25 -6.99
N CYS A 29 -6.44 -0.42 -6.98
CA CYS A 29 -5.54 0.18 -8.00
C CYS A 29 -5.75 -0.44 -9.40
N GLN A 30 -6.17 -1.71 -9.44
CA GLN A 30 -6.48 -2.43 -10.71
C GLN A 30 -8.01 -2.56 -10.93
N LYS A 31 -8.82 -2.32 -9.87
CA LYS A 31 -10.30 -2.34 -9.93
C LYS A 31 -10.85 -0.99 -10.44
N ARG A 32 -10.36 0.11 -9.85
CA ARG A 32 -10.64 1.49 -10.33
C ARG A 32 -9.44 2.02 -11.17
N GLY A 33 -8.27 2.14 -10.50
CA GLY A 33 -7.08 2.78 -11.08
C GLY A 33 -6.18 3.41 -10.01
N PRO A 34 -4.97 3.93 -10.35
CA PRO A 34 -4.03 4.55 -9.36
C PRO A 34 -4.32 6.07 -9.10
N SER A 35 -5.59 6.48 -9.19
CA SER A 35 -6.00 7.90 -9.01
C SER A 35 -6.10 8.32 -7.53
N SER A 36 -6.07 9.64 -7.27
CA SER A 36 -6.24 10.24 -5.93
C SER A 36 -7.65 9.99 -5.35
N LYS A 37 -8.64 9.85 -6.26
CA LYS A 37 -10.04 9.53 -5.89
C LYS A 37 -10.22 8.03 -5.52
N THR A 38 -9.26 7.19 -5.95
CA THR A 38 -9.19 5.76 -5.53
C THR A 38 -8.49 5.68 -4.16
N PHE A 39 -7.46 6.53 -3.97
CA PHE A 39 -6.77 6.70 -2.67
C PHE A 39 -7.73 7.30 -1.61
N ALA A 40 -8.71 8.10 -2.07
CA ALA A 40 -9.79 8.64 -1.22
C ALA A 40 -10.79 7.54 -0.78
N TYR A 41 -11.04 6.55 -1.68
CA TYR A 41 -11.82 5.34 -1.34
C TYR A 41 -11.07 4.54 -0.25
N LEU A 42 -9.80 4.21 -0.56
CA LEU A 42 -8.88 3.45 0.32
C LEU A 42 -8.62 4.17 1.67
N ALA A 43 -8.78 5.49 1.70
CA ALA A 43 -8.73 6.28 2.94
C ALA A 43 -9.91 5.90 3.88
N ALA A 44 -11.14 6.01 3.36
CA ALA A 44 -12.38 5.64 4.09
C ALA A 44 -12.48 4.11 4.35
N LYS A 45 -11.85 3.33 3.46
CA LYS A 45 -11.89 1.85 3.47
C LYS A 45 -10.95 1.27 4.56
N LEU A 46 -9.78 1.90 4.75
CA LEU A 46 -8.70 1.41 5.64
C LEU A 46 -8.49 2.33 6.87
N ASP A 47 -9.43 3.28 7.11
CA ASP A 47 -9.40 4.27 8.25
C ASP A 47 -8.19 5.24 8.18
N LYS A 48 -7.63 5.41 6.96
CA LYS A 48 -6.40 6.22 6.74
C LYS A 48 -6.71 7.53 5.96
N ASN A 49 -5.67 8.16 5.39
CA ASN A 49 -5.80 9.40 4.58
C ASN A 49 -5.15 9.20 3.18
N PRO A 50 -5.70 9.86 2.09
CA PRO A 50 -5.27 9.60 0.67
C PRO A 50 -3.74 9.76 0.39
N ASN A 51 -3.05 10.62 1.16
CA ASN A 51 -1.57 10.81 1.06
C ASN A 51 -0.81 9.57 1.63
N GLN A 52 -1.25 9.08 2.79
CA GLN A 52 -0.74 7.81 3.41
C GLN A 52 -0.91 6.59 2.47
N VAL A 53 -2.08 6.54 1.80
CA VAL A 53 -2.40 5.48 0.82
C VAL A 53 -1.55 5.62 -0.46
N SER A 54 -1.39 6.87 -0.95
CA SER A 54 -0.55 7.21 -2.14
C SER A 54 0.91 6.81 -1.93
N GLU A 55 1.35 6.95 -0.68
CA GLU A 55 2.72 6.59 -0.26
C GLU A 55 2.90 5.05 -0.35
N ARG A 56 1.97 4.31 0.27
CA ARG A 56 1.99 2.83 0.32
C ARG A 56 1.81 2.18 -1.06
N PHE A 57 1.07 2.85 -1.96
CA PHE A 57 0.97 2.44 -3.37
C PHE A 57 2.39 2.36 -4.02
N GLN A 58 3.14 3.46 -3.90
CA GLN A 58 4.47 3.60 -4.51
C GLN A 58 5.55 2.74 -3.77
N GLN A 59 5.31 2.45 -2.48
CA GLN A 59 6.15 1.53 -1.69
C GLN A 59 5.94 0.07 -2.16
N LEU A 60 4.66 -0.28 -2.39
CA LEU A 60 4.25 -1.60 -2.96
C LEU A 60 4.89 -1.85 -4.34
N MET A 61 4.84 -0.81 -5.21
CA MET A 61 5.49 -0.85 -6.55
C MET A 61 7.01 -1.11 -6.42
N LYS A 62 7.64 -0.49 -5.40
CA LYS A 62 9.08 -0.60 -5.15
C LYS A 62 9.47 -2.01 -4.61
N LEU A 63 8.52 -2.67 -3.91
CA LEU A 63 8.69 -4.07 -3.43
C LEU A 63 8.78 -5.07 -4.61
N PHE A 64 8.07 -4.76 -5.72
CA PHE A 64 8.15 -5.52 -6.98
C PHE A 64 9.46 -5.21 -7.75
N GLU A 65 9.82 -3.91 -7.81
CA GLU A 65 11.04 -3.42 -8.52
C GLU A 65 12.35 -3.97 -7.89
N LYS A 66 12.43 -3.94 -6.55
CA LYS A 66 13.65 -4.32 -5.79
C LYS A 66 13.39 -5.51 -4.83
N SER A 67 14.46 -5.92 -4.12
CA SER A 67 14.41 -6.97 -3.09
C SER A 67 15.36 -6.61 -1.92
N LYS A 68 14.76 -6.12 -0.79
CA LYS A 68 15.49 -5.71 0.46
C LYS A 68 16.33 -4.41 0.25
N CYS A 69 15.98 -3.35 1.01
CA CYS A 69 16.55 -1.98 0.84
C CYS A 69 18.02 -1.86 1.32
N ARG A 70 18.47 -2.82 2.17
CA ARG A 70 19.86 -2.90 2.69
C ARG A 70 20.24 -1.68 3.61
N SER A 1 -0.26 -10.44 -11.35
CA SER A 1 0.91 -11.04 -10.68
C SER A 1 1.08 -10.48 -9.25
N HIS A 2 0.45 -11.19 -8.29
CA HIS A 2 0.49 -10.85 -6.84
C HIS A 2 0.85 -12.11 -6.03
N MET A 3 2.08 -12.17 -5.50
CA MET A 3 2.60 -13.35 -4.73
C MET A 3 2.75 -13.02 -3.23
N LYS A 4 2.60 -14.05 -2.37
CA LYS A 4 2.75 -13.90 -0.90
C LYS A 4 4.22 -13.61 -0.51
N ASN A 5 4.57 -12.31 -0.46
CA ASN A 5 5.91 -11.83 -0.06
C ASN A 5 5.77 -11.00 1.25
N VAL A 6 6.31 -11.52 2.37
CA VAL A 6 6.21 -10.86 3.70
C VAL A 6 6.80 -9.41 3.68
N ILE A 7 5.92 -8.41 3.90
CA ILE A 7 6.31 -6.98 3.86
C ILE A 7 7.18 -6.59 5.09
N LYS A 8 8.51 -6.62 4.90
CA LYS A 8 9.48 -6.12 5.87
C LYS A 8 9.69 -4.61 5.64
N LYS A 9 8.82 -3.80 6.25
CA LYS A 9 8.76 -2.33 6.04
C LYS A 9 9.77 -1.57 6.95
N LYS A 10 11.04 -1.99 6.90
CA LYS A 10 12.17 -1.31 7.55
C LYS A 10 12.48 0.03 6.81
N GLY A 11 12.25 1.17 7.50
CA GLY A 11 12.48 2.48 6.89
C GLY A 11 11.97 3.65 7.76
N GLU A 12 11.47 4.71 7.09
CA GLU A 12 11.03 5.96 7.77
C GLU A 12 9.49 6.09 7.87
N ILE A 13 8.75 4.99 7.56
CA ILE A 13 7.28 4.94 7.73
C ILE A 13 6.93 4.90 9.24
N ILE A 14 6.35 5.98 9.75
CA ILE A 14 5.99 6.14 11.18
C ILE A 14 4.50 5.77 11.45
N ILE A 15 3.78 5.39 10.38
CA ILE A 15 2.35 5.06 10.45
C ILE A 15 2.17 3.54 10.59
N LEU A 16 1.38 3.10 11.59
CA LEU A 16 1.12 1.66 11.84
C LEU A 16 0.20 1.07 10.73
N TRP A 17 0.82 0.36 9.79
CA TRP A 17 0.14 -0.35 8.68
C TRP A 17 0.28 -1.90 8.86
N THR A 18 -0.50 -2.69 8.07
CA THR A 18 -0.42 -4.19 8.07
C THR A 18 -0.04 -4.74 6.65
N ARG A 19 -0.04 -6.09 6.51
CA ARG A 19 0.09 -6.76 5.18
C ARG A 19 -1.23 -6.72 4.37
N ASN A 20 -2.35 -6.48 5.07
CA ASN A 20 -3.69 -6.47 4.48
C ASN A 20 -3.89 -5.30 3.49
N ASP A 21 -3.28 -4.13 3.80
CA ASP A 21 -3.41 -2.90 2.98
C ASP A 21 -2.81 -3.11 1.58
N ASP A 22 -1.67 -3.81 1.52
CA ASP A 22 -1.00 -4.20 0.26
C ASP A 22 -2.00 -4.86 -0.73
N ARG A 23 -2.71 -5.87 -0.22
CA ARG A 23 -3.78 -6.59 -0.95
C ARG A 23 -4.93 -5.67 -1.42
N VAL A 24 -5.44 -4.83 -0.49
CA VAL A 24 -6.59 -3.93 -0.72
C VAL A 24 -6.28 -2.83 -1.77
N ILE A 25 -5.10 -2.21 -1.66
CA ILE A 25 -4.65 -1.12 -2.56
C ILE A 25 -4.38 -1.65 -3.99
N LEU A 26 -3.58 -2.73 -4.11
CA LEU A 26 -3.30 -3.40 -5.41
C LEU A 26 -4.60 -3.87 -6.12
N LEU A 27 -5.65 -4.17 -5.32
CA LEU A 27 -6.96 -4.60 -5.84
C LEU A 27 -7.76 -3.41 -6.45
N GLU A 28 -8.06 -2.39 -5.63
CA GLU A 28 -8.95 -1.27 -6.02
C GLU A 28 -8.28 -0.29 -7.03
N CYS A 29 -6.95 -0.21 -7.00
CA CYS A 29 -6.18 0.72 -7.90
C CYS A 29 -6.31 0.30 -9.39
N GLN A 30 -6.16 -1.01 -9.65
CA GLN A 30 -6.30 -1.56 -11.01
C GLN A 30 -7.78 -1.73 -11.43
N LYS A 31 -8.65 -2.03 -10.44
CA LYS A 31 -10.08 -2.36 -10.69
C LYS A 31 -10.94 -1.09 -10.91
N ARG A 32 -10.59 0.02 -10.22
CA ARG A 32 -11.33 1.31 -10.35
C ARG A 32 -10.58 2.32 -11.25
N GLY A 33 -9.33 2.68 -10.87
CA GLY A 33 -8.54 3.63 -11.68
C GLY A 33 -7.33 4.23 -10.95
N PRO A 34 -6.47 5.02 -11.67
CA PRO A 34 -5.24 5.63 -11.09
C PRO A 34 -5.47 7.01 -10.43
N SER A 35 -6.75 7.47 -10.40
CA SER A 35 -7.13 8.79 -9.80
C SER A 35 -6.88 8.84 -8.27
N SER A 36 -6.61 10.05 -7.75
CA SER A 36 -6.41 10.29 -6.29
C SER A 36 -7.72 10.02 -5.49
N LYS A 37 -8.88 10.01 -6.19
CA LYS A 37 -10.19 9.69 -5.60
C LYS A 37 -10.38 8.17 -5.40
N THR A 38 -9.51 7.35 -6.05
CA THR A 38 -9.44 5.89 -5.77
C THR A 38 -8.66 5.66 -4.47
N PHE A 39 -7.59 6.47 -4.28
CA PHE A 39 -6.81 6.54 -3.02
C PHE A 39 -7.68 7.10 -1.85
N ALA A 40 -8.64 7.98 -2.19
CA ALA A 40 -9.62 8.54 -1.22
C ALA A 40 -10.68 7.50 -0.80
N TYR A 41 -11.08 6.64 -1.76
CA TYR A 41 -11.93 5.46 -1.48
C TYR A 41 -11.19 4.44 -0.58
N LEU A 42 -9.90 4.22 -0.90
CA LEU A 42 -8.99 3.37 -0.12
C LEU A 42 -8.74 3.94 1.29
N ALA A 43 -8.74 5.27 1.41
CA ALA A 43 -8.66 5.97 2.71
C ALA A 43 -9.90 5.70 3.59
N ALA A 44 -11.08 5.60 2.94
CA ALA A 44 -12.35 5.30 3.62
C ALA A 44 -12.35 3.87 4.23
N LYS A 45 -11.90 2.88 3.43
CA LYS A 45 -11.94 1.44 3.81
C LYS A 45 -10.72 0.99 4.64
N LEU A 46 -9.60 1.73 4.54
CA LEU A 46 -8.41 1.54 5.42
C LEU A 46 -8.49 2.43 6.68
N ASP A 47 -9.47 3.39 6.70
CA ASP A 47 -9.73 4.29 7.86
C ASP A 47 -8.52 5.24 8.13
N LYS A 48 -7.86 5.70 7.04
CA LYS A 48 -6.64 6.55 7.09
C LYS A 48 -6.72 7.76 6.13
N ASN A 49 -5.58 8.47 5.91
CA ASN A 49 -5.48 9.60 4.95
C ASN A 49 -5.17 9.10 3.50
N PRO A 50 -5.72 9.76 2.42
CA PRO A 50 -5.45 9.37 1.00
C PRO A 50 -3.93 9.49 0.63
N ASN A 51 -3.25 10.46 1.27
CA ASN A 51 -1.80 10.71 1.11
C ASN A 51 -0.98 9.52 1.64
N GLN A 52 -1.46 8.93 2.75
CA GLN A 52 -0.82 7.76 3.40
C GLN A 52 -1.06 6.44 2.61
N VAL A 53 -2.22 6.35 1.95
CA VAL A 53 -2.51 5.27 0.98
C VAL A 53 -1.53 5.34 -0.22
N SER A 54 -1.24 6.57 -0.68
CA SER A 54 -0.29 6.83 -1.77
C SER A 54 1.15 6.38 -1.40
N GLU A 55 1.55 6.62 -0.14
CA GLU A 55 2.86 6.13 0.40
C GLU A 55 3.00 4.60 0.18
N ARG A 56 1.99 3.88 0.66
CA ARG A 56 1.91 2.40 0.59
C ARG A 56 1.92 1.86 -0.86
N PHE A 57 1.18 2.54 -1.74
CA PHE A 57 1.12 2.23 -3.19
C PHE A 57 2.51 2.29 -3.87
N GLN A 58 3.22 3.40 -3.66
CA GLN A 58 4.53 3.67 -4.29
C GLN A 58 5.66 2.83 -3.64
N GLN A 59 5.45 2.42 -2.37
CA GLN A 59 6.33 1.44 -1.68
C GLN A 59 6.04 0.01 -2.19
N LEU A 60 4.81 -0.25 -2.62
CA LEU A 60 4.40 -1.55 -3.23
C LEU A 60 5.09 -1.80 -4.58
N MET A 61 5.19 -0.74 -5.41
CA MET A 61 5.91 -0.80 -6.70
C MET A 61 7.44 -0.93 -6.49
N LYS A 62 7.92 -0.44 -5.34
CA LYS A 62 9.31 -0.61 -4.87
C LYS A 62 9.57 -2.08 -4.41
N LEU A 63 8.57 -2.67 -3.71
CA LEU A 63 8.60 -4.10 -3.28
C LEU A 63 8.45 -5.05 -4.48
N PHE A 64 7.70 -4.60 -5.51
CA PHE A 64 7.47 -5.37 -6.75
C PHE A 64 8.79 -5.52 -7.55
N GLU A 65 9.58 -4.44 -7.58
CA GLU A 65 10.95 -4.43 -8.14
C GLU A 65 11.90 -5.34 -7.31
N LYS A 66 11.72 -5.30 -5.96
CA LYS A 66 12.48 -6.11 -4.94
C LYS A 66 13.92 -5.57 -4.66
N SER A 67 14.55 -4.93 -5.66
CA SER A 67 15.97 -4.49 -5.59
C SER A 67 16.20 -3.40 -4.52
N LYS A 68 16.50 -3.82 -3.28
CA LYS A 68 16.75 -2.93 -2.13
C LYS A 68 18.15 -2.28 -2.27
N CYS A 69 18.22 -1.19 -3.06
CA CYS A 69 19.48 -0.44 -3.34
C CYS A 69 19.54 0.89 -2.56
N ARG A 70 18.44 1.24 -1.87
CA ARG A 70 18.33 2.45 -1.02
C ARG A 70 18.26 2.05 0.48
N SER A 1 -1.30 -18.32 -7.53
CA SER A 1 0.00 -18.12 -6.82
C SER A 1 -0.18 -17.21 -5.59
N HIS A 2 0.51 -17.55 -4.48
CA HIS A 2 0.48 -16.76 -3.21
C HIS A 2 1.90 -16.67 -2.60
N MET A 3 2.33 -15.45 -2.23
CA MET A 3 3.68 -15.22 -1.66
C MET A 3 3.72 -13.88 -0.88
N LYS A 4 3.49 -13.96 0.45
CA LYS A 4 3.65 -12.80 1.38
C LYS A 4 4.82 -13.09 2.35
N ASN A 5 5.84 -12.22 2.35
CA ASN A 5 7.07 -12.41 3.17
C ASN A 5 7.62 -11.08 3.73
N VAL A 6 8.70 -11.19 4.55
CA VAL A 6 9.43 -10.03 5.16
C VAL A 6 8.49 -9.16 6.04
N ILE A 7 8.36 -9.56 7.31
CA ILE A 7 7.51 -8.87 8.31
C ILE A 7 8.33 -7.82 9.10
N LYS A 8 9.65 -8.02 9.20
CA LYS A 8 10.59 -7.06 9.81
C LYS A 8 10.97 -5.95 8.80
N LYS A 9 10.36 -4.76 8.94
CA LYS A 9 10.58 -3.59 8.05
C LYS A 9 11.59 -2.60 8.69
N LYS A 10 12.45 -1.98 7.86
CA LYS A 10 13.57 -1.12 8.33
C LYS A 10 13.18 0.38 8.47
N GLY A 11 12.02 0.62 9.12
CA GLY A 11 11.58 2.00 9.46
C GLY A 11 10.96 2.80 8.30
N GLU A 12 11.02 2.27 7.06
CA GLU A 12 10.40 2.93 5.89
C GLU A 12 8.88 2.88 6.02
N ILE A 13 8.26 4.06 5.96
CA ILE A 13 6.86 4.31 6.33
C ILE A 13 6.62 4.02 7.84
N ILE A 14 6.34 5.09 8.59
CA ILE A 14 6.21 5.09 10.07
C ILE A 14 4.85 4.45 10.51
N ILE A 15 3.85 4.60 9.64
CA ILE A 15 2.46 4.13 9.88
C ILE A 15 2.39 2.57 9.96
N LEU A 16 1.59 2.06 10.93
CA LEU A 16 1.35 0.61 11.09
C LEU A 16 0.40 0.09 9.97
N TRP A 17 0.98 -0.25 8.82
CA TRP A 17 0.25 -0.88 7.69
C TRP A 17 0.17 -2.40 7.90
N THR A 18 -1.06 -2.95 7.87
CA THR A 18 -1.27 -4.40 8.03
C THR A 18 -1.22 -5.08 6.65
N ARG A 19 -0.75 -6.32 6.60
CA ARG A 19 -0.49 -7.06 5.33
C ARG A 19 -1.79 -7.27 4.49
N ASN A 20 -2.95 -7.19 5.17
CA ASN A 20 -4.27 -7.19 4.52
C ASN A 20 -4.54 -5.81 3.86
N ASP A 21 -4.28 -4.75 4.64
CA ASP A 21 -4.58 -3.33 4.30
C ASP A 21 -3.86 -2.88 3.00
N ASP A 22 -2.52 -3.04 3.00
CA ASP A 22 -1.67 -2.67 1.85
C ASP A 22 -1.95 -3.53 0.59
N ARG A 23 -2.33 -4.79 0.81
CA ARG A 23 -2.77 -5.70 -0.28
C ARG A 23 -4.08 -5.21 -0.96
N VAL A 24 -5.01 -4.66 -0.14
CA VAL A 24 -6.28 -4.06 -0.63
C VAL A 24 -6.00 -2.77 -1.46
N ILE A 25 -4.96 -2.00 -1.10
CA ILE A 25 -4.51 -0.83 -1.90
C ILE A 25 -4.21 -1.24 -3.37
N LEU A 26 -3.33 -2.23 -3.53
CA LEU A 26 -2.98 -2.80 -4.85
C LEU A 26 -4.22 -3.35 -5.58
N LEU A 27 -5.07 -4.07 -4.82
CA LEU A 27 -6.29 -4.74 -5.35
C LEU A 27 -7.31 -3.72 -5.96
N GLU A 28 -7.61 -2.65 -5.21
CA GLU A 28 -8.56 -1.59 -5.63
C GLU A 28 -7.94 -0.61 -6.65
N CYS A 29 -6.60 -0.54 -6.70
CA CYS A 29 -5.87 0.19 -7.77
C CYS A 29 -5.93 -0.58 -9.11
N GLN A 30 -6.01 -1.92 -9.02
CA GLN A 30 -6.26 -2.79 -10.20
C GLN A 30 -7.75 -2.74 -10.63
N LYS A 31 -8.64 -2.29 -9.72
CA LYS A 31 -10.07 -2.04 -10.02
C LYS A 31 -10.28 -0.63 -10.67
N ARG A 32 -10.08 0.44 -9.88
CA ARG A 32 -10.35 1.83 -10.31
C ARG A 32 -9.19 2.44 -11.16
N GLY A 33 -7.95 2.18 -10.74
CA GLY A 33 -6.75 2.76 -11.38
C GLY A 33 -5.86 3.55 -10.40
N PRO A 34 -4.56 3.83 -10.72
CA PRO A 34 -3.69 4.70 -9.88
C PRO A 34 -4.13 6.19 -9.94
N SER A 35 -4.99 6.60 -8.99
CA SER A 35 -5.60 7.96 -8.97
C SER A 35 -5.88 8.46 -7.54
N SER A 36 -5.97 9.80 -7.37
CA SER A 36 -6.32 10.46 -6.08
C SER A 36 -7.75 10.05 -5.62
N LYS A 37 -8.63 9.78 -6.61
CA LYS A 37 -10.00 9.29 -6.37
C LYS A 37 -9.98 7.90 -5.68
N THR A 38 -8.99 7.09 -6.05
CA THR A 38 -8.81 5.71 -5.57
C THR A 38 -8.10 5.73 -4.20
N PHE A 39 -7.19 6.71 -4.01
CA PHE A 39 -6.49 6.92 -2.72
C PHE A 39 -7.45 7.43 -1.64
N ALA A 40 -8.40 8.30 -2.05
CA ALA A 40 -9.48 8.80 -1.18
C ALA A 40 -10.50 7.67 -0.85
N TYR A 41 -10.73 6.79 -1.84
CA TYR A 41 -11.61 5.62 -1.69
C TYR A 41 -11.04 4.59 -0.68
N LEU A 42 -9.75 4.29 -0.84
CA LEU A 42 -8.99 3.39 0.06
C LEU A 42 -8.76 4.03 1.45
N ALA A 43 -8.78 5.37 1.51
CA ALA A 43 -8.80 6.09 2.80
C ALA A 43 -10.08 5.77 3.59
N ALA A 44 -11.23 5.83 2.90
CA ALA A 44 -12.56 5.52 3.48
C ALA A 44 -12.69 4.00 3.82
N LYS A 45 -12.17 3.15 2.93
CA LYS A 45 -12.26 1.67 3.04
C LYS A 45 -11.34 1.10 4.14
N LEU A 46 -10.14 1.70 4.30
CA LEU A 46 -9.09 1.20 5.23
C LEU A 46 -8.92 2.09 6.49
N ASP A 47 -9.83 3.07 6.68
CA ASP A 47 -9.83 4.04 7.83
C ASP A 47 -8.62 5.03 7.79
N LYS A 48 -7.91 5.05 6.65
CA LYS A 48 -6.67 5.86 6.45
C LYS A 48 -6.97 7.27 5.87
N ASN A 49 -5.93 7.94 5.36
CA ASN A 49 -6.04 9.25 4.66
C ASN A 49 -5.39 9.13 3.23
N PRO A 50 -5.88 9.90 2.18
CA PRO A 50 -5.41 9.77 0.76
C PRO A 50 -3.88 9.74 0.55
N ASN A 51 -3.15 10.65 1.24
CA ASN A 51 -1.67 10.75 1.12
C ASN A 51 -0.98 9.51 1.74
N GLN A 52 -1.56 8.97 2.83
CA GLN A 52 -1.07 7.73 3.51
C GLN A 52 -1.16 6.51 2.55
N VAL A 53 -2.31 6.39 1.88
CA VAL A 53 -2.57 5.34 0.88
C VAL A 53 -1.59 5.47 -0.33
N SER A 54 -1.35 6.72 -0.75
CA SER A 54 -0.52 7.04 -1.94
C SER A 54 0.97 6.72 -1.73
N GLU A 55 1.53 7.10 -0.56
CA GLU A 55 2.95 6.83 -0.21
C GLU A 55 3.19 5.30 -0.08
N ARG A 56 2.25 4.59 0.56
CA ARG A 56 2.33 3.13 0.71
C ARG A 56 2.21 2.42 -0.66
N PHE A 57 1.32 2.95 -1.52
CA PHE A 57 1.08 2.44 -2.90
C PHE A 57 2.38 2.28 -3.71
N GLN A 58 3.16 3.36 -3.77
CA GLN A 58 4.41 3.39 -4.55
C GLN A 58 5.56 2.58 -3.88
N GLN A 59 5.47 2.39 -2.55
CA GLN A 59 6.39 1.48 -1.80
C GLN A 59 6.04 -0.01 -2.05
N LEU A 60 4.76 -0.27 -2.39
CA LEU A 60 4.29 -1.59 -2.83
C LEU A 60 4.73 -1.88 -4.28
N MET A 61 4.67 -0.86 -5.13
CA MET A 61 5.12 -0.93 -6.53
C MET A 61 6.66 -0.99 -6.62
N LYS A 62 7.33 -0.43 -5.60
CA LYS A 62 8.78 -0.58 -5.37
C LYS A 62 9.17 -2.08 -5.25
N LEU A 63 8.30 -2.87 -4.58
CA LEU A 63 8.48 -4.33 -4.43
C LEU A 63 8.38 -5.06 -5.80
N PHE A 64 7.45 -4.61 -6.66
CA PHE A 64 7.31 -5.15 -8.05
C PHE A 64 8.53 -4.80 -8.93
N GLU A 65 9.17 -3.65 -8.65
CA GLU A 65 10.43 -3.27 -9.31
C GLU A 65 11.61 -4.17 -8.82
N LYS A 66 11.71 -4.32 -7.47
CA LYS A 66 12.77 -5.10 -6.82
C LYS A 66 12.46 -5.32 -5.31
N SER A 67 12.48 -6.60 -4.87
CA SER A 67 12.30 -6.98 -3.45
C SER A 67 13.63 -7.49 -2.85
N LYS A 68 13.94 -7.06 -1.60
CA LYS A 68 15.18 -7.46 -0.87
C LYS A 68 14.85 -8.26 0.42
N CYS A 69 15.87 -8.41 1.31
CA CYS A 69 15.83 -9.23 2.54
C CYS A 69 15.74 -10.74 2.18
N ARG A 70 16.91 -11.33 1.89
CA ARG A 70 17.04 -12.76 1.47
C ARG A 70 16.89 -13.75 2.68
N SER A 1 9.04 -16.08 3.50
CA SER A 1 10.17 -16.07 4.47
C SER A 1 9.73 -15.42 5.80
N HIS A 2 9.93 -16.14 6.94
CA HIS A 2 9.60 -15.61 8.28
C HIS A 2 10.69 -14.61 8.75
N MET A 3 10.57 -13.35 8.29
CA MET A 3 11.56 -12.29 8.54
C MET A 3 11.24 -11.53 9.84
N LYS A 4 12.28 -11.29 10.66
CA LYS A 4 12.20 -10.46 11.88
C LYS A 4 13.08 -9.22 11.70
N ASN A 5 12.53 -8.03 12.00
CA ASN A 5 13.27 -6.76 11.92
C ASN A 5 13.97 -6.48 13.29
N VAL A 6 15.20 -7.01 13.46
CA VAL A 6 15.98 -6.88 14.72
C VAL A 6 16.42 -5.41 14.99
N ILE A 7 16.74 -4.67 13.91
CA ILE A 7 17.18 -3.25 13.99
C ILE A 7 15.97 -2.30 14.23
N LYS A 8 14.76 -2.74 13.80
CA LYS A 8 13.49 -1.99 13.95
C LYS A 8 13.48 -0.61 13.25
N LYS A 9 14.21 -0.52 12.14
CA LYS A 9 14.20 0.64 11.22
C LYS A 9 13.25 0.37 10.02
N LYS A 10 13.09 1.38 9.13
CA LYS A 10 12.20 1.35 7.93
C LYS A 10 10.68 1.31 8.32
N GLY A 11 10.22 0.14 8.84
CA GLY A 11 8.81 -0.04 9.25
C GLY A 11 8.44 0.76 10.52
N GLU A 12 8.01 2.02 10.31
CA GLU A 12 7.62 2.93 11.42
C GLU A 12 6.15 2.68 11.87
N ILE A 13 5.95 2.62 13.20
CA ILE A 13 4.68 2.14 13.82
C ILE A 13 3.54 3.23 13.80
N ILE A 14 3.89 4.48 13.41
CA ILE A 14 2.90 5.61 13.27
C ILE A 14 1.67 5.21 12.42
N ILE A 15 1.94 4.37 11.43
CA ILE A 15 0.93 3.81 10.51
C ILE A 15 1.08 2.27 10.45
N LEU A 16 0.19 1.56 11.18
CA LEU A 16 0.17 0.09 11.19
C LEU A 16 -0.46 -0.45 9.88
N TRP A 17 0.35 -0.44 8.82
CA TRP A 17 0.04 -1.10 7.55
C TRP A 17 0.35 -2.61 7.64
N THR A 18 -0.66 -3.44 7.37
CA THR A 18 -0.49 -4.91 7.30
C THR A 18 -0.69 -5.37 5.85
N ARG A 19 -0.26 -6.61 5.55
CA ARG A 19 -0.39 -7.21 4.20
C ARG A 19 -1.87 -7.25 3.72
N ASN A 20 -2.83 -7.16 4.66
CA ASN A 20 -4.27 -7.07 4.35
C ASN A 20 -4.61 -5.69 3.72
N ASP A 21 -4.15 -4.61 4.39
CA ASP A 21 -4.43 -3.20 3.97
C ASP A 21 -3.88 -2.89 2.57
N ASP A 22 -2.56 -3.07 2.41
CA ASP A 22 -1.84 -2.74 1.16
C ASP A 22 -2.30 -3.61 -0.05
N ARG A 23 -2.69 -4.86 0.24
CA ARG A 23 -3.27 -5.78 -0.77
C ARG A 23 -4.60 -5.25 -1.36
N VAL A 24 -5.44 -4.64 -0.50
CA VAL A 24 -6.69 -3.96 -0.92
C VAL A 24 -6.38 -2.73 -1.81
N ILE A 25 -5.31 -1.98 -1.45
CA ILE A 25 -4.82 -0.84 -2.29
C ILE A 25 -4.42 -1.31 -3.70
N LEU A 26 -3.65 -2.41 -3.76
CA LEU A 26 -3.19 -3.05 -5.01
C LEU A 26 -4.37 -3.58 -5.86
N LEU A 27 -5.41 -4.09 -5.19
CA LEU A 27 -6.62 -4.63 -5.84
C LEU A 27 -7.44 -3.48 -6.50
N GLU A 28 -7.77 -2.45 -5.71
CA GLU A 28 -8.60 -1.30 -6.16
C GLU A 28 -7.86 -0.38 -7.15
N CYS A 29 -6.52 -0.45 -7.14
CA CYS A 29 -5.66 0.22 -8.16
C CYS A 29 -5.85 -0.39 -9.56
N GLN A 30 -6.15 -1.70 -9.62
CA GLN A 30 -6.41 -2.43 -10.89
C GLN A 30 -7.93 -2.53 -11.19
N LYS A 31 -8.75 -2.44 -10.12
CA LYS A 31 -10.23 -2.51 -10.22
C LYS A 31 -10.80 -1.18 -10.75
N ARG A 32 -10.50 -0.07 -10.03
CA ARG A 32 -10.91 1.30 -10.43
C ARG A 32 -9.81 1.95 -11.30
N GLY A 33 -8.61 2.07 -10.70
CA GLY A 33 -7.47 2.75 -11.33
C GLY A 33 -6.56 3.44 -10.30
N PRO A 34 -5.44 4.10 -10.74
CA PRO A 34 -4.55 4.89 -9.84
C PRO A 34 -5.08 6.34 -9.59
N SER A 35 -6.42 6.48 -9.51
CA SER A 35 -7.11 7.77 -9.29
C SER A 35 -6.93 8.28 -7.84
N SER A 36 -6.82 9.60 -7.67
CA SER A 36 -6.79 10.26 -6.33
C SER A 36 -8.09 9.98 -5.53
N LYS A 37 -9.21 9.84 -6.28
CA LYS A 37 -10.54 9.46 -5.73
C LYS A 37 -10.51 8.02 -5.16
N THR A 38 -9.71 7.13 -5.80
CA THR A 38 -9.58 5.71 -5.40
C THR A 38 -8.73 5.60 -4.12
N PHE A 39 -7.68 6.43 -4.05
CA PHE A 39 -6.81 6.54 -2.86
C PHE A 39 -7.57 7.18 -1.65
N ALA A 40 -8.52 8.09 -1.95
CA ALA A 40 -9.42 8.70 -0.93
C ALA A 40 -10.49 7.69 -0.44
N TYR A 41 -10.94 6.81 -1.36
CA TYR A 41 -11.83 5.68 -1.04
C TYR A 41 -11.13 4.68 -0.10
N LEU A 42 -9.89 4.31 -0.45
CA LEU A 42 -9.02 3.41 0.35
C LEU A 42 -8.62 4.03 1.71
N ALA A 43 -8.55 5.37 1.76
CA ALA A 43 -8.37 6.13 3.01
C ALA A 43 -9.57 5.93 3.96
N ALA A 44 -10.78 6.13 3.42
CA ALA A 44 -12.04 5.98 4.20
C ALA A 44 -12.37 4.49 4.50
N LYS A 45 -11.90 3.58 3.64
CA LYS A 45 -12.14 2.12 3.76
C LYS A 45 -11.24 1.52 4.85
N LEU A 46 -9.93 1.80 4.75
CA LEU A 46 -8.90 1.31 5.71
C LEU A 46 -8.74 2.26 6.93
N ASP A 47 -9.58 3.34 6.97
CA ASP A 47 -9.60 4.36 8.08
C ASP A 47 -8.26 5.14 8.21
N LYS A 48 -7.49 5.19 7.10
CA LYS A 48 -6.20 5.90 6.99
C LYS A 48 -6.40 7.32 6.35
N ASN A 49 -5.29 7.96 5.95
CA ASN A 49 -5.30 9.28 5.25
C ASN A 49 -4.96 9.08 3.74
N PRO A 50 -5.58 9.88 2.80
CA PRO A 50 -5.38 9.70 1.32
C PRO A 50 -3.91 9.94 0.87
N ASN A 51 -3.21 10.82 1.61
CA ASN A 51 -1.77 11.11 1.41
C ASN A 51 -0.93 9.83 1.64
N GLN A 52 -1.21 9.15 2.79
CA GLN A 52 -0.56 7.88 3.15
C GLN A 52 -0.76 6.81 2.04
N VAL A 53 -2.03 6.55 1.69
CA VAL A 53 -2.43 5.49 0.74
C VAL A 53 -1.72 5.62 -0.64
N SER A 54 -1.69 6.86 -1.17
CA SER A 54 -1.02 7.18 -2.47
C SER A 54 0.49 6.88 -2.42
N GLU A 55 1.15 7.28 -1.30
CA GLU A 55 2.60 7.05 -1.08
C GLU A 55 2.93 5.55 -0.95
N ARG A 56 2.11 4.81 -0.16
CA ARG A 56 2.36 3.36 0.11
C ARG A 56 2.22 2.52 -1.17
N PHE A 57 1.28 2.91 -2.04
CA PHE A 57 1.10 2.32 -3.40
C PHE A 57 2.42 2.37 -4.21
N GLN A 58 3.03 3.55 -4.25
CA GLN A 58 4.26 3.82 -5.02
C GLN A 58 5.49 3.12 -4.40
N GLN A 59 5.43 2.86 -3.07
CA GLN A 59 6.46 2.08 -2.36
C GLN A 59 6.29 0.57 -2.65
N LEU A 60 5.02 0.10 -2.70
CA LEU A 60 4.64 -1.30 -3.03
C LEU A 60 5.26 -1.76 -4.36
N MET A 61 5.14 -0.89 -5.39
CA MET A 61 5.75 -1.11 -6.73
C MET A 61 7.27 -1.33 -6.64
N LYS A 62 7.94 -0.50 -5.82
CA LYS A 62 9.40 -0.58 -5.58
C LYS A 62 9.81 -1.82 -4.74
N LEU A 63 8.89 -2.28 -3.86
CA LEU A 63 9.10 -3.49 -3.03
C LEU A 63 9.08 -4.77 -3.89
N PHE A 64 8.17 -4.82 -4.89
CA PHE A 64 8.10 -5.95 -5.86
C PHE A 64 9.40 -6.06 -6.70
N GLU A 65 10.13 -4.94 -6.83
CA GLU A 65 11.44 -4.90 -7.50
C GLU A 65 12.56 -5.39 -6.53
N LYS A 66 12.71 -4.66 -5.38
CA LYS A 66 13.81 -4.86 -4.38
C LYS A 66 13.39 -4.26 -2.99
N SER A 67 14.37 -4.18 -2.06
CA SER A 67 14.26 -3.35 -0.80
C SER A 67 13.22 -3.86 0.24
N LYS A 68 12.77 -5.12 0.10
CA LYS A 68 11.77 -5.73 1.02
C LYS A 68 12.37 -6.05 2.43
N CYS A 69 11.75 -5.45 3.46
CA CYS A 69 12.03 -5.76 4.88
C CYS A 69 10.69 -5.89 5.64
N ARG A 70 10.43 -7.07 6.24
CA ARG A 70 9.19 -7.35 6.99
C ARG A 70 9.48 -7.30 8.52
N SER A 1 12.31 -16.63 -8.15
CA SER A 1 12.51 -16.59 -6.67
C SER A 1 12.72 -15.14 -6.18
N HIS A 2 12.57 -14.94 -4.85
CA HIS A 2 12.79 -13.63 -4.19
C HIS A 2 13.17 -13.83 -2.70
N MET A 3 13.94 -12.87 -2.13
CA MET A 3 14.36 -12.90 -0.71
C MET A 3 13.19 -12.56 0.25
N LYS A 4 13.33 -13.02 1.50
CA LYS A 4 12.25 -13.02 2.52
C LYS A 4 12.14 -11.68 3.29
N ASN A 5 10.90 -11.34 3.70
CA ASN A 5 10.62 -10.15 4.55
C ASN A 5 10.95 -10.44 6.03
N VAL A 6 11.48 -9.42 6.73
CA VAL A 6 11.78 -9.50 8.18
C VAL A 6 10.63 -8.89 9.00
N ILE A 7 10.11 -9.67 9.97
CA ILE A 7 9.07 -9.21 10.93
C ILE A 7 9.72 -8.22 11.93
N LYS A 8 9.40 -6.91 11.75
CA LYS A 8 9.98 -5.81 12.56
C LYS A 8 9.49 -5.88 14.03
N LYS A 9 8.16 -6.12 14.22
CA LYS A 9 7.49 -6.20 15.57
C LYS A 9 7.56 -4.83 16.33
N LYS A 10 6.78 -4.68 17.44
CA LYS A 10 6.84 -3.49 18.34
C LYS A 10 6.30 -2.21 17.64
N GLY A 11 5.10 -1.74 18.06
CA GLY A 11 4.38 -0.65 17.40
C GLY A 11 5.11 0.71 17.41
N GLU A 12 5.71 1.06 16.26
CA GLU A 12 6.46 2.33 16.07
C GLU A 12 5.60 3.36 15.31
N ILE A 13 5.93 4.66 15.44
CA ILE A 13 5.13 5.77 14.85
C ILE A 13 5.57 6.02 13.37
N ILE A 14 5.42 4.97 12.57
CA ILE A 14 5.72 4.94 11.11
C ILE A 14 4.48 4.53 10.30
N ILE A 15 3.32 4.41 11.00
CA ILE A 15 2.05 3.83 10.47
C ILE A 15 2.20 2.30 10.24
N LEU A 16 1.50 1.50 11.07
CA LEU A 16 1.61 0.02 11.09
C LEU A 16 0.83 -0.64 9.92
N TRP A 17 1.33 -0.47 8.69
CA TRP A 17 0.73 -1.06 7.47
C TRP A 17 0.89 -2.60 7.46
N THR A 18 -0.23 -3.34 7.28
CA THR A 18 -0.19 -4.83 7.19
C THR A 18 -0.33 -5.30 5.73
N ARG A 19 0.00 -6.58 5.51
CA ARG A 19 0.00 -7.22 4.17
C ARG A 19 -1.42 -7.21 3.52
N ASN A 20 -2.46 -7.08 4.38
CA ASN A 20 -3.86 -6.98 3.94
C ASN A 20 -4.17 -5.58 3.36
N ASP A 21 -3.77 -4.51 4.08
CA ASP A 21 -4.06 -3.10 3.71
C ASP A 21 -3.47 -2.73 2.35
N ASP A 22 -2.15 -2.98 2.21
CA ASP A 22 -1.39 -2.64 0.99
C ASP A 22 -1.91 -3.42 -0.26
N ARG A 23 -2.39 -4.66 -0.03
CA ARG A 23 -2.99 -5.51 -1.08
C ARG A 23 -4.36 -4.98 -1.54
N VAL A 24 -5.17 -4.48 -0.58
CA VAL A 24 -6.48 -3.85 -0.86
C VAL A 24 -6.31 -2.56 -1.73
N ILE A 25 -5.25 -1.78 -1.43
CA ILE A 25 -4.88 -0.59 -2.24
C ILE A 25 -4.65 -0.97 -3.73
N LEU A 26 -3.77 -1.96 -3.96
CA LEU A 26 -3.44 -2.44 -5.32
C LEU A 26 -4.67 -3.04 -6.05
N LEU A 27 -5.41 -3.90 -5.33
CA LEU A 27 -6.56 -4.66 -5.89
C LEU A 27 -7.69 -3.72 -6.39
N GLU A 28 -8.11 -2.77 -5.54
CA GLU A 28 -9.20 -1.82 -5.87
C GLU A 28 -8.73 -0.69 -6.83
N CYS A 29 -7.40 -0.48 -6.93
CA CYS A 29 -6.80 0.34 -8.03
C CYS A 29 -6.91 -0.40 -9.38
N GLN A 30 -6.90 -1.74 -9.37
CA GLN A 30 -7.14 -2.57 -10.59
C GLN A 30 -8.64 -2.76 -10.89
N LYS A 31 -9.50 -2.56 -9.88
CA LYS A 31 -10.98 -2.53 -10.05
C LYS A 31 -11.41 -1.21 -10.74
N ARG A 32 -10.84 -0.09 -10.25
CA ARG A 32 -11.23 1.28 -10.65
C ARG A 32 -10.14 1.95 -11.54
N GLY A 33 -9.01 2.32 -10.90
CA GLY A 33 -7.93 3.06 -11.57
C GLY A 33 -7.06 3.85 -10.56
N PRO A 34 -5.72 4.03 -10.81
CA PRO A 34 -4.83 4.87 -9.94
C PRO A 34 -5.21 6.38 -9.98
N SER A 35 -6.17 6.77 -9.11
CA SER A 35 -6.70 8.16 -9.03
C SER A 35 -6.69 8.65 -7.58
N SER A 36 -6.66 9.99 -7.40
CA SER A 36 -6.71 10.63 -6.06
C SER A 36 -8.09 10.42 -5.38
N LYS A 37 -9.15 10.29 -6.21
CA LYS A 37 -10.51 9.92 -5.73
C LYS A 37 -10.54 8.46 -5.23
N THR A 38 -9.71 7.59 -5.85
CA THR A 38 -9.62 6.16 -5.50
C THR A 38 -8.75 5.98 -4.24
N PHE A 39 -7.73 6.85 -4.08
CA PHE A 39 -6.89 6.92 -2.87
C PHE A 39 -7.70 7.48 -1.66
N ALA A 40 -8.65 8.39 -1.95
CA ALA A 40 -9.60 8.92 -0.96
C ALA A 40 -10.65 7.84 -0.54
N TYR A 41 -11.04 6.99 -1.51
CA TYR A 41 -11.88 5.81 -1.27
C TYR A 41 -11.18 4.79 -0.34
N LEU A 42 -9.92 4.46 -0.69
CA LEU A 42 -9.06 3.53 0.08
C LEU A 42 -8.68 4.11 1.46
N ALA A 43 -8.72 5.44 1.58
CA ALA A 43 -8.61 6.13 2.88
C ALA A 43 -9.82 5.80 3.80
N ALA A 44 -11.04 5.86 3.24
CA ALA A 44 -12.28 5.50 3.96
C ALA A 44 -12.42 3.97 4.16
N LYS A 45 -11.90 3.21 3.19
CA LYS A 45 -12.01 1.73 3.11
C LYS A 45 -11.06 1.02 4.11
N LEU A 46 -9.87 1.63 4.33
CA LEU A 46 -8.86 1.14 5.31
C LEU A 46 -8.86 1.98 6.61
N ASP A 47 -9.67 3.07 6.64
CA ASP A 47 -9.77 4.04 7.78
C ASP A 47 -8.41 4.79 8.02
N LYS A 48 -7.67 5.02 6.90
CA LYS A 48 -6.34 5.71 6.89
C LYS A 48 -6.42 7.12 6.23
N ASN A 49 -5.26 7.81 6.12
CA ASN A 49 -5.14 9.09 5.38
C ASN A 49 -4.88 8.84 3.87
N PRO A 50 -5.50 9.65 2.94
CA PRO A 50 -5.35 9.44 1.47
C PRO A 50 -3.90 9.69 0.97
N ASN A 51 -3.14 10.53 1.71
CA ASN A 51 -1.70 10.77 1.46
C ASN A 51 -0.89 9.49 1.75
N GLN A 52 -1.17 8.86 2.91
CA GLN A 52 -0.54 7.58 3.33
C GLN A 52 -0.82 6.42 2.33
N VAL A 53 -2.01 6.48 1.70
CA VAL A 53 -2.45 5.49 0.68
C VAL A 53 -1.74 5.73 -0.68
N SER A 54 -1.66 7.00 -1.12
CA SER A 54 -1.01 7.38 -2.41
C SER A 54 0.50 7.05 -2.40
N GLU A 55 1.16 7.37 -1.26
CA GLU A 55 2.56 6.99 -0.99
C GLU A 55 2.74 5.46 -1.01
N ARG A 56 1.78 4.73 -0.41
CA ARG A 56 1.86 3.27 -0.23
C ARG A 56 1.88 2.52 -1.57
N PHE A 57 1.02 2.95 -2.52
CA PHE A 57 1.00 2.46 -3.91
C PHE A 57 2.42 2.51 -4.56
N GLN A 58 3.06 3.68 -4.42
CA GLN A 58 4.37 3.97 -5.06
C GLN A 58 5.54 3.21 -4.38
N GLN A 59 5.42 3.00 -3.05
CA GLN A 59 6.38 2.21 -2.26
C GLN A 59 6.27 0.71 -2.60
N LEU A 60 5.02 0.23 -2.75
CA LEU A 60 4.67 -1.17 -3.08
C LEU A 60 5.39 -1.69 -4.34
N MET A 61 5.41 -0.83 -5.38
CA MET A 61 6.10 -1.13 -6.66
C MET A 61 7.60 -1.46 -6.41
N LYS A 62 8.23 -0.66 -5.53
CA LYS A 62 9.65 -0.83 -5.12
C LYS A 62 9.85 -2.01 -4.13
N LEU A 63 8.82 -2.31 -3.32
CA LEU A 63 8.87 -3.38 -2.28
C LEU A 63 8.86 -4.79 -2.90
N PHE A 64 8.20 -4.95 -4.08
CA PHE A 64 8.22 -6.22 -4.85
C PHE A 64 9.68 -6.65 -5.18
N GLU A 65 10.44 -5.72 -5.80
CA GLU A 65 11.86 -5.95 -6.15
C GLU A 65 12.78 -5.91 -4.90
N LYS A 66 12.35 -5.13 -3.87
CA LYS A 66 13.08 -4.97 -2.59
C LYS A 66 14.48 -4.34 -2.82
N SER A 67 14.49 -3.01 -3.01
CA SER A 67 15.73 -2.23 -3.33
C SER A 67 15.86 -0.98 -2.41
N LYS A 68 15.20 -1.01 -1.23
CA LYS A 68 15.21 0.13 -0.27
C LYS A 68 15.64 -0.35 1.15
N CYS A 69 16.94 -0.22 1.46
CA CYS A 69 17.48 -0.43 2.82
C CYS A 69 17.50 0.91 3.60
N ARG A 70 16.38 1.21 4.29
CA ARG A 70 16.25 2.48 5.07
C ARG A 70 16.58 2.23 6.58
N SER A 1 5.03 -26.17 -7.12
CA SER A 1 4.76 -24.72 -7.20
C SER A 1 5.98 -23.94 -7.79
N HIS A 2 7.11 -23.94 -7.04
CA HIS A 2 8.33 -23.13 -7.36
C HIS A 2 8.07 -21.59 -7.34
N MET A 3 6.91 -21.18 -6.78
CA MET A 3 6.63 -19.78 -6.44
C MET A 3 7.32 -19.45 -5.10
N LYS A 4 8.04 -18.32 -5.03
CA LYS A 4 8.78 -17.89 -3.80
C LYS A 4 7.86 -17.79 -2.57
N ASN A 5 8.43 -18.02 -1.37
CA ASN A 5 7.76 -17.76 -0.09
C ASN A 5 7.38 -16.26 0.00
N VAL A 6 6.13 -15.95 0.39
CA VAL A 6 5.57 -14.56 0.32
C VAL A 6 6.49 -13.54 1.04
N ILE A 7 7.26 -12.77 0.25
CA ILE A 7 8.23 -11.77 0.75
C ILE A 7 7.51 -10.44 1.07
N LYS A 8 7.61 -9.99 2.33
CA LYS A 8 6.92 -8.78 2.80
C LYS A 8 7.84 -7.53 2.70
N LYS A 9 9.00 -7.62 3.37
CA LYS A 9 9.95 -6.50 3.56
C LYS A 9 9.32 -5.32 4.36
N LYS A 10 9.61 -5.30 5.67
CA LYS A 10 9.15 -4.27 6.62
C LYS A 10 10.29 -3.94 7.61
N GLY A 11 11.42 -3.43 7.05
CA GLY A 11 12.64 -3.15 7.81
C GLY A 11 12.52 -1.93 8.73
N GLU A 12 12.36 -0.74 8.12
CA GLU A 12 12.12 0.52 8.85
C GLU A 12 10.60 0.84 8.92
N ILE A 13 10.23 1.84 9.75
CA ILE A 13 8.82 2.21 9.99
C ILE A 13 8.37 3.33 9.03
N ILE A 14 7.21 3.11 8.38
CA ILE A 14 6.54 4.11 7.51
C ILE A 14 5.00 3.90 7.64
N ILE A 15 4.44 4.38 8.79
CA ILE A 15 3.01 4.23 9.18
C ILE A 15 2.65 2.73 9.47
N LEU A 16 1.82 2.50 10.52
CA LEU A 16 1.43 1.13 10.91
C LEU A 16 0.34 0.56 9.96
N TRP A 17 0.83 0.01 8.83
CA TRP A 17 0.03 -0.70 7.82
C TRP A 17 0.13 -2.22 8.04
N THR A 18 -1.02 -2.92 7.99
CA THR A 18 -1.06 -4.40 8.11
C THR A 18 -1.12 -5.03 6.70
N ARG A 19 -0.69 -6.30 6.57
CA ARG A 19 -0.56 -6.99 5.27
C ARG A 19 -1.89 -7.09 4.49
N ASN A 20 -3.02 -6.96 5.21
CA ASN A 20 -4.35 -6.96 4.59
C ASN A 20 -4.62 -5.61 3.87
N ASP A 21 -4.35 -4.51 4.58
CA ASP A 21 -4.56 -3.12 4.09
C ASP A 21 -3.82 -2.81 2.77
N ASP A 22 -2.49 -2.96 2.76
CA ASP A 22 -1.63 -2.65 1.58
C ASP A 22 -1.97 -3.58 0.38
N ARG A 23 -2.38 -4.82 0.67
CA ARG A 23 -2.84 -5.80 -0.35
C ARG A 23 -4.15 -5.32 -1.05
N VAL A 24 -5.03 -4.65 -0.27
CA VAL A 24 -6.27 -4.03 -0.80
C VAL A 24 -5.94 -2.77 -1.66
N ILE A 25 -4.88 -2.02 -1.31
CA ILE A 25 -4.37 -0.90 -2.15
C ILE A 25 -3.98 -1.41 -3.57
N LEU A 26 -3.24 -2.54 -3.60
CA LEU A 26 -2.84 -3.22 -4.85
C LEU A 26 -4.07 -3.70 -5.68
N LEU A 27 -5.11 -4.18 -4.98
CA LEU A 27 -6.35 -4.70 -5.60
C LEU A 27 -7.18 -3.56 -6.25
N GLU A 28 -7.37 -2.46 -5.50
CA GLU A 28 -8.15 -1.28 -5.97
C GLU A 28 -7.35 -0.43 -6.99
N CYS A 29 -6.02 -0.52 -6.95
CA CYS A 29 -5.12 0.09 -7.97
C CYS A 29 -5.33 -0.55 -9.35
N GLN A 30 -5.70 -1.84 -9.36
CA GLN A 30 -6.02 -2.59 -10.60
C GLN A 30 -7.52 -2.46 -10.98
N LYS A 31 -8.39 -2.32 -9.95
CA LYS A 31 -9.85 -2.19 -10.15
C LYS A 31 -10.24 -0.74 -10.58
N ARG A 32 -10.11 0.21 -9.63
CA ARG A 32 -10.40 1.65 -9.88
C ARG A 32 -9.33 2.32 -10.79
N GLY A 33 -8.09 1.79 -10.76
CA GLY A 33 -6.96 2.39 -11.51
C GLY A 33 -6.12 3.34 -10.65
N PRO A 34 -4.90 3.79 -11.11
CA PRO A 34 -4.09 4.79 -10.39
C PRO A 34 -4.70 6.21 -10.50
N SER A 35 -5.61 6.56 -9.56
CA SER A 35 -6.33 7.86 -9.56
C SER A 35 -6.38 8.46 -8.14
N SER A 36 -6.59 9.80 -8.08
CA SER A 36 -6.72 10.54 -6.80
C SER A 36 -7.97 10.10 -5.99
N LYS A 37 -9.08 9.83 -6.71
CA LYS A 37 -10.34 9.33 -6.12
C LYS A 37 -10.25 7.85 -5.68
N THR A 38 -9.17 7.15 -6.10
CA THR A 38 -8.89 5.76 -5.67
C THR A 38 -8.30 5.78 -4.26
N PHE A 39 -7.41 6.76 -4.01
CA PHE A 39 -6.83 7.04 -2.68
C PHE A 39 -7.92 7.52 -1.69
N ALA A 40 -8.92 8.27 -2.22
CA ALA A 40 -10.09 8.72 -1.45
C ALA A 40 -11.00 7.52 -1.05
N TYR A 41 -11.20 6.58 -1.98
CA TYR A 41 -11.92 5.31 -1.71
C TYR A 41 -11.19 4.47 -0.63
N LEU A 42 -9.87 4.28 -0.84
CA LEU A 42 -8.97 3.54 0.09
C LEU A 42 -8.84 4.22 1.47
N ALA A 43 -9.09 5.53 1.51
CA ALA A 43 -9.14 6.30 2.78
C ALA A 43 -10.31 5.84 3.67
N ALA A 44 -11.52 5.79 3.08
CA ALA A 44 -12.73 5.29 3.77
C ALA A 44 -12.73 3.74 3.94
N LYS A 45 -12.04 3.05 3.02
CA LYS A 45 -11.97 1.56 2.95
C LYS A 45 -11.11 0.99 4.11
N LEU A 46 -9.93 1.58 4.30
CA LEU A 46 -8.90 1.09 5.26
C LEU A 46 -8.78 1.98 6.52
N ASP A 47 -9.60 3.07 6.59
CA ASP A 47 -9.58 4.08 7.70
C ASP A 47 -8.22 4.82 7.78
N LYS A 48 -7.57 5.02 6.62
CA LYS A 48 -6.25 5.70 6.51
C LYS A 48 -6.35 6.86 5.51
N ASN A 49 -6.15 8.12 5.96
CA ASN A 49 -6.21 9.34 5.09
C ASN A 49 -5.38 9.19 3.77
N PRO A 50 -5.81 9.85 2.62
CA PRO A 50 -5.25 9.57 1.25
C PRO A 50 -3.70 9.69 1.14
N ASN A 51 -3.09 10.59 1.95
CA ASN A 51 -1.62 10.80 1.97
C ASN A 51 -0.87 9.53 2.46
N GLN A 52 -1.47 8.85 3.47
CA GLN A 52 -0.94 7.59 4.05
C GLN A 52 -0.91 6.47 2.97
N VAL A 53 -2.00 6.43 2.20
CA VAL A 53 -2.23 5.42 1.14
C VAL A 53 -1.25 5.62 -0.06
N SER A 54 -1.07 6.89 -0.46
CA SER A 54 -0.23 7.29 -1.62
C SER A 54 1.27 6.93 -1.43
N GLU A 55 1.77 7.06 -0.18
CA GLU A 55 3.16 6.66 0.18
C GLU A 55 3.36 5.14 -0.01
N ARG A 56 2.40 4.35 0.51
CA ARG A 56 2.42 2.88 0.39
C ARG A 56 2.14 2.40 -1.04
N PHE A 57 1.39 3.18 -1.83
CA PHE A 57 1.15 2.87 -3.27
C PHE A 57 2.49 2.73 -4.04
N GLN A 58 3.31 3.78 -3.96
CA GLN A 58 4.62 3.86 -4.64
C GLN A 58 5.66 2.90 -3.99
N GLN A 59 5.45 2.62 -2.70
CA GLN A 59 6.30 1.72 -1.87
C GLN A 59 6.07 0.24 -2.31
N LEU A 60 4.80 -0.08 -2.60
CA LEU A 60 4.36 -1.41 -3.09
C LEU A 60 4.77 -1.65 -4.55
N MET A 61 4.70 -0.59 -5.38
CA MET A 61 5.15 -0.63 -6.79
C MET A 61 6.68 -0.87 -6.89
N LYS A 62 7.40 -0.43 -5.85
CA LYS A 62 8.85 -0.66 -5.71
C LYS A 62 9.14 -2.14 -5.35
N LEU A 63 8.32 -2.72 -4.43
CA LEU A 63 8.36 -4.17 -4.08
C LEU A 63 7.97 -5.05 -5.29
N PHE A 64 7.07 -4.51 -6.13
CA PHE A 64 6.56 -5.18 -7.35
C PHE A 64 7.71 -5.44 -8.36
N GLU A 65 8.70 -4.51 -8.38
CA GLU A 65 9.97 -4.69 -9.10
C GLU A 65 10.85 -5.74 -8.36
N LYS A 66 11.15 -5.44 -7.07
CA LYS A 66 11.98 -6.30 -6.18
C LYS A 66 12.06 -5.64 -4.77
N SER A 67 12.19 -6.46 -3.70
CA SER A 67 12.27 -5.95 -2.30
C SER A 67 13.61 -5.21 -2.02
N LYS A 68 14.74 -5.93 -2.22
CA LYS A 68 16.13 -5.39 -2.08
C LYS A 68 16.47 -4.88 -0.65
N CYS A 69 17.46 -5.51 -0.01
CA CYS A 69 18.04 -5.01 1.27
C CYS A 69 19.31 -4.18 0.95
N ARG A 70 19.10 -3.09 0.17
CA ARG A 70 20.17 -2.29 -0.46
C ARG A 70 21.11 -3.17 -1.36
N SER A 1 -9.63 35.63 10.26
CA SER A 1 -9.23 35.35 11.66
C SER A 1 -7.71 35.08 11.75
N HIS A 2 -6.92 36.16 11.97
CA HIS A 2 -5.44 36.11 12.09
C HIS A 2 -4.78 35.58 10.77
N MET A 3 -4.64 34.24 10.64
CA MET A 3 -4.24 33.54 9.39
C MET A 3 -4.27 32.00 9.61
N LYS A 4 -3.36 31.50 10.48
CA LYS A 4 -3.20 30.05 10.81
C LYS A 4 -2.72 29.21 9.59
N ASN A 5 -1.44 28.82 9.59
CA ASN A 5 -0.87 27.92 8.54
C ASN A 5 -0.87 26.47 9.07
N VAL A 6 -0.02 26.25 10.10
CA VAL A 6 0.25 24.91 10.69
C VAL A 6 0.76 23.90 9.63
N ILE A 7 2.10 23.88 9.42
CA ILE A 7 2.75 22.90 8.53
C ILE A 7 2.83 21.53 9.25
N LYS A 8 2.37 20.46 8.58
CA LYS A 8 2.42 19.09 9.11
C LYS A 8 3.81 18.45 8.90
N LYS A 9 4.38 17.84 9.96
CA LYS A 9 5.68 17.13 9.89
C LYS A 9 5.45 15.62 9.62
N LYS A 10 5.56 15.19 8.35
CA LYS A 10 5.42 13.77 7.96
C LYS A 10 6.79 13.06 8.00
N GLY A 11 7.10 12.44 9.16
CA GLY A 11 8.32 11.62 9.31
C GLY A 11 8.13 10.20 8.76
N GLU A 12 8.49 9.17 9.55
CA GLU A 12 8.20 7.76 9.22
C GLU A 12 6.70 7.46 9.43
N ILE A 13 6.10 6.65 8.53
CA ILE A 13 4.68 6.24 8.66
C ILE A 13 4.44 5.38 9.93
N ILE A 14 4.06 6.09 11.03
CA ILE A 14 3.65 5.48 12.33
C ILE A 14 2.33 4.67 12.19
N ILE A 15 1.67 4.85 11.04
CA ILE A 15 0.45 4.13 10.65
C ILE A 15 0.71 2.61 10.61
N LEU A 16 -0.15 1.84 11.29
CA LEU A 16 -0.10 0.36 11.28
C LEU A 16 -0.60 -0.18 9.92
N TRP A 17 0.35 -0.29 8.98
CA TRP A 17 0.12 -0.88 7.66
C TRP A 17 0.15 -2.43 7.76
N THR A 18 -1.00 -3.05 7.54
CA THR A 18 -1.18 -4.52 7.69
C THR A 18 -1.20 -5.23 6.33
N ARG A 19 -1.09 -6.57 6.38
CA ARG A 19 -1.21 -7.45 5.20
C ARG A 19 -2.61 -7.36 4.54
N ASN A 20 -3.61 -6.92 5.33
CA ASN A 20 -4.98 -6.67 4.83
C ASN A 20 -5.05 -5.34 4.05
N ASP A 21 -4.43 -4.27 4.62
CA ASP A 21 -4.47 -2.91 4.03
C ASP A 21 -3.85 -2.87 2.61
N ASP A 22 -2.56 -3.27 2.52
CA ASP A 22 -1.76 -3.15 1.29
C ASP A 22 -2.30 -4.09 0.16
N ARG A 23 -2.88 -5.23 0.58
CA ARG A 23 -3.53 -6.21 -0.34
C ARG A 23 -4.72 -5.56 -1.11
N VAL A 24 -5.60 -4.89 -0.32
CA VAL A 24 -6.80 -4.20 -0.83
C VAL A 24 -6.41 -2.96 -1.66
N ILE A 25 -5.29 -2.29 -1.28
CA ILE A 25 -4.72 -1.17 -2.07
C ILE A 25 -4.44 -1.61 -3.52
N LEU A 26 -3.63 -2.68 -3.69
CA LEU A 26 -3.27 -3.23 -5.02
C LEU A 26 -4.51 -3.66 -5.84
N LEU A 27 -5.44 -4.37 -5.17
CA LEU A 27 -6.63 -4.95 -5.84
C LEU A 27 -7.59 -3.88 -6.40
N GLU A 28 -7.93 -2.89 -5.55
CA GLU A 28 -8.85 -1.79 -5.92
C GLU A 28 -8.16 -0.70 -6.79
N CYS A 29 -6.81 -0.60 -6.69
CA CYS A 29 -6.01 0.37 -7.51
C CYS A 29 -5.91 -0.08 -8.98
N GLN A 30 -5.92 -1.40 -9.21
CA GLN A 30 -5.97 -1.97 -10.58
C GLN A 30 -7.44 -2.12 -11.07
N LYS A 31 -8.39 -1.59 -10.28
CA LYS A 31 -9.85 -1.67 -10.57
C LYS A 31 -10.42 -0.29 -10.96
N ARG A 32 -10.19 0.73 -10.11
CA ARG A 32 -10.62 2.14 -10.35
C ARG A 32 -9.46 3.04 -10.87
N GLY A 33 -8.30 2.43 -11.19
CA GLY A 33 -7.11 3.20 -11.66
C GLY A 33 -6.20 3.69 -10.52
N PRO A 34 -4.90 4.03 -10.79
CA PRO A 34 -3.93 4.47 -9.75
C PRO A 34 -4.02 5.98 -9.42
N SER A 35 -5.25 6.52 -9.34
CA SER A 35 -5.51 7.97 -9.14
C SER A 35 -6.04 8.29 -7.72
N SER A 36 -6.14 9.59 -7.39
CA SER A 36 -6.63 10.09 -6.07
C SER A 36 -8.08 9.67 -5.78
N LYS A 37 -8.85 9.41 -6.86
CA LYS A 37 -10.21 8.79 -6.80
C LYS A 37 -10.23 7.52 -5.92
N THR A 38 -9.21 6.67 -6.13
CA THR A 38 -9.11 5.34 -5.51
C THR A 38 -8.39 5.43 -4.16
N PHE A 39 -7.42 6.35 -4.05
CA PHE A 39 -6.63 6.55 -2.82
C PHE A 39 -7.49 7.14 -1.66
N ALA A 40 -8.45 8.01 -1.99
CA ALA A 40 -9.43 8.56 -1.01
C ALA A 40 -10.47 7.49 -0.58
N TYR A 41 -10.85 6.64 -1.56
CA TYR A 41 -11.70 5.44 -1.35
C TYR A 41 -11.05 4.45 -0.35
N LEU A 42 -9.77 4.14 -0.60
CA LEU A 42 -8.95 3.23 0.24
C LEU A 42 -8.59 3.87 1.61
N ALA A 43 -8.56 5.21 1.66
CA ALA A 43 -8.35 5.96 2.92
C ALA A 43 -9.48 5.67 3.94
N ALA A 44 -10.73 5.92 3.53
CA ALA A 44 -11.92 5.66 4.38
C ALA A 44 -12.13 4.15 4.65
N LYS A 45 -11.69 3.29 3.70
CA LYS A 45 -11.79 1.81 3.83
C LYS A 45 -10.83 1.26 4.92
N LEU A 46 -9.57 1.73 4.89
CA LEU A 46 -8.49 1.20 5.77
C LEU A 46 -8.27 2.10 7.02
N ASP A 47 -9.07 3.19 7.14
CA ASP A 47 -9.00 4.19 8.26
C ASP A 47 -7.70 5.06 8.17
N LYS A 48 -7.17 5.21 6.94
CA LYS A 48 -5.94 6.01 6.66
C LYS A 48 -6.29 7.41 6.07
N ASN A 49 -5.26 8.18 5.68
CA ASN A 49 -5.40 9.41 4.86
C ASN A 49 -5.07 9.09 3.37
N PRO A 50 -5.65 9.82 2.36
CA PRO A 50 -5.44 9.51 0.91
C PRO A 50 -3.96 9.64 0.45
N ASN A 51 -3.24 10.59 1.06
CA ASN A 51 -1.79 10.82 0.80
C ASN A 51 -0.93 9.62 1.27
N GLN A 52 -1.31 9.05 2.43
CA GLN A 52 -0.59 7.89 3.03
C GLN A 52 -0.80 6.60 2.19
N VAL A 53 -2.02 6.43 1.66
CA VAL A 53 -2.37 5.32 0.74
C VAL A 53 -1.60 5.46 -0.60
N SER A 54 -1.52 6.71 -1.10
CA SER A 54 -0.75 7.05 -2.33
C SER A 54 0.74 6.70 -2.19
N GLU A 55 1.31 7.00 -1.01
CA GLU A 55 2.69 6.63 -0.66
C GLU A 55 2.87 5.11 -0.58
N ARG A 56 1.97 4.42 0.16
CA ARG A 56 2.04 2.95 0.35
C ARG A 56 2.02 2.19 -0.98
N PHE A 57 1.17 2.63 -1.92
CA PHE A 57 1.05 2.05 -3.29
C PHE A 57 2.39 2.14 -4.07
N GLN A 58 2.94 3.35 -4.17
CA GLN A 58 4.13 3.63 -5.01
C GLN A 58 5.43 3.05 -4.37
N GLN A 59 5.45 2.98 -3.03
CA GLN A 59 6.47 2.22 -2.28
C GLN A 59 6.35 0.72 -2.60
N LEU A 60 5.10 0.19 -2.57
CA LEU A 60 4.80 -1.24 -2.81
C LEU A 60 5.26 -1.71 -4.22
N MET A 61 5.09 -0.82 -5.21
CA MET A 61 5.53 -1.05 -6.60
C MET A 61 7.07 -0.97 -6.74
N LYS A 62 7.71 -0.14 -5.90
CA LYS A 62 9.19 -0.05 -5.83
C LYS A 62 9.80 -1.30 -5.13
N LEU A 63 9.05 -1.86 -4.15
CA LEU A 63 9.43 -3.10 -3.44
C LEU A 63 9.27 -4.33 -4.37
N PHE A 64 8.16 -4.32 -5.12
CA PHE A 64 7.82 -5.35 -6.13
C PHE A 64 8.78 -5.27 -7.34
N GLU A 65 9.35 -4.07 -7.57
CA GLU A 65 10.37 -3.83 -8.61
C GLU A 65 11.72 -4.48 -8.21
N LYS A 66 12.25 -4.03 -7.06
CA LYS A 66 13.55 -4.50 -6.54
C LYS A 66 13.65 -4.22 -5.02
N SER A 67 13.89 -5.31 -4.23
CA SER A 67 14.09 -5.27 -2.75
C SER A 67 12.79 -4.91 -1.98
N LYS A 68 12.21 -5.92 -1.30
CA LYS A 68 10.98 -5.74 -0.49
C LYS A 68 11.31 -5.28 0.96
N CYS A 69 10.33 -4.59 1.59
CA CYS A 69 10.50 -4.02 2.95
C CYS A 69 10.19 -5.06 4.04
N ARG A 70 11.12 -5.21 5.00
CA ARG A 70 10.94 -6.08 6.20
C ARG A 70 9.94 -5.46 7.23
N SER A 1 19.57 10.96 -10.39
CA SER A 1 19.91 9.51 -10.48
C SER A 1 18.84 8.64 -9.79
N HIS A 2 18.98 7.31 -9.90
CA HIS A 2 18.07 6.32 -9.27
C HIS A 2 18.61 5.93 -7.86
N MET A 3 18.90 6.97 -7.05
CA MET A 3 19.65 6.85 -5.78
C MET A 3 18.78 6.21 -4.65
N LYS A 4 19.15 5.00 -4.20
CA LYS A 4 18.48 4.26 -3.10
C LYS A 4 19.40 4.15 -1.86
N ASN A 5 19.27 5.10 -0.93
CA ASN A 5 20.04 5.11 0.32
C ASN A 5 19.39 4.19 1.38
N VAL A 6 20.05 3.06 1.69
CA VAL A 6 19.56 2.08 2.69
C VAL A 6 19.72 2.67 4.12
N ILE A 7 18.70 3.43 4.55
CA ILE A 7 18.69 4.16 5.83
C ILE A 7 17.91 3.36 6.92
N LYS A 8 18.66 2.75 7.85
CA LYS A 8 18.10 2.04 9.03
C LYS A 8 18.71 2.64 10.32
N LYS A 9 18.42 3.94 10.54
CA LYS A 9 18.88 4.69 11.72
C LYS A 9 17.93 4.50 12.93
N LYS A 10 16.69 4.08 12.63
CA LYS A 10 15.60 3.95 13.63
C LYS A 10 14.56 2.91 13.13
N GLY A 11 14.28 1.90 13.98
CA GLY A 11 13.30 0.85 13.66
C GLY A 11 11.85 1.31 13.75
N GLU A 12 11.40 2.05 12.72
CA GLU A 12 10.01 2.55 12.62
C GLU A 12 9.26 1.75 11.52
N ILE A 13 7.91 1.68 11.63
CA ILE A 13 7.05 0.86 10.72
C ILE A 13 6.93 1.52 9.32
N ILE A 14 6.97 2.88 9.31
CA ILE A 14 6.67 3.72 8.13
C ILE A 14 5.20 3.51 7.69
N ILE A 15 4.30 4.22 8.41
CA ILE A 15 2.82 4.14 8.24
C ILE A 15 2.28 2.72 8.59
N LEU A 16 1.63 2.60 9.77
CA LEU A 16 1.17 1.31 10.30
C LEU A 16 -0.05 0.75 9.53
N TRP A 17 0.19 -0.38 8.83
CA TRP A 17 -0.85 -1.20 8.16
C TRP A 17 -0.76 -2.66 8.61
N THR A 18 -1.74 -3.49 8.19
CA THR A 18 -1.64 -4.97 8.24
C THR A 18 -1.33 -5.49 6.83
N ARG A 19 -0.82 -6.74 6.74
CA ARG A 19 -0.53 -7.41 5.44
C ARG A 19 -1.79 -7.49 4.53
N ASN A 20 -2.96 -7.49 5.17
CA ASN A 20 -4.27 -7.56 4.50
C ASN A 20 -4.62 -6.21 3.86
N ASP A 21 -4.27 -5.09 4.53
CA ASP A 21 -4.60 -3.71 4.05
C ASP A 21 -3.84 -3.32 2.78
N ASP A 22 -2.51 -3.55 2.75
CA ASP A 22 -1.67 -3.28 1.55
C ASP A 22 -2.06 -4.21 0.37
N ARG A 23 -2.53 -5.44 0.69
CA ARG A 23 -3.17 -6.33 -0.31
C ARG A 23 -4.45 -5.69 -0.89
N VAL A 24 -5.29 -5.09 -0.01
CA VAL A 24 -6.54 -4.37 -0.42
C VAL A 24 -6.19 -3.13 -1.29
N ILE A 25 -5.07 -2.48 -1.01
CA ILE A 25 -4.56 -1.36 -1.86
C ILE A 25 -4.25 -1.86 -3.31
N LEU A 26 -3.60 -3.03 -3.43
CA LEU A 26 -3.33 -3.69 -4.73
C LEU A 26 -4.61 -4.31 -5.38
N LEU A 27 -5.58 -4.69 -4.52
CA LEU A 27 -6.87 -5.27 -4.95
C LEU A 27 -7.74 -4.20 -5.66
N GLU A 28 -7.89 -3.06 -4.98
CA GLU A 28 -8.65 -1.89 -5.48
C GLU A 28 -7.85 -1.09 -6.54
N CYS A 29 -6.52 -1.33 -6.61
CA CYS A 29 -5.67 -0.86 -7.74
C CYS A 29 -6.12 -1.45 -9.09
N GLN A 30 -6.66 -2.68 -9.06
CA GLN A 30 -7.20 -3.35 -10.27
C GLN A 30 -8.72 -3.07 -10.43
N LYS A 31 -9.36 -2.62 -9.34
CA LYS A 31 -10.77 -2.18 -9.33
C LYS A 31 -10.91 -0.77 -9.98
N ARG A 32 -9.88 0.09 -9.79
CA ARG A 32 -9.80 1.43 -10.44
C ARG A 32 -8.45 1.58 -11.20
N GLY A 33 -7.34 1.75 -10.44
CA GLY A 33 -6.01 2.08 -11.00
C GLY A 33 -5.18 2.91 -10.00
N PRO A 34 -3.84 3.09 -10.22
CA PRO A 34 -3.01 4.01 -9.36
C PRO A 34 -3.32 5.52 -9.63
N SER A 35 -4.48 5.97 -9.13
CA SER A 35 -5.04 7.32 -9.39
C SER A 35 -5.30 8.11 -8.08
N SER A 36 -5.48 9.44 -8.21
CA SER A 36 -5.75 10.36 -7.07
C SER A 36 -7.08 10.02 -6.36
N LYS A 37 -8.10 9.70 -7.18
CA LYS A 37 -9.43 9.24 -6.68
C LYS A 37 -9.36 7.90 -5.94
N THR A 38 -8.35 7.07 -6.28
CA THR A 38 -8.19 5.70 -5.72
C THR A 38 -7.45 5.78 -4.37
N PHE A 39 -6.54 6.76 -4.23
CA PHE A 39 -5.90 7.10 -2.94
C PHE A 39 -6.97 7.54 -1.90
N ALA A 40 -7.96 8.33 -2.40
CA ALA A 40 -9.11 8.82 -1.58
C ALA A 40 -10.15 7.70 -1.33
N TYR A 41 -10.32 6.80 -2.31
CA TYR A 41 -11.23 5.62 -2.22
C TYR A 41 -10.74 4.63 -1.13
N LEU A 42 -9.44 4.34 -1.16
CA LEU A 42 -8.74 3.50 -0.15
C LEU A 42 -8.56 4.23 1.20
N ALA A 43 -8.53 5.57 1.19
CA ALA A 43 -8.56 6.40 2.42
C ALA A 43 -9.91 6.22 3.17
N ALA A 44 -11.01 6.21 2.39
CA ALA A 44 -12.38 5.98 2.90
C ALA A 44 -12.60 4.50 3.33
N LYS A 45 -12.00 3.57 2.57
CA LYS A 45 -12.19 2.12 2.74
C LYS A 45 -11.37 1.57 3.95
N LEU A 46 -10.14 2.05 4.11
CA LEU A 46 -9.20 1.57 5.16
C LEU A 46 -9.16 2.53 6.38
N ASP A 47 -9.93 3.65 6.29
CA ASP A 47 -10.05 4.70 7.34
C ASP A 47 -8.67 5.29 7.76
N LYS A 48 -8.04 5.98 6.79
CA LYS A 48 -6.79 6.77 6.98
C LYS A 48 -6.86 8.07 6.14
N ASN A 49 -5.84 8.94 6.27
CA ASN A 49 -5.66 10.09 5.36
C ASN A 49 -5.10 9.60 3.99
N PRO A 50 -5.44 10.31 2.84
CA PRO A 50 -4.99 9.90 1.47
C PRO A 50 -3.46 9.74 1.33
N ASN A 51 -2.68 10.51 2.12
CA ASN A 51 -1.19 10.42 2.15
C ASN A 51 -0.72 9.05 2.70
N GLN A 52 -1.40 8.55 3.76
CA GLN A 52 -1.03 7.28 4.45
C GLN A 52 -1.20 6.07 3.50
N VAL A 53 -2.24 6.13 2.66
CA VAL A 53 -2.48 5.16 1.59
C VAL A 53 -1.47 5.35 0.43
N SER A 54 -1.35 6.61 -0.04
CA SER A 54 -0.60 6.99 -1.28
C SER A 54 0.89 6.60 -1.22
N GLU A 55 1.56 6.98 -0.12
CA GLU A 55 2.98 6.65 0.12
C GLU A 55 3.24 5.12 0.08
N ARG A 56 2.38 4.37 0.77
CA ARG A 56 2.47 2.89 0.87
C ARG A 56 2.07 2.19 -0.45
N PHE A 57 1.20 2.83 -1.24
CA PHE A 57 0.82 2.36 -2.59
C PHE A 57 2.05 2.48 -3.52
N GLN A 58 2.78 3.61 -3.37
CA GLN A 58 4.03 3.87 -4.10
C GLN A 58 5.18 2.93 -3.63
N GLN A 59 5.15 2.49 -2.34
CA GLN A 59 6.13 1.52 -1.80
C GLN A 59 5.94 0.14 -2.48
N LEU A 60 4.66 -0.24 -2.64
CA LEU A 60 4.25 -1.45 -3.37
C LEU A 60 4.74 -1.41 -4.85
N MET A 61 4.59 -0.24 -5.50
CA MET A 61 5.06 -0.01 -6.89
C MET A 61 6.61 -0.07 -6.99
N LYS A 62 7.32 0.32 -5.90
CA LYS A 62 8.79 0.18 -5.80
C LYS A 62 9.22 -1.30 -5.68
N LEU A 63 8.36 -2.12 -5.03
CA LEU A 63 8.56 -3.59 -4.95
C LEU A 63 8.43 -4.26 -6.34
N PHE A 64 7.45 -3.80 -7.15
CA PHE A 64 7.27 -4.25 -8.56
C PHE A 64 8.38 -3.69 -9.50
N GLU A 65 8.88 -2.48 -9.17
CA GLU A 65 9.92 -1.78 -9.96
C GLU A 65 11.22 -2.61 -10.02
N LYS A 66 11.79 -2.92 -8.84
CA LYS A 66 13.04 -3.72 -8.74
C LYS A 66 12.73 -5.23 -8.93
N SER A 67 11.64 -5.71 -8.27
CA SER A 67 11.21 -7.14 -8.27
C SER A 67 12.26 -8.06 -7.56
N LYS A 68 13.03 -7.47 -6.61
CA LYS A 68 14.02 -8.22 -5.79
C LYS A 68 13.27 -9.08 -4.73
N CYS A 69 12.95 -10.34 -5.11
CA CYS A 69 12.25 -11.28 -4.22
C CYS A 69 13.28 -12.05 -3.35
N ARG A 70 13.60 -11.44 -2.19
CA ARG A 70 14.58 -11.97 -1.21
C ARG A 70 14.18 -13.39 -0.64
N SER A 1 2.37 -17.12 11.68
CA SER A 1 1.46 -17.34 12.84
C SER A 1 1.62 -16.20 13.89
N HIS A 2 0.51 -15.84 14.57
CA HIS A 2 0.53 -14.82 15.64
C HIS A 2 1.25 -15.34 16.91
N MET A 3 2.44 -14.74 17.21
CA MET A 3 3.23 -15.05 18.42
C MET A 3 4.27 -13.93 18.65
N LYS A 4 5.23 -13.80 17.70
CA LYS A 4 6.28 -12.73 17.69
C LYS A 4 7.20 -12.79 18.94
N ASN A 5 8.39 -13.39 18.78
CA ASN A 5 9.44 -13.40 19.84
C ASN A 5 10.05 -11.99 20.00
N VAL A 6 10.10 -11.23 18.88
CA VAL A 6 10.56 -9.82 18.83
C VAL A 6 12.02 -9.62 19.30
N ILE A 7 12.95 -9.54 18.32
CA ILE A 7 14.33 -9.08 18.58
C ILE A 7 14.32 -7.55 18.89
N LYS A 8 13.69 -6.75 17.99
CA LYS A 8 13.51 -5.28 18.13
C LYS A 8 12.13 -4.88 17.53
N LYS A 9 11.60 -3.69 17.89
CA LYS A 9 10.22 -3.28 17.48
C LYS A 9 10.01 -1.75 17.57
N LYS A 10 10.55 -1.14 18.65
CA LYS A 10 10.33 0.29 19.00
C LYS A 10 10.87 1.28 17.93
N GLY A 11 10.21 2.45 17.83
CA GLY A 11 10.50 3.45 16.80
C GLY A 11 9.23 4.07 16.20
N GLU A 12 9.41 5.07 15.31
CA GLU A 12 8.28 5.74 14.63
C GLU A 12 7.95 5.03 13.29
N ILE A 13 6.99 4.10 13.34
CA ILE A 13 6.41 3.45 12.14
C ILE A 13 5.42 4.44 11.50
N ILE A 14 5.58 4.69 10.19
CA ILE A 14 4.70 5.60 9.43
C ILE A 14 3.39 4.86 9.11
N ILE A 15 2.45 4.90 10.08
CA ILE A 15 1.08 4.34 9.99
C ILE A 15 1.05 2.78 10.05
N LEU A 16 0.01 2.22 10.71
CA LEU A 16 -0.17 0.77 10.91
C LEU A 16 -0.57 0.09 9.55
N TRP A 17 0.44 -0.23 8.74
CA TRP A 17 0.25 -0.90 7.42
C TRP A 17 0.47 -2.42 7.52
N THR A 18 -0.61 -3.18 7.28
CA THR A 18 -0.59 -4.66 7.26
C THR A 18 -0.70 -5.20 5.83
N ARG A 19 -0.40 -6.50 5.68
CA ARG A 19 -0.57 -7.26 4.41
C ARG A 19 -2.04 -7.24 3.90
N ASN A 20 -2.98 -6.97 4.82
CA ASN A 20 -4.41 -6.79 4.51
C ASN A 20 -4.66 -5.39 3.88
N ASP A 21 -4.08 -4.34 4.49
CA ASP A 21 -4.19 -2.94 3.99
C ASP A 21 -3.65 -2.79 2.55
N ASP A 22 -2.37 -3.17 2.36
CA ASP A 22 -1.67 -2.99 1.07
C ASP A 22 -2.27 -3.83 -0.08
N ARG A 23 -2.81 -5.02 0.27
CA ARG A 23 -3.51 -5.90 -0.70
C ARG A 23 -4.76 -5.21 -1.29
N VAL A 24 -5.52 -4.50 -0.42
CA VAL A 24 -6.73 -3.75 -0.81
C VAL A 24 -6.36 -2.47 -1.62
N ILE A 25 -5.19 -1.84 -1.29
CA ILE A 25 -4.65 -0.71 -2.09
C ILE A 25 -4.43 -1.15 -3.57
N LEU A 26 -3.63 -2.21 -3.75
CA LEU A 26 -3.33 -2.79 -5.08
C LEU A 26 -4.61 -3.33 -5.78
N LEU A 27 -5.55 -3.84 -4.98
CA LEU A 27 -6.84 -4.38 -5.46
C LEU A 27 -7.68 -3.30 -6.18
N GLU A 28 -7.92 -2.18 -5.49
CA GLU A 28 -8.74 -1.06 -6.01
C GLU A 28 -7.99 -0.22 -7.06
N CYS A 29 -6.66 -0.26 -7.02
CA CYS A 29 -5.81 0.36 -8.08
C CYS A 29 -5.90 -0.42 -9.42
N GLN A 30 -6.15 -1.75 -9.33
CA GLN A 30 -6.41 -2.61 -10.52
C GLN A 30 -7.93 -2.72 -10.84
N LYS A 31 -8.79 -2.41 -9.84
CA LYS A 31 -10.26 -2.46 -9.98
C LYS A 31 -10.79 -1.17 -10.67
N ARG A 32 -10.66 -0.03 -9.97
CA ARG A 32 -11.12 1.28 -10.44
C ARG A 32 -10.01 2.06 -11.18
N GLY A 33 -8.77 1.98 -10.67
CA GLY A 33 -7.61 2.69 -11.24
C GLY A 33 -6.70 3.32 -10.17
N PRO A 34 -5.44 3.70 -10.49
CA PRO A 34 -4.49 4.32 -9.51
C PRO A 34 -4.69 5.86 -9.32
N SER A 35 -5.96 6.31 -9.37
CA SER A 35 -6.31 7.76 -9.26
C SER A 35 -6.33 8.23 -7.79
N SER A 36 -6.25 9.57 -7.58
CA SER A 36 -6.37 10.18 -6.23
C SER A 36 -7.80 10.01 -5.64
N LYS A 37 -8.78 9.82 -6.54
CA LYS A 37 -10.18 9.50 -6.16
C LYS A 37 -10.30 8.08 -5.57
N THR A 38 -9.45 7.16 -6.06
CA THR A 38 -9.41 5.76 -5.59
C THR A 38 -8.65 5.70 -4.24
N PHE A 39 -7.59 6.53 -4.10
CA PHE A 39 -6.86 6.72 -2.84
C PHE A 39 -7.76 7.36 -1.75
N ALA A 40 -8.70 8.22 -2.19
CA ALA A 40 -9.74 8.82 -1.31
C ALA A 40 -10.73 7.74 -0.79
N TYR A 41 -11.08 6.79 -1.67
CA TYR A 41 -11.88 5.60 -1.30
C TYR A 41 -11.11 4.71 -0.28
N LEU A 42 -9.83 4.42 -0.61
CA LEU A 42 -8.92 3.58 0.20
C LEU A 42 -8.60 4.20 1.59
N ALA A 43 -8.74 5.54 1.70
CA ALA A 43 -8.68 6.25 2.99
C ALA A 43 -9.82 5.78 3.94
N ALA A 44 -11.06 5.87 3.45
CA ALA A 44 -12.28 5.45 4.19
C ALA A 44 -12.40 3.90 4.31
N LYS A 45 -11.84 3.19 3.31
CA LYS A 45 -11.89 1.72 3.21
C LYS A 45 -10.94 1.04 4.21
N LEU A 46 -9.75 1.64 4.38
CA LEU A 46 -8.67 1.10 5.26
C LEU A 46 -8.52 1.91 6.57
N ASP A 47 -9.49 2.79 6.87
CA ASP A 47 -9.49 3.74 8.03
C ASP A 47 -8.19 4.61 8.13
N LYS A 48 -7.49 4.81 6.98
CA LYS A 48 -6.22 5.59 6.91
C LYS A 48 -6.42 6.97 6.24
N ASN A 49 -5.33 7.73 6.02
CA ASN A 49 -5.35 9.02 5.27
C ASN A 49 -4.96 8.78 3.78
N PRO A 50 -5.58 9.52 2.79
CA PRO A 50 -5.38 9.24 1.34
C PRO A 50 -3.93 9.52 0.84
N ASN A 51 -3.23 10.45 1.52
CA ASN A 51 -1.83 10.81 1.22
C ASN A 51 -0.85 9.67 1.62
N GLN A 52 -1.12 9.03 2.75
CA GLN A 52 -0.33 7.87 3.24
C GLN A 52 -0.59 6.63 2.36
N VAL A 53 -1.83 6.49 1.88
CA VAL A 53 -2.23 5.41 0.93
C VAL A 53 -1.45 5.55 -0.41
N SER A 54 -1.41 6.78 -0.97
CA SER A 54 -0.76 7.07 -2.28
C SER A 54 0.77 6.85 -2.23
N GLU A 55 1.41 7.29 -1.14
CA GLU A 55 2.87 7.08 -0.92
C GLU A 55 3.22 5.58 -0.78
N ARG A 56 2.46 4.86 0.07
CA ARG A 56 2.71 3.42 0.37
C ARG A 56 2.35 2.53 -0.85
N PHE A 57 1.46 3.02 -1.73
CA PHE A 57 1.14 2.40 -3.04
C PHE A 57 2.40 2.33 -3.95
N GLN A 58 3.09 3.47 -4.07
CA GLN A 58 4.30 3.59 -4.91
C GLN A 58 5.51 2.88 -4.25
N GLN A 59 5.46 2.75 -2.91
CA GLN A 59 6.43 1.94 -2.13
C GLN A 59 6.21 0.43 -2.35
N LEU A 60 4.95 0.03 -2.56
CA LEU A 60 4.58 -1.35 -2.93
C LEU A 60 5.27 -1.78 -4.25
N MET A 61 5.06 -0.99 -5.32
CA MET A 61 5.67 -1.24 -6.64
C MET A 61 7.23 -1.16 -6.60
N LYS A 62 7.73 -0.30 -5.70
CA LYS A 62 9.18 -0.17 -5.43
C LYS A 62 9.77 -1.49 -4.84
N LEU A 63 9.07 -2.06 -3.84
CA LEU A 63 9.49 -3.30 -3.14
C LEU A 63 9.33 -4.55 -4.03
N PHE A 64 8.20 -4.62 -4.78
CA PHE A 64 7.89 -5.76 -5.68
C PHE A 64 8.85 -5.85 -6.89
N GLU A 65 9.58 -4.76 -7.17
CA GLU A 65 10.68 -4.77 -8.16
C GLU A 65 11.86 -5.67 -7.68
N LYS A 66 12.10 -5.71 -6.34
CA LYS A 66 13.16 -6.56 -5.73
C LYS A 66 12.60 -7.69 -4.83
N SER A 67 11.25 -7.90 -4.84
CA SER A 67 10.62 -9.01 -4.09
C SER A 67 10.85 -10.36 -4.81
N LYS A 68 11.34 -11.35 -4.05
CA LYS A 68 11.61 -12.70 -4.56
C LYS A 68 10.29 -13.49 -4.77
N CYS A 69 9.88 -13.63 -6.04
CA CYS A 69 8.59 -14.28 -6.43
C CYS A 69 8.66 -15.84 -6.39
N ARG A 70 9.68 -16.39 -5.72
CA ARG A 70 9.84 -17.85 -5.53
C ARG A 70 10.62 -18.10 -4.19
#